data_9VIM
#
_entry.id   9VIM
#
_cell.length_a   1.00
_cell.length_b   1.00
_cell.length_c   1.00
_cell.angle_alpha   90.00
_cell.angle_beta   90.00
_cell.angle_gamma   90.00
#
_symmetry.space_group_name_H-M   'P 1'
#
loop_
_entity.id
_entity.type
_entity.pdbx_description
1 polymer 'Urea-proton symporter DUR3'
2 non-polymer UREA
#
_entity_poly.entity_id   1
_entity_poly.type   'polypeptide(L)'
_entity_poly.pdbx_seq_one_letter_code
;MAAGGAGACPPPGLGFGGEYYSVVDGACSRDGSFFGGKPVLAQAVGYAVVLGFGAFFALFTSFLVWLEKRYVGSQHTSEW
FNTAGRSVKTGLIASVIVSQWTWAATILQSSNVAWQYGVSGPFWYASGATIQVLLFGVMAIEIKRKAPKAHTVCEIVRAR
WGRAAHAVFLAFCLATNVIVTAMLLLGGSAVVNALTAINVYAASFLIPLGVVVYTLAGGLKATFLASYIHSVVVHVVLVV
FVFLVYTSGNRLGSPRVVHDHLTAVASAVRNCSAPLSHPDQACGPVHGNFKGSYLTMLSSGGLVFGIINIVGNFGTVFVD
NGYWMSAIAARPSSTHKGYLLGGLVWFAVPFSLATSLGLGALALDLPITAAEAAKGLVPAATATALMGKSGSVLLLIMLF
MAVTSAGSAELVAVSSLCTYDIYRTYINPDATGEQILRVSRATVLVFGCLMGVLAVILNLVGVSLGWLYLAMGVIIGSAV
IPIALLLLWRKANALGAILGAVSGCVLGVTVWLSVAKVQYGRVDLDSTGRNAPMLAGNLVSILVGGAVHAACSLAWPQHY
DWESSRQITTVESVPADSDLAEELKEERLVHAKRWIIKWGVAFTAVIAVVWPVLSLPAGRYSAGYFTMWAVIAIAWGTVG
SAVIIFLPLVESWDTICKVCEGMFTNNAVYERLDEMNLRLKAIMGDMPEAEERYQEMQKEKDLGTMEMVHPASGTRPSIV
ANDDEDNLSLAVDELTSRGRDYKDDDDKWSHPQFEKGGGGSGGSAWSHPQFEK
;
_entity_poly.pdbx_strand_id   A,B,C,D
#
loop_
_chem_comp.id
_chem_comp.type
_chem_comp.name
_chem_comp.formula
URE non-polymer UREA 'C H4 N2 O'
#
# COMPACT_ATOMS: atom_id res chain seq x y z
N ALA A 8 32.22 -19.50 -35.03
CA ALA A 8 30.89 -19.91 -34.62
C ALA A 8 30.96 -21.13 -33.70
N CYS A 9 30.98 -20.89 -32.39
CA CYS A 9 31.05 -21.99 -31.43
C CYS A 9 29.86 -22.94 -31.51
N PRO A 10 28.61 -22.48 -31.53
CA PRO A 10 27.48 -23.42 -31.65
C PRO A 10 27.57 -24.21 -32.95
N PRO A 11 27.75 -25.52 -32.85
CA PRO A 11 27.90 -26.33 -34.06
C PRO A 11 26.59 -26.42 -34.82
N PRO A 12 26.64 -26.75 -36.11
CA PRO A 12 25.41 -26.82 -36.90
C PRO A 12 24.46 -27.86 -36.33
N GLY A 13 23.17 -27.59 -36.44
CA GLY A 13 22.15 -28.45 -35.86
C GLY A 13 21.87 -28.22 -34.40
N LEU A 14 22.51 -27.22 -33.78
CA LEU A 14 22.29 -26.92 -32.36
C LEU A 14 22.46 -25.41 -32.18
N GLY A 15 21.33 -24.70 -32.20
CA GLY A 15 21.33 -23.28 -31.93
C GLY A 15 20.52 -22.95 -30.70
N PHE A 16 20.19 -23.96 -29.91
CA PHE A 16 19.33 -23.79 -28.76
C PHE A 16 20.11 -23.18 -27.59
N GLY A 17 21.14 -23.88 -27.14
CA GLY A 17 21.93 -23.42 -26.01
C GLY A 17 23.25 -22.81 -26.44
N GLY A 18 23.36 -21.50 -26.36
CA GLY A 18 24.58 -20.81 -26.69
C GLY A 18 25.21 -20.17 -25.47
N GLU A 19 24.39 -19.91 -24.46
CA GLU A 19 24.87 -19.28 -23.24
C GLU A 19 25.76 -20.20 -22.42
N TYR A 20 25.76 -21.50 -22.71
CA TYR A 20 26.56 -22.47 -21.98
C TYR A 20 27.77 -22.95 -22.76
N TYR A 21 28.06 -22.35 -23.91
CA TYR A 21 29.23 -22.67 -24.70
C TYR A 21 30.18 -21.49 -24.66
N SER A 22 31.32 -21.66 -23.98
CA SER A 22 32.34 -20.64 -23.90
C SER A 22 33.60 -21.10 -24.63
N VAL A 23 34.30 -20.15 -25.23
CA VAL A 23 35.46 -20.47 -26.07
C VAL A 23 36.74 -20.17 -25.29
N VAL A 24 37.58 -21.19 -25.13
CA VAL A 24 38.90 -21.04 -24.55
C VAL A 24 39.88 -21.87 -25.38
N ASP A 25 40.95 -21.24 -25.84
CA ASP A 25 42.04 -21.91 -26.57
C ASP A 25 41.52 -22.73 -27.75
N GLY A 26 40.38 -22.32 -28.31
CA GLY A 26 39.80 -23.00 -29.44
C GLY A 26 38.88 -24.15 -29.03
N ALA A 27 38.04 -24.55 -29.99
CA ALA A 27 37.12 -25.68 -29.89
C ALA A 27 35.98 -25.42 -28.91
N CYS A 28 36.05 -24.29 -28.19
CA CYS A 28 34.98 -23.80 -27.31
C CYS A 28 34.36 -24.92 -26.48
N SER A 29 35.18 -25.40 -25.53
CA SER A 29 34.78 -26.52 -24.69
C SER A 29 33.48 -26.25 -23.95
N ARG A 30 32.65 -27.29 -23.86
CA ARG A 30 31.36 -27.20 -23.19
C ARG A 30 31.55 -27.01 -21.68
N ASP A 31 30.60 -26.33 -21.06
CA ASP A 31 30.68 -26.04 -19.64
C ASP A 31 30.71 -27.32 -18.82
N GLY A 32 31.50 -27.29 -17.73
CA GLY A 32 31.70 -28.48 -16.93
C GLY A 32 30.54 -28.85 -16.02
N SER A 33 29.67 -27.90 -15.71
CA SER A 33 28.54 -28.15 -14.81
C SER A 33 27.56 -27.00 -14.98
N PHE A 34 26.58 -26.93 -14.07
CA PHE A 34 25.57 -25.88 -14.09
C PHE A 34 25.61 -25.01 -12.86
N PHE A 35 25.70 -25.61 -11.67
CA PHE A 35 25.62 -24.88 -10.41
C PHE A 35 26.99 -24.65 -9.78
N GLY A 36 28.07 -24.92 -10.50
CA GLY A 36 29.39 -24.63 -10.00
C GLY A 36 29.79 -23.18 -10.08
N GLY A 37 28.95 -22.34 -10.67
CA GLY A 37 29.22 -20.92 -10.80
C GLY A 37 28.70 -20.11 -9.63
N LYS A 38 28.41 -18.85 -9.89
CA LYS A 38 27.94 -17.97 -8.84
C LYS A 38 26.51 -18.32 -8.43
N PRO A 39 26.14 -18.05 -7.18
CA PRO A 39 24.77 -18.32 -6.74
C PRO A 39 23.77 -17.48 -7.52
N VAL A 40 22.56 -18.02 -7.67
CA VAL A 40 21.51 -17.30 -8.40
C VAL A 40 20.79 -16.32 -7.49
N LEU A 41 20.33 -16.79 -6.33
CA LEU A 41 19.59 -15.95 -5.39
C LEU A 41 20.48 -15.53 -4.23
N ALA A 42 19.98 -14.58 -3.44
CA ALA A 42 20.71 -14.09 -2.29
C ALA A 42 20.72 -15.14 -1.18
N GLN A 43 21.74 -15.07 -0.33
CA GLN A 43 21.85 -16.00 0.79
C GLN A 43 20.85 -15.69 1.89
N ALA A 44 20.26 -14.49 1.89
CA ALA A 44 19.34 -14.12 2.96
C ALA A 44 18.03 -14.88 2.87
N VAL A 45 17.50 -15.06 1.65
CA VAL A 45 16.21 -15.71 1.48
C VAL A 45 16.29 -17.18 1.91
N GLY A 46 17.42 -17.82 1.68
CA GLY A 46 17.57 -19.20 2.11
C GLY A 46 17.44 -19.38 3.60
N TYR A 47 17.99 -18.46 4.39
CA TYR A 47 17.85 -18.51 5.83
C TYR A 47 16.39 -18.34 6.28
N ALA A 48 15.65 -17.47 5.61
CA ALA A 48 14.23 -17.34 5.91
C ALA A 48 13.44 -18.58 5.55
N VAL A 49 13.75 -19.22 4.43
CA VAL A 49 13.01 -20.40 4.02
C VAL A 49 13.33 -21.58 4.93
N VAL A 50 14.59 -21.76 5.31
CA VAL A 50 14.97 -22.90 6.13
C VAL A 50 14.36 -22.79 7.52
N LEU A 51 14.44 -21.61 8.14
CA LEU A 51 13.99 -21.46 9.53
C LEU A 51 12.56 -20.95 9.62
N GLY A 52 12.24 -19.88 8.90
CA GLY A 52 10.94 -19.24 9.04
C GLY A 52 9.88 -19.70 8.07
N PHE A 53 9.75 -21.01 7.86
CA PHE A 53 8.69 -21.56 7.03
C PHE A 53 7.76 -22.47 7.82
N GLY A 54 8.30 -23.41 8.59
CA GLY A 54 7.45 -24.23 9.42
C GLY A 54 6.72 -23.42 10.47
N ALA A 55 7.41 -22.46 11.09
CA ALA A 55 6.77 -21.59 12.06
C ALA A 55 5.71 -20.72 11.40
N PHE A 56 6.01 -20.19 10.21
CA PHE A 56 5.05 -19.31 9.53
C PHE A 56 3.80 -20.05 9.11
N PHE A 57 3.92 -21.35 8.82
CA PHE A 57 2.78 -22.13 8.41
C PHE A 57 2.00 -22.68 9.60
N ALA A 58 2.49 -22.46 10.82
CA ALA A 58 1.83 -22.94 12.02
C ALA A 58 0.88 -21.92 12.62
N LEU A 59 1.31 -20.65 12.73
CA LEU A 59 0.44 -19.64 13.32
C LEU A 59 -0.74 -19.34 12.40
N PHE A 60 -0.54 -19.42 11.08
CA PHE A 60 -1.65 -19.24 10.15
C PHE A 60 -2.69 -20.34 10.33
N THR A 61 -2.24 -21.59 10.48
CA THR A 61 -3.15 -22.69 10.74
C THR A 61 -3.89 -22.50 12.05
N SER A 62 -3.19 -22.10 13.10
CA SER A 62 -3.86 -21.89 14.39
C SER A 62 -4.84 -20.73 14.31
N PHE A 63 -4.54 -19.71 13.51
CA PHE A 63 -5.47 -18.60 13.32
C PHE A 63 -6.76 -19.07 12.65
N LEU A 64 -6.64 -19.88 11.60
CA LEU A 64 -7.84 -20.43 10.96
C LEU A 64 -8.60 -21.34 11.92
N VAL A 65 -7.89 -22.11 12.74
CA VAL A 65 -8.55 -22.96 13.72
C VAL A 65 -9.34 -22.11 14.72
N TRP A 66 -8.73 -21.02 15.20
CA TRP A 66 -9.41 -20.14 16.13
C TRP A 66 -10.66 -19.54 15.51
N LEU A 67 -10.57 -19.11 14.24
CA LEU A 67 -11.73 -18.54 13.56
C LEU A 67 -12.85 -19.56 13.41
N GLU A 68 -12.52 -20.76 12.94
CA GLU A 68 -13.57 -21.75 12.71
C GLU A 68 -14.02 -22.47 13.97
N LYS A 69 -13.38 -22.21 15.11
CA LYS A 69 -13.89 -22.69 16.39
C LYS A 69 -14.67 -21.63 17.16
N ARG A 70 -14.37 -20.36 16.94
CA ARG A 70 -15.02 -19.29 17.70
C ARG A 70 -16.45 -19.05 17.22
N TYR A 71 -16.67 -19.08 15.91
CA TYR A 71 -17.96 -18.72 15.33
C TYR A 71 -18.85 -19.91 15.02
N VAL A 72 -18.28 -21.08 14.77
CA VAL A 72 -19.07 -22.27 14.45
C VAL A 72 -19.32 -23.12 15.69
N GLY A 73 -18.28 -23.40 16.46
CA GLY A 73 -18.40 -24.21 17.65
C GLY A 73 -18.05 -25.66 17.39
N LYS A 89 -16.58 -34.75 3.35
CA LYS A 89 -17.39 -35.84 2.84
C LYS A 89 -16.97 -36.19 1.40
N THR A 90 -16.21 -37.27 1.28
CA THR A 90 -15.76 -37.88 0.01
C THR A 90 -15.24 -36.86 -1.00
N GLY A 91 -14.78 -35.70 -0.51
CA GLY A 91 -14.12 -34.75 -1.37
C GLY A 91 -12.92 -34.10 -0.70
N LEU A 92 -12.75 -34.36 0.59
CA LEU A 92 -11.63 -33.83 1.36
C LEU A 92 -10.59 -34.89 1.68
N ILE A 93 -11.00 -36.15 1.72
CA ILE A 93 -10.04 -37.25 1.87
C ILE A 93 -9.11 -37.29 0.66
N ALA A 94 -9.61 -36.92 -0.51
CA ALA A 94 -8.76 -36.82 -1.68
C ALA A 94 -7.64 -35.81 -1.51
N SER A 95 -7.79 -34.87 -0.56
CA SER A 95 -6.71 -33.92 -0.29
C SER A 95 -5.69 -34.50 0.69
N VAL A 96 -6.14 -35.21 1.72
CA VAL A 96 -5.20 -35.79 2.66
C VAL A 96 -4.40 -36.91 2.00
N ILE A 97 -4.99 -37.61 1.03
CA ILE A 97 -4.23 -38.61 0.28
C ILE A 97 -3.05 -37.96 -0.43
N VAL A 98 -3.29 -36.85 -1.11
CA VAL A 98 -2.22 -36.16 -1.81
C VAL A 98 -1.18 -35.63 -0.82
N SER A 99 -1.65 -35.05 0.28
CA SER A 99 -0.73 -34.50 1.27
C SER A 99 0.13 -35.59 1.91
N GLN A 100 -0.39 -36.81 2.01
CA GLN A 100 0.38 -37.89 2.58
C GLN A 100 1.36 -38.48 1.58
N TRP A 101 0.93 -38.71 0.34
CA TRP A 101 1.77 -39.39 -0.64
C TRP A 101 2.87 -38.49 -1.20
N THR A 102 2.75 -37.18 -1.08
CA THR A 102 3.71 -36.26 -1.66
C THR A 102 4.80 -35.92 -0.66
N TRP A 103 6.05 -36.10 -1.08
CA TRP A 103 7.19 -35.66 -0.28
C TRP A 103 8.36 -35.37 -1.22
N ALA A 104 9.54 -35.16 -0.66
CA ALA A 104 10.65 -34.64 -1.44
C ALA A 104 11.31 -35.72 -2.27
N ALA A 105 10.50 -36.54 -2.94
CA ALA A 105 10.98 -37.44 -3.97
C ALA A 105 10.04 -37.48 -5.17
N THR A 106 8.90 -36.79 -5.13
CA THR A 106 8.04 -36.65 -6.29
C THR A 106 8.46 -35.48 -7.17
N ILE A 107 8.92 -34.39 -6.55
CA ILE A 107 9.43 -33.26 -7.31
C ILE A 107 10.82 -33.56 -7.86
N LEU A 108 11.65 -34.26 -7.10
CA LEU A 108 13.06 -34.40 -7.44
C LEU A 108 13.39 -35.70 -8.16
N GLN A 109 13.07 -36.85 -7.55
CA GLN A 109 13.47 -38.12 -8.14
C GLN A 109 12.71 -38.42 -9.42
N SER A 110 11.43 -38.04 -9.49
CA SER A 110 10.67 -38.25 -10.72
C SER A 110 11.25 -37.46 -11.88
N SER A 111 11.87 -36.31 -11.60
CA SER A 111 12.48 -35.49 -12.63
C SER A 111 13.91 -35.89 -12.96
N ASN A 112 14.49 -36.84 -12.23
CA ASN A 112 15.80 -37.37 -12.59
C ASN A 112 15.70 -38.51 -13.59
N VAL A 113 14.76 -39.43 -13.38
CA VAL A 113 14.60 -40.55 -14.29
C VAL A 113 14.15 -40.07 -15.66
N ALA A 114 13.40 -38.97 -15.72
CA ALA A 114 13.06 -38.37 -17.00
C ALA A 114 14.32 -37.89 -17.72
N TRP A 115 15.24 -37.27 -16.97
CA TRP A 115 16.51 -36.87 -17.55
C TRP A 115 17.30 -38.07 -18.05
N GLN A 116 17.30 -39.16 -17.28
CA GLN A 116 18.15 -40.29 -17.62
C GLN A 116 17.65 -41.05 -18.84
N TYR A 117 16.34 -41.33 -18.90
CA TYR A 117 15.79 -42.26 -19.88
C TYR A 117 14.89 -41.59 -20.90
N GLY A 118 13.91 -40.82 -20.46
CA GLY A 118 13.03 -40.16 -21.40
C GLY A 118 11.58 -40.09 -20.95
N VAL A 119 10.67 -40.59 -21.77
CA VAL A 119 9.26 -40.59 -21.40
C VAL A 119 8.88 -41.78 -20.53
N SER A 120 9.71 -42.82 -20.51
CA SER A 120 9.46 -43.97 -19.66
C SER A 120 9.68 -43.67 -18.18
N GLY A 121 10.43 -42.62 -17.86
CA GLY A 121 10.69 -42.24 -16.50
C GLY A 121 9.47 -41.74 -15.75
N PRO A 122 8.85 -40.66 -16.25
CA PRO A 122 7.72 -40.08 -15.51
C PRO A 122 6.42 -40.83 -15.68
N PHE A 123 6.46 -42.01 -16.28
CA PHE A 123 5.30 -42.89 -16.34
C PHE A 123 5.43 -44.08 -15.44
N TRP A 124 6.62 -44.70 -15.37
CA TRP A 124 6.82 -45.80 -14.44
C TRP A 124 6.84 -45.33 -13.00
N TYR A 125 7.21 -44.07 -12.76
CA TYR A 125 7.18 -43.54 -11.40
C TYR A 125 5.74 -43.44 -10.88
N ALA A 126 4.81 -43.02 -11.74
CA ALA A 126 3.41 -42.90 -11.37
C ALA A 126 2.64 -44.20 -11.53
N SER A 127 3.21 -45.22 -12.18
CA SER A 127 2.55 -46.50 -12.33
C SER A 127 2.81 -47.45 -11.18
N GLY A 128 3.67 -47.08 -10.24
CA GLY A 128 3.96 -47.92 -9.10
C GLY A 128 3.64 -47.23 -7.80
N ALA A 129 3.62 -45.91 -7.80
CA ALA A 129 3.29 -45.12 -6.62
C ALA A 129 1.80 -44.83 -6.52
N THR A 130 1.01 -45.24 -7.51
CA THR A 130 -0.44 -45.13 -7.46
C THR A 130 -1.11 -46.41 -7.03
N ILE A 131 -0.50 -47.57 -7.33
CA ILE A 131 -1.04 -48.84 -6.87
C ILE A 131 -1.10 -48.89 -5.36
N GLN A 132 -0.09 -48.31 -4.70
CA GLN A 132 -0.07 -48.25 -3.24
C GLN A 132 -1.17 -47.34 -2.69
N VAL A 133 -1.72 -46.43 -3.49
CA VAL A 133 -2.91 -45.70 -3.07
C VAL A 133 -4.11 -46.65 -3.02
N LEU A 134 -4.26 -47.49 -4.03
CA LEU A 134 -5.38 -48.43 -4.07
C LEU A 134 -5.27 -49.47 -2.96
N LEU A 135 -4.06 -49.97 -2.70
CA LEU A 135 -3.87 -50.91 -1.60
C LEU A 135 -4.23 -50.28 -0.25
N PHE A 136 -3.87 -49.02 -0.05
CA PHE A 136 -4.34 -48.29 1.13
C PHE A 136 -5.85 -48.08 1.00
N GLY A 137 -6.60 -48.70 1.90
CA GLY A 137 -8.04 -48.66 1.83
C GLY A 137 -8.62 -50.05 1.94
N VAL A 138 -7.95 -51.02 1.31
CA VAL A 138 -8.27 -52.41 1.58
C VAL A 138 -7.84 -52.79 2.99
N MET A 139 -6.66 -52.34 3.40
CA MET A 139 -6.21 -52.58 4.76
C MET A 139 -6.90 -51.67 5.78
N ALA A 140 -7.41 -50.52 5.35
CA ALA A 140 -8.22 -49.70 6.23
C ALA A 140 -9.54 -50.37 6.57
N ILE A 141 -10.12 -51.13 5.64
CA ILE A 141 -11.33 -51.88 5.94
C ILE A 141 -11.03 -53.01 6.91
N GLU A 142 -9.95 -53.74 6.69
CA GLU A 142 -9.59 -54.84 7.56
C GLU A 142 -9.05 -54.40 8.89
N ILE A 143 -9.02 -53.10 9.17
CA ILE A 143 -8.57 -52.62 10.47
C ILE A 143 -9.70 -52.01 11.28
N LYS A 144 -10.81 -51.63 10.65
CA LYS A 144 -11.98 -51.17 11.39
C LYS A 144 -12.91 -52.31 11.77
N ARG A 145 -12.65 -53.53 11.28
CA ARG A 145 -13.42 -54.69 11.71
C ARG A 145 -12.54 -55.85 12.15
N LYS A 146 -11.25 -55.61 12.40
CA LYS A 146 -10.40 -56.60 13.01
C LYS A 146 -9.51 -56.07 14.14
N ALA A 147 -9.24 -54.76 14.19
CA ALA A 147 -8.46 -54.19 15.26
C ALA A 147 -8.65 -52.68 15.36
N PRO A 148 -9.82 -52.21 15.83
CA PRO A 148 -10.07 -50.77 15.92
C PRO A 148 -9.50 -50.09 17.16
N LYS A 149 -8.61 -50.74 17.92
CA LYS A 149 -8.07 -50.17 19.15
C LYS A 149 -6.56 -50.39 19.23
N ALA A 150 -5.85 -50.05 18.15
CA ALA A 150 -4.42 -50.33 18.06
C ALA A 150 -3.55 -49.14 18.44
N HIS A 151 -3.79 -47.98 17.81
CA HIS A 151 -3.01 -46.75 17.98
C HIS A 151 -1.65 -46.82 17.31
N THR A 152 -1.25 -48.01 16.86
CA THR A 152 0.01 -48.25 16.16
C THR A 152 -0.16 -49.48 15.29
N VAL A 153 0.96 -50.02 14.80
CA VAL A 153 0.96 -51.26 14.05
C VAL A 153 1.59 -52.40 14.82
N CYS A 154 2.52 -52.11 15.74
CA CYS A 154 3.15 -53.17 16.51
C CYS A 154 2.21 -53.73 17.57
N GLU A 155 1.21 -52.95 17.99
CA GLU A 155 0.22 -53.47 18.92
C GLU A 155 -0.58 -54.60 18.28
N ILE A 156 -0.84 -54.51 16.99
CA ILE A 156 -1.59 -55.55 16.35
C ILE A 156 -0.57 -56.58 16.00
N VAL A 157 0.61 -56.47 16.58
CA VAL A 157 1.69 -57.45 16.36
C VAL A 157 2.14 -58.08 17.67
N ARG A 158 2.19 -57.32 18.77
CA ARG A 158 2.51 -57.90 20.09
C ARG A 158 1.35 -58.73 20.32
N ALA A 159 0.20 -58.10 20.31
CA ALA A 159 -0.99 -58.86 20.38
C ALA A 159 -0.77 -59.72 19.19
N ARG A 160 -0.72 -61.01 19.39
CA ARG A 160 -0.48 -61.98 18.32
C ARG A 160 1.01 -62.26 18.16
N TRP A 161 1.35 -63.38 17.56
CA TRP A 161 2.76 -63.70 17.25
C TRP A 161 3.76 -63.98 18.37
N GLY A 162 3.78 -63.23 19.48
CA GLY A 162 4.66 -63.58 20.58
C GLY A 162 5.37 -62.36 21.10
N ARG A 163 6.45 -62.61 21.85
CA ARG A 163 7.28 -61.56 22.41
C ARG A 163 8.50 -61.26 21.56
N ALA A 164 9.09 -62.29 20.93
CA ALA A 164 10.21 -62.05 20.03
C ALA A 164 9.78 -61.25 18.81
N ALA A 165 8.54 -61.42 18.37
CA ALA A 165 8.03 -60.66 17.22
C ALA A 165 7.52 -59.29 17.65
N HIS A 166 8.36 -58.55 18.36
CA HIS A 166 8.06 -57.17 18.68
C HIS A 166 9.30 -56.30 18.64
N ALA A 167 10.48 -56.88 18.43
CA ALA A 167 11.70 -56.11 18.23
C ALA A 167 12.17 -56.12 16.79
N VAL A 168 11.95 -57.21 16.06
CA VAL A 168 12.30 -57.25 14.64
C VAL A 168 11.44 -56.24 13.87
N PHE A 169 10.13 -56.30 14.07
CA PHE A 169 9.23 -55.38 13.37
C PHE A 169 9.33 -53.95 13.89
N LEU A 170 9.57 -53.76 15.19
CA LEU A 170 9.83 -52.41 15.69
C LEU A 170 11.10 -51.83 15.04
N ALA A 171 12.15 -52.64 14.96
CA ALA A 171 13.39 -52.20 14.33
C ALA A 171 13.18 -51.85 12.87
N PHE A 172 12.46 -52.69 12.14
CA PHE A 172 12.23 -52.41 10.72
C PHE A 172 11.37 -51.16 10.54
N CYS A 173 10.33 -51.01 11.35
CA CYS A 173 9.47 -49.84 11.28
C CYS A 173 10.23 -48.56 11.57
N LEU A 174 11.15 -48.58 12.53
CA LEU A 174 11.93 -47.39 12.82
C LEU A 174 13.00 -47.11 11.78
N ALA A 175 13.61 -48.16 11.22
CA ALA A 175 14.59 -47.96 10.16
C ALA A 175 13.95 -47.33 8.93
N THR A 176 12.71 -47.70 8.61
CA THR A 176 12.03 -47.06 7.49
C THR A 176 11.85 -45.57 7.72
N ASN A 177 11.46 -45.18 8.94
CA ASN A 177 11.30 -43.76 9.24
C ASN A 177 12.63 -43.02 9.11
N VAL A 178 13.71 -43.64 9.59
CA VAL A 178 15.03 -43.05 9.46
C VAL A 178 15.38 -42.84 7.98
N ILE A 179 15.12 -43.84 7.15
CA ILE A 179 15.46 -43.76 5.74
C ILE A 179 14.67 -42.64 5.05
N VAL A 180 13.37 -42.57 5.30
CA VAL A 180 12.57 -41.54 4.65
C VAL A 180 12.99 -40.15 5.09
N THR A 181 13.27 -39.98 6.40
CA THR A 181 13.72 -38.68 6.88
C THR A 181 15.06 -38.29 6.28
N ALA A 182 15.97 -39.25 6.16
CA ALA A 182 17.26 -38.97 5.52
C ALA A 182 17.07 -38.56 4.07
N MET A 183 16.15 -39.21 3.36
CA MET A 183 15.86 -38.82 1.99
C MET A 183 15.36 -37.39 1.92
N LEU A 184 14.45 -37.02 2.82
CA LEU A 184 13.88 -35.67 2.73
C LEU A 184 14.85 -34.59 3.20
N LEU A 185 15.84 -34.92 4.04
CA LEU A 185 16.86 -33.92 4.38
C LEU A 185 17.97 -33.83 3.34
N LEU A 186 18.35 -34.94 2.71
CA LEU A 186 19.43 -34.90 1.73
C LEU A 186 19.04 -34.17 0.45
N GLY A 187 17.75 -34.04 0.17
CA GLY A 187 17.32 -33.37 -1.03
C GLY A 187 16.86 -31.96 -0.79
N GLY A 188 16.40 -31.67 0.43
CA GLY A 188 16.02 -30.33 0.79
C GLY A 188 17.16 -29.38 1.05
N SER A 189 18.37 -29.89 1.25
CA SER A 189 19.55 -29.06 1.44
C SER A 189 20.39 -28.93 0.18
N ALA A 190 20.44 -29.95 -0.65
CA ALA A 190 21.22 -29.93 -1.89
C ALA A 190 20.65 -28.97 -2.93
N VAL A 191 19.41 -28.52 -2.77
CA VAL A 191 18.82 -27.54 -3.66
C VAL A 191 18.96 -26.12 -3.11
N VAL A 192 18.80 -25.95 -1.80
CA VAL A 192 18.99 -24.64 -1.20
C VAL A 192 20.45 -24.23 -1.25
N ASN A 193 21.38 -25.19 -1.16
CA ASN A 193 22.78 -24.89 -1.38
C ASN A 193 23.02 -24.37 -2.79
N ALA A 194 22.41 -25.01 -3.79
CA ALA A 194 22.64 -24.61 -5.18
C ALA A 194 21.99 -23.28 -5.50
N LEU A 195 20.85 -22.97 -4.88
CA LEU A 195 20.14 -21.74 -5.22
C LEU A 195 20.58 -20.54 -4.40
N THR A 196 20.98 -20.73 -3.14
CA THR A 196 21.27 -19.61 -2.26
C THR A 196 22.69 -19.60 -1.70
N ALA A 197 23.51 -20.61 -2.01
CA ALA A 197 24.90 -20.67 -1.58
C ALA A 197 25.04 -20.58 -0.07
N ILE A 198 24.42 -21.54 0.61
CA ILE A 198 24.58 -21.72 2.05
C ILE A 198 25.36 -23.00 2.28
N ASN A 199 26.06 -23.06 3.39
CA ASN A 199 26.83 -24.25 3.71
C ASN A 199 25.90 -25.45 3.83
N VAL A 200 26.16 -26.48 3.02
CA VAL A 200 25.26 -27.64 2.97
C VAL A 200 25.20 -28.32 4.32
N TYR A 201 26.26 -28.19 5.13
CA TYR A 201 26.21 -28.70 6.49
C TYR A 201 25.40 -27.80 7.40
N ALA A 202 25.48 -26.48 7.18
CA ALA A 202 24.69 -25.55 7.98
C ALA A 202 23.23 -25.58 7.58
N ALA A 203 22.94 -25.79 6.29
CA ALA A 203 21.57 -25.90 5.81
C ALA A 203 21.00 -27.29 6.03
N SER A 204 21.77 -28.22 6.57
CA SER A 204 21.30 -29.57 6.88
C SER A 204 20.86 -29.73 8.33
N PHE A 205 21.64 -29.19 9.27
CA PHE A 205 21.25 -29.28 10.67
C PHE A 205 20.05 -28.40 10.98
N LEU A 206 19.89 -27.29 10.26
CA LEU A 206 18.81 -26.36 10.55
C LEU A 206 17.46 -26.79 9.99
N ILE A 207 17.43 -27.75 9.05
CA ILE A 207 16.15 -28.23 8.54
C ILE A 207 15.30 -28.91 9.61
N PRO A 208 15.83 -29.88 10.42
CA PRO A 208 15.02 -30.49 11.48
C PRO A 208 14.94 -29.66 12.76
N LEU A 209 14.75 -28.37 12.61
CA LEU A 209 14.33 -27.47 13.67
C LEU A 209 13.08 -26.69 13.30
N GLY A 210 12.97 -26.21 12.07
CA GLY A 210 11.72 -25.64 11.62
C GLY A 210 10.59 -26.66 11.61
N VAL A 211 10.91 -27.90 11.22
CA VAL A 211 9.91 -28.96 11.25
C VAL A 211 9.46 -29.25 12.67
N VAL A 212 10.41 -29.27 13.61
CA VAL A 212 10.08 -29.50 15.02
C VAL A 212 9.23 -28.35 15.55
N VAL A 213 9.58 -27.12 15.20
CA VAL A 213 8.78 -25.96 15.60
C VAL A 213 7.36 -26.10 15.08
N TYR A 214 7.21 -26.52 13.82
CA TYR A 214 5.88 -26.66 13.24
C TYR A 214 5.09 -27.77 13.95
N THR A 215 5.72 -28.91 14.21
CA THR A 215 4.98 -30.02 14.80
C THR A 215 4.72 -29.84 16.28
N LEU A 216 5.40 -28.92 16.95
CA LEU A 216 5.07 -28.62 18.34
C LEU A 216 4.20 -27.38 18.50
N ALA A 217 4.17 -26.50 17.50
CA ALA A 217 3.39 -25.26 17.61
C ALA A 217 1.90 -25.55 17.46
N GLY A 218 1.50 -26.08 16.31
CA GLY A 218 0.11 -26.36 16.06
C GLY A 218 -0.27 -27.81 16.33
N GLY A 219 -0.70 -28.09 17.55
CA GLY A 219 -1.11 -29.43 17.90
C GLY A 219 0.02 -30.43 17.78
N LEU A 220 -0.35 -31.70 17.72
CA LEU A 220 0.61 -32.77 17.49
C LEU A 220 0.16 -33.79 16.46
N LYS A 221 -1.14 -33.94 16.22
CA LYS A 221 -1.65 -34.93 15.28
C LYS A 221 -1.99 -34.27 13.95
N ALA A 222 -2.45 -35.08 13.00
CA ALA A 222 -2.80 -34.57 11.68
C ALA A 222 -4.11 -33.78 11.74
N THR A 223 -4.20 -32.76 10.89
CA THR A 223 -5.38 -31.90 10.82
C THR A 223 -5.84 -31.82 9.37
N PHE A 224 -7.15 -31.86 9.17
CA PHE A 224 -7.72 -31.86 7.83
C PHE A 224 -7.62 -30.49 7.15
N LEU A 225 -7.16 -29.47 7.85
CA LEU A 225 -7.06 -28.13 7.27
C LEU A 225 -5.68 -27.84 6.71
N ALA A 226 -4.61 -28.26 7.39
CA ALA A 226 -3.26 -28.03 6.89
C ALA A 226 -3.01 -28.79 5.61
N SER A 227 -3.55 -30.01 5.51
CA SER A 227 -3.39 -30.81 4.30
C SER A 227 -3.98 -30.11 3.09
N TYR A 228 -5.12 -29.42 3.26
CA TYR A 228 -5.72 -28.71 2.15
C TYR A 228 -4.83 -27.57 1.66
N ILE A 229 -4.22 -26.83 2.59
CA ILE A 229 -3.32 -25.75 2.18
C ILE A 229 -2.12 -26.31 1.44
N HIS A 230 -1.55 -27.40 1.94
CA HIS A 230 -0.42 -28.03 1.25
C HIS A 230 -0.82 -28.43 -0.17
N SER A 231 -1.99 -29.04 -0.31
CA SER A 231 -2.46 -29.47 -1.62
C SER A 231 -2.64 -28.29 -2.56
N VAL A 232 -3.25 -27.20 -2.08
CA VAL A 232 -3.49 -26.06 -2.98
C VAL A 232 -2.20 -25.37 -3.39
N VAL A 233 -1.21 -25.28 -2.51
CA VAL A 233 0.06 -24.67 -2.91
C VAL A 233 0.76 -25.52 -3.96
N VAL A 234 0.87 -26.83 -3.70
CA VAL A 234 1.56 -27.71 -4.63
C VAL A 234 0.87 -27.69 -5.99
N HIS A 235 -0.46 -27.80 -6.00
CA HIS A 235 -1.21 -27.93 -7.22
C HIS A 235 -1.32 -26.63 -8.01
N VAL A 236 -1.04 -25.49 -7.40
CA VAL A 236 -0.93 -24.24 -8.17
C VAL A 236 0.46 -24.10 -8.78
N VAL A 237 1.52 -24.39 -8.03
CA VAL A 237 2.85 -24.32 -8.64
C VAL A 237 2.94 -25.30 -9.80
N LEU A 238 2.25 -26.44 -9.70
CA LEU A 238 2.25 -27.41 -10.79
C LEU A 238 1.72 -26.81 -12.09
N VAL A 239 0.56 -26.15 -12.04
CA VAL A 239 -0.01 -25.61 -13.25
C VAL A 239 0.84 -24.46 -13.79
N VAL A 240 1.43 -23.66 -12.88
CA VAL A 240 2.32 -22.60 -13.36
C VAL A 240 3.45 -23.20 -14.20
N PHE A 241 4.14 -24.22 -13.67
CA PHE A 241 5.26 -24.78 -14.42
C PHE A 241 4.81 -25.46 -15.71
N VAL A 242 3.71 -26.22 -15.67
CA VAL A 242 3.32 -26.93 -16.89
C VAL A 242 2.89 -25.96 -17.98
N PHE A 243 2.13 -24.92 -17.63
CA PHE A 243 1.72 -23.95 -18.63
C PHE A 243 2.90 -23.15 -19.16
N LEU A 244 3.87 -22.83 -18.30
CA LEU A 244 5.05 -22.11 -18.75
C LEU A 244 5.86 -22.94 -19.74
N VAL A 245 6.02 -24.25 -19.46
CA VAL A 245 6.83 -25.07 -20.34
C VAL A 245 6.13 -25.32 -21.67
N TYR A 246 4.83 -25.64 -21.64
CA TYR A 246 4.15 -26.04 -22.88
C TYR A 246 3.34 -24.94 -23.54
N THR A 247 2.46 -24.23 -22.83
CA THR A 247 1.54 -23.32 -23.51
C THR A 247 2.09 -21.90 -23.65
N SER A 248 2.36 -21.23 -22.53
CA SER A 248 2.75 -19.82 -22.55
C SER A 248 4.25 -19.73 -22.36
N GLY A 249 4.95 -19.31 -23.41
CA GLY A 249 6.39 -19.14 -23.35
C GLY A 249 7.02 -18.78 -24.67
N ASN A 250 7.99 -17.86 -24.65
CA ASN A 250 8.69 -17.45 -25.85
C ASN A 250 9.95 -18.28 -26.13
N ARG A 251 10.30 -19.19 -25.23
CA ARG A 251 11.48 -20.03 -25.37
C ARG A 251 11.16 -21.45 -25.78
N LEU A 252 10.33 -22.14 -25.02
CA LEU A 252 10.08 -23.57 -25.24
C LEU A 252 8.59 -23.89 -25.24
N GLY A 253 7.72 -22.89 -25.34
CA GLY A 253 6.30 -23.15 -25.39
C GLY A 253 5.91 -23.81 -26.70
N SER A 254 4.59 -24.00 -26.85
CA SER A 254 4.03 -24.64 -28.04
C SER A 254 4.68 -25.99 -28.27
N PRO A 255 4.23 -27.04 -27.60
CA PRO A 255 4.99 -28.29 -27.59
C PRO A 255 5.06 -29.00 -28.93
N ARG A 256 5.54 -28.26 -29.94
CA ARG A 256 6.11 -28.81 -31.16
C ARG A 256 7.59 -28.54 -31.27
N VAL A 257 8.06 -27.46 -30.64
CA VAL A 257 9.47 -27.13 -30.59
C VAL A 257 10.23 -28.20 -29.80
N VAL A 258 9.61 -28.74 -28.75
CA VAL A 258 10.27 -29.70 -27.88
C VAL A 258 10.65 -30.97 -28.64
N HIS A 259 9.76 -31.42 -29.53
CA HIS A 259 10.03 -32.62 -30.31
C HIS A 259 11.32 -32.48 -31.11
N ASP A 260 11.43 -31.40 -31.88
CA ASP A 260 12.64 -31.18 -32.68
C ASP A 260 13.85 -30.98 -31.79
N HIS A 261 13.69 -30.25 -30.68
CA HIS A 261 14.81 -29.97 -29.80
C HIS A 261 15.41 -31.25 -29.23
N LEU A 262 14.57 -32.18 -28.79
CA LEU A 262 15.11 -33.38 -28.18
C LEU A 262 15.27 -34.55 -29.14
N THR A 263 14.89 -34.38 -30.41
CA THR A 263 15.39 -35.31 -31.42
C THR A 263 16.70 -34.83 -32.05
N ALA A 264 17.06 -33.56 -31.85
CA ALA A 264 18.37 -33.09 -32.27
C ALA A 264 19.46 -33.60 -31.33
N VAL A 265 19.18 -33.64 -30.02
CA VAL A 265 20.19 -34.07 -29.06
C VAL A 265 20.54 -35.54 -29.26
N ALA A 266 19.53 -36.37 -29.53
CA ALA A 266 19.76 -37.79 -29.72
C ALA A 266 20.19 -38.14 -31.14
N SER A 267 20.31 -37.16 -32.03
CA SER A 267 20.71 -37.42 -33.40
C SER A 267 22.13 -37.95 -33.46
N ALA A 268 22.36 -38.92 -34.35
CA ALA A 268 23.67 -39.55 -34.48
C ALA A 268 24.69 -38.66 -35.19
N VAL A 269 24.24 -37.65 -35.94
CA VAL A 269 25.19 -36.76 -36.60
C VAL A 269 25.96 -35.92 -35.59
N ARG A 270 25.34 -35.59 -34.46
CA ARG A 270 26.03 -34.87 -33.39
C ARG A 270 27.18 -35.71 -32.86
N ASN A 271 28.34 -35.10 -32.69
CA ASN A 271 29.50 -35.77 -32.14
C ASN A 271 29.71 -35.32 -30.70
N CYS A 272 29.81 -36.28 -29.79
CA CYS A 272 30.05 -36.01 -28.38
C CYS A 272 31.33 -36.74 -27.96
N SER A 273 32.45 -36.06 -28.15
CA SER A 273 33.77 -36.55 -27.75
C SER A 273 34.66 -35.34 -27.57
N ALA A 274 35.81 -35.56 -26.94
CA ALA A 274 36.78 -34.48 -26.71
C ALA A 274 36.06 -33.44 -25.83
N PRO A 275 36.38 -32.14 -25.82
CA PRO A 275 35.69 -31.28 -24.86
C PRO A 275 34.40 -30.65 -25.37
N LEU A 276 33.82 -31.16 -26.46
CA LEU A 276 32.49 -30.70 -26.87
C LEU A 276 31.42 -31.19 -25.92
N SER A 277 31.64 -32.33 -25.27
CA SER A 277 30.67 -32.89 -24.32
C SER A 277 31.41 -33.86 -23.41
N HIS A 278 31.40 -33.60 -22.11
CA HIS A 278 32.08 -34.46 -21.16
C HIS A 278 31.34 -35.78 -20.98
N PRO A 279 32.03 -36.85 -20.55
CA PRO A 279 31.42 -38.18 -20.53
C PRO A 279 30.43 -38.40 -19.40
N ASP A 280 30.10 -37.37 -18.63
CA ASP A 280 29.13 -37.49 -17.55
C ASP A 280 27.86 -36.70 -17.82
N GLN A 281 27.61 -36.33 -19.07
CA GLN A 281 26.45 -35.53 -19.44
C GLN A 281 25.64 -36.22 -20.53
N ALA A 282 24.58 -35.56 -20.98
CA ALA A 282 23.71 -36.10 -22.01
C ALA A 282 24.26 -35.74 -23.38
N CYS A 283 24.46 -36.75 -24.21
CA CYS A 283 25.03 -36.57 -25.55
C CYS A 283 24.64 -37.73 -26.43
N GLY A 284 24.43 -37.45 -27.71
CA GLY A 284 24.24 -38.47 -28.71
C GLY A 284 23.06 -39.37 -28.44
N PRO A 285 23.10 -40.59 -28.97
CA PRO A 285 22.02 -41.54 -28.72
C PRO A 285 22.06 -42.04 -27.28
N VAL A 286 20.88 -42.42 -26.78
CA VAL A 286 20.74 -42.90 -25.41
C VAL A 286 20.84 -44.41 -25.41
N HIS A 287 21.57 -44.95 -24.43
CA HIS A 287 21.82 -46.38 -24.38
C HIS A 287 20.63 -47.13 -23.78
N GLY A 288 20.27 -48.24 -24.41
CA GLY A 288 19.22 -49.09 -23.91
C GLY A 288 17.87 -48.91 -24.57
N ASN A 289 17.65 -47.80 -25.24
CA ASN A 289 16.37 -47.52 -25.87
C ASN A 289 16.33 -48.20 -27.26
N PHE A 290 15.26 -47.95 -28.00
CA PHE A 290 15.07 -48.54 -29.33
C PHE A 290 15.47 -47.51 -30.37
N LYS A 291 16.55 -47.79 -31.11
CA LYS A 291 17.03 -46.99 -32.23
C LYS A 291 17.64 -45.69 -31.73
N GLY A 292 17.45 -45.39 -30.45
CA GLY A 292 18.03 -44.21 -29.85
C GLY A 292 17.04 -43.07 -29.90
N SER A 293 16.40 -42.79 -28.77
CA SER A 293 15.41 -41.73 -28.71
C SER A 293 14.99 -41.56 -27.25
N TYR A 294 14.65 -40.32 -26.91
CA TYR A 294 14.11 -40.03 -25.60
C TYR A 294 12.58 -40.15 -25.57
N LEU A 295 11.97 -40.58 -26.68
CA LEU A 295 10.53 -40.59 -26.80
C LEU A 295 9.94 -41.98 -26.90
N THR A 296 10.75 -43.00 -27.17
CA THR A 296 10.25 -44.35 -27.26
C THR A 296 9.87 -44.88 -25.88
N MET A 297 8.99 -45.88 -25.87
CA MET A 297 8.61 -46.58 -24.66
C MET A 297 9.27 -47.95 -24.56
N LEU A 298 10.38 -48.16 -25.27
CA LEU A 298 11.07 -49.43 -25.31
C LEU A 298 12.39 -49.36 -24.56
N SER A 299 12.40 -48.65 -23.43
CA SER A 299 13.61 -48.40 -22.68
C SER A 299 13.93 -49.57 -21.77
N SER A 300 15.13 -50.14 -21.92
CA SER A 300 15.62 -51.10 -20.95
C SER A 300 15.96 -50.45 -19.63
N GLY A 301 16.15 -49.13 -19.63
CA GLY A 301 16.33 -48.38 -18.39
C GLY A 301 14.98 -47.94 -17.87
N GLY A 302 13.93 -48.57 -18.38
CA GLY A 302 12.55 -48.31 -18.07
C GLY A 302 12.07 -49.31 -17.04
N LEU A 303 11.50 -50.42 -17.51
CA LEU A 303 11.00 -51.49 -16.65
C LEU A 303 11.97 -51.85 -15.53
N VAL A 304 13.26 -51.58 -15.68
CA VAL A 304 14.20 -51.82 -14.58
C VAL A 304 13.95 -50.83 -13.45
N PHE A 305 13.60 -49.58 -13.78
CA PHE A 305 13.06 -48.66 -12.78
C PHE A 305 11.56 -48.84 -12.60
N GLY A 306 11.09 -50.03 -12.93
CA GLY A 306 9.72 -50.47 -12.77
C GLY A 306 9.59 -51.25 -11.47
N ILE A 307 9.81 -52.56 -11.54
CA ILE A 307 9.82 -53.44 -10.39
C ILE A 307 10.54 -52.80 -9.19
N ILE A 308 11.73 -52.24 -9.43
CA ILE A 308 12.51 -51.66 -8.34
C ILE A 308 11.71 -50.61 -7.59
N ASN A 309 11.02 -49.73 -8.33
CA ASN A 309 10.17 -48.75 -7.69
C ASN A 309 9.01 -49.42 -6.97
N ILE A 310 8.37 -50.42 -7.59
CA ILE A 310 7.17 -51.00 -7.03
C ILE A 310 7.45 -51.59 -5.65
N VAL A 311 8.51 -52.40 -5.55
CA VAL A 311 8.90 -52.95 -4.27
C VAL A 311 9.17 -51.82 -3.28
N GLY A 312 9.85 -50.77 -3.73
CA GLY A 312 10.10 -49.63 -2.86
C GLY A 312 8.82 -49.00 -2.35
N ASN A 313 7.78 -48.96 -3.19
CA ASN A 313 6.50 -48.46 -2.70
C ASN A 313 5.62 -49.59 -2.17
N PHE A 314 6.23 -50.49 -1.39
CA PHE A 314 5.57 -51.36 -0.43
C PHE A 314 6.14 -51.21 0.97
N GLY A 315 7.40 -50.83 1.10
CA GLY A 315 7.99 -50.57 2.38
C GLY A 315 7.64 -49.23 2.99
N THR A 316 6.87 -48.42 2.26
CA THR A 316 6.39 -47.14 2.77
C THR A 316 4.92 -47.19 3.20
N VAL A 317 4.09 -47.94 2.48
CA VAL A 317 2.67 -48.03 2.82
C VAL A 317 2.33 -49.28 3.62
N PHE A 318 3.29 -50.14 3.92
CA PHE A 318 3.04 -51.33 4.71
C PHE A 318 3.94 -51.46 5.93
N VAL A 319 4.95 -50.62 6.07
CA VAL A 319 5.88 -50.68 7.20
C VAL A 319 5.87 -49.38 8.00
N ASP A 320 5.93 -48.25 7.31
CA ASP A 320 5.89 -46.96 7.99
C ASP A 320 4.61 -46.82 8.78
N ASN A 321 4.73 -46.43 10.05
CA ASN A 321 3.56 -46.31 10.92
C ASN A 321 2.70 -45.12 10.57
N GLY A 322 3.23 -44.17 9.79
CA GLY A 322 2.43 -43.00 9.43
C GLY A 322 1.20 -43.36 8.62
N TYR A 323 1.35 -44.28 7.68
CA TYR A 323 0.21 -44.66 6.84
C TYR A 323 -0.84 -45.42 7.65
N TRP A 324 -0.39 -46.30 8.55
CA TRP A 324 -1.32 -46.97 9.44
C TRP A 324 -2.06 -45.97 10.33
N MET A 325 -1.34 -44.98 10.86
CA MET A 325 -1.99 -43.98 11.71
C MET A 325 -3.01 -43.18 10.91
N SER A 326 -2.68 -42.85 9.66
CA SER A 326 -3.63 -42.14 8.82
C SER A 326 -4.88 -42.99 8.56
N ALA A 327 -4.68 -44.29 8.33
CA ALA A 327 -5.82 -45.18 8.11
C ALA A 327 -6.70 -45.28 9.35
N ILE A 328 -6.07 -45.37 10.53
CA ILE A 328 -6.84 -45.46 11.78
C ILE A 328 -7.65 -44.18 12.00
N ALA A 329 -7.03 -43.03 11.80
CA ALA A 329 -7.65 -41.75 12.09
C ALA A 329 -8.68 -41.34 11.05
N ALA A 330 -9.05 -42.23 10.14
CA ALA A 330 -10.03 -41.94 9.11
C ALA A 330 -11.14 -42.97 9.17
N ARG A 331 -12.39 -42.50 9.15
CA ARG A 331 -13.53 -43.42 9.12
C ARG A 331 -13.77 -43.90 7.70
N PRO A 332 -13.81 -45.21 7.46
CA PRO A 332 -14.06 -45.73 6.12
C PRO A 332 -15.53 -45.94 5.79
N SER A 333 -16.44 -45.68 6.73
CA SER A 333 -17.85 -45.94 6.49
C SER A 333 -18.38 -45.08 5.36
N SER A 334 -18.02 -43.80 5.32
CA SER A 334 -18.47 -42.90 4.28
C SER A 334 -17.34 -42.34 3.44
N THR A 335 -16.09 -42.71 3.73
CA THR A 335 -14.94 -42.21 2.99
C THR A 335 -14.21 -43.32 2.23
N HIS A 336 -14.86 -44.45 2.02
CA HIS A 336 -14.25 -45.53 1.25
C HIS A 336 -14.13 -45.16 -0.23
N LYS A 337 -14.94 -44.23 -0.72
CA LYS A 337 -14.89 -43.78 -2.09
C LYS A 337 -13.92 -42.62 -2.29
N GLY A 338 -13.63 -41.85 -1.25
CA GLY A 338 -12.83 -40.66 -1.41
C GLY A 338 -11.39 -40.93 -1.81
N TYR A 339 -10.77 -41.93 -1.20
CA TYR A 339 -9.33 -42.12 -1.43
C TYR A 339 -9.02 -42.71 -2.79
N LEU A 340 -10.00 -43.32 -3.47
CA LEU A 340 -9.78 -43.67 -4.86
C LEU A 340 -9.66 -42.42 -5.72
N LEU A 341 -10.28 -41.33 -5.30
CA LEU A 341 -10.07 -40.03 -5.92
C LEU A 341 -8.76 -39.40 -5.51
N GLY A 342 -8.05 -40.00 -4.55
CA GLY A 342 -6.78 -39.47 -4.12
C GLY A 342 -5.61 -40.08 -4.86
N GLY A 343 -5.89 -41.06 -5.71
CA GLY A 343 -4.87 -41.67 -6.53
C GLY A 343 -4.94 -41.23 -7.98
N LEU A 344 -6.14 -40.91 -8.45
CA LEU A 344 -6.32 -40.45 -9.82
C LEU A 344 -6.09 -38.96 -9.99
N VAL A 345 -5.89 -38.23 -8.89
CA VAL A 345 -5.54 -36.81 -9.00
C VAL A 345 -4.07 -36.66 -8.62
N TRP A 346 -3.56 -37.59 -7.80
CA TRP A 346 -2.15 -37.59 -7.47
C TRP A 346 -1.31 -38.12 -8.62
N PHE A 347 -1.92 -38.83 -9.57
CA PHE A 347 -1.20 -39.31 -10.74
C PHE A 347 -0.64 -38.16 -11.57
N ALA A 348 -1.27 -37.00 -11.53
CA ALA A 348 -0.77 -35.86 -12.28
C ALA A 348 0.41 -35.18 -11.61
N VAL A 349 0.62 -35.41 -10.32
CA VAL A 349 1.72 -34.73 -9.62
C VAL A 349 3.09 -35.15 -10.15
N PRO A 350 3.40 -36.45 -10.34
CA PRO A 350 4.69 -36.83 -10.92
C PRO A 350 4.67 -37.08 -12.42
N PHE A 351 3.56 -36.81 -13.09
CA PHE A 351 3.47 -36.88 -14.55
C PHE A 351 3.55 -35.50 -15.20
N SER A 352 2.75 -34.55 -14.72
CA SER A 352 2.77 -33.20 -15.27
C SER A 352 3.99 -32.41 -14.85
N LEU A 353 4.69 -32.83 -13.79
CA LEU A 353 5.87 -32.12 -13.33
C LEU A 353 7.17 -32.73 -13.82
N ALA A 354 7.22 -34.05 -13.98
CA ALA A 354 8.40 -34.73 -14.47
C ALA A 354 8.44 -34.81 -16.00
N THR A 355 7.41 -34.32 -16.68
CA THR A 355 7.43 -34.16 -18.13
C THR A 355 7.61 -32.71 -18.55
N SER A 356 7.34 -31.76 -17.66
CA SER A 356 7.59 -30.35 -17.93
C SER A 356 8.98 -29.92 -17.47
N LEU A 357 9.29 -30.11 -16.19
CA LEU A 357 10.60 -29.80 -15.65
C LEU A 357 11.57 -30.96 -15.80
N GLY A 358 11.16 -32.03 -16.48
CA GLY A 358 11.94 -33.22 -16.73
C GLY A 358 12.55 -33.15 -18.10
N LEU A 359 11.88 -33.74 -19.10
CA LEU A 359 12.35 -33.60 -20.47
C LEU A 359 11.98 -32.22 -21.02
N GLY A 360 12.26 -31.19 -20.22
CA GLY A 360 12.23 -29.82 -20.66
C GLY A 360 13.62 -29.25 -20.49
N ALA A 361 14.38 -29.85 -19.58
CA ALA A 361 15.81 -29.60 -19.47
C ALA A 361 16.61 -30.29 -20.57
N LEU A 362 16.07 -31.37 -21.15
CA LEU A 362 16.72 -31.98 -22.30
C LEU A 362 16.54 -31.13 -23.55
N ALA A 363 15.36 -30.53 -23.71
CA ALA A 363 15.07 -29.75 -24.92
C ALA A 363 15.95 -28.53 -25.01
N LEU A 364 16.21 -27.85 -23.90
CA LEU A 364 17.05 -26.67 -23.89
C LEU A 364 18.54 -26.99 -23.83
N ASP A 365 18.90 -28.27 -23.76
CA ASP A 365 20.29 -28.72 -23.78
C ASP A 365 21.07 -28.09 -22.62
N LEU A 366 20.63 -28.40 -21.40
CA LEU A 366 21.30 -27.85 -20.23
C LEU A 366 22.57 -28.65 -19.92
N PRO A 367 23.57 -28.01 -19.33
CA PRO A 367 24.81 -28.72 -18.96
C PRO A 367 24.72 -29.37 -17.57
N ILE A 368 23.80 -30.32 -17.43
CA ILE A 368 23.59 -31.00 -16.16
C ILE A 368 24.41 -32.29 -16.14
N THR A 369 25.02 -32.56 -14.99
CA THR A 369 25.86 -33.73 -14.78
C THR A 369 25.06 -34.83 -14.11
N ALA A 370 25.49 -36.08 -14.34
CA ALA A 370 24.79 -37.22 -13.74
C ALA A 370 24.85 -37.18 -12.22
N ALA A 371 26.00 -36.81 -11.66
CA ALA A 371 26.09 -36.67 -10.21
C ALA A 371 25.24 -35.50 -9.71
N GLU A 372 25.09 -34.46 -10.53
CA GLU A 372 24.25 -33.33 -10.15
C GLU A 372 22.77 -33.66 -10.26
N ALA A 373 22.41 -34.55 -11.19
CA ALA A 373 21.02 -34.95 -11.35
C ALA A 373 20.57 -35.99 -10.32
N ALA A 374 21.50 -36.64 -9.63
CA ALA A 374 21.15 -37.67 -8.66
C ALA A 374 20.76 -37.10 -7.31
N LYS A 375 21.09 -35.85 -7.02
CA LYS A 375 20.74 -35.22 -5.76
C LYS A 375 19.43 -34.45 -5.83
N GLY A 376 18.77 -34.44 -6.98
CA GLY A 376 17.51 -33.73 -7.12
C GLY A 376 17.71 -32.27 -7.46
N LEU A 377 18.43 -32.00 -8.55
CA LEU A 377 18.70 -30.64 -8.98
C LEU A 377 18.22 -30.35 -10.38
N VAL A 378 17.64 -31.34 -11.08
CA VAL A 378 17.10 -31.08 -12.42
C VAL A 378 15.97 -30.06 -12.41
N PRO A 379 14.97 -30.14 -11.52
CA PRO A 379 13.96 -29.07 -11.49
C PRO A 379 14.54 -27.70 -11.18
N ALA A 380 15.54 -27.64 -10.31
CA ALA A 380 16.18 -26.38 -9.96
C ALA A 380 16.96 -25.76 -11.11
N ALA A 381 17.19 -26.50 -12.19
CA ALA A 381 17.84 -25.97 -13.38
C ALA A 381 16.83 -25.43 -14.38
N THR A 382 15.78 -26.19 -14.68
CA THR A 382 14.76 -25.71 -15.59
C THR A 382 14.00 -24.53 -15.01
N ALA A 383 13.78 -24.52 -13.69
CA ALA A 383 13.12 -23.37 -13.07
C ALA A 383 13.97 -22.11 -13.13
N THR A 384 15.28 -22.24 -12.89
CA THR A 384 16.17 -21.08 -12.89
C THR A 384 16.60 -20.67 -14.29
N ALA A 385 16.35 -21.48 -15.30
CA ALA A 385 16.69 -21.13 -16.67
C ALA A 385 15.54 -20.46 -17.41
N LEU A 386 14.32 -21.00 -17.30
CA LEU A 386 13.18 -20.44 -18.02
C LEU A 386 12.66 -19.16 -17.37
N MET A 387 12.86 -19.00 -16.06
CA MET A 387 12.30 -17.85 -15.36
C MET A 387 13.28 -17.14 -14.43
N GLY A 388 14.42 -17.74 -14.12
CA GLY A 388 15.43 -17.05 -13.32
C GLY A 388 14.96 -16.74 -11.92
N LYS A 389 15.10 -15.47 -11.54
CA LYS A 389 14.77 -15.01 -10.19
C LYS A 389 13.28 -15.02 -9.90
N SER A 390 12.45 -15.39 -10.87
CA SER A 390 11.01 -15.26 -10.80
C SER A 390 10.35 -16.62 -10.99
N GLY A 391 10.71 -17.57 -10.13
CA GLY A 391 10.28 -18.94 -10.28
C GLY A 391 11.29 -19.93 -9.77
N SER A 392 12.49 -19.43 -9.45
CA SER A 392 13.39 -20.18 -8.58
C SER A 392 12.99 -20.05 -7.12
N VAL A 393 12.10 -19.12 -6.80
CA VAL A 393 11.51 -19.03 -5.48
C VAL A 393 10.30 -19.95 -5.36
N LEU A 394 9.56 -20.13 -6.45
CA LEU A 394 8.39 -21.01 -6.42
C LEU A 394 8.79 -22.45 -6.11
N LEU A 395 9.90 -22.91 -6.70
CA LEU A 395 10.33 -24.28 -6.45
C LEU A 395 10.71 -24.48 -5.00
N LEU A 396 11.38 -23.50 -4.39
CA LEU A 396 11.71 -23.61 -2.96
C LEU A 396 10.45 -23.68 -2.12
N ILE A 397 9.45 -22.85 -2.43
CA ILE A 397 8.21 -22.86 -1.66
C ILE A 397 7.52 -24.21 -1.80
N MET A 398 7.44 -24.73 -3.03
CA MET A 398 6.81 -26.02 -3.26
C MET A 398 7.52 -27.13 -2.49
N LEU A 399 8.84 -27.19 -2.64
CA LEU A 399 9.59 -28.29 -2.02
C LEU A 399 9.57 -28.19 -0.50
N PHE A 400 9.60 -26.97 0.03
CA PHE A 400 9.64 -26.83 1.48
C PHE A 400 8.26 -26.91 2.10
N MET A 401 7.19 -26.77 1.32
CA MET A 401 5.89 -27.20 1.79
C MET A 401 5.76 -28.71 1.74
N ALA A 402 6.43 -29.35 0.78
CA ALA A 402 6.42 -30.80 0.68
C ALA A 402 7.31 -31.48 1.72
N VAL A 403 8.28 -30.76 2.30
CA VAL A 403 9.18 -31.38 3.26
C VAL A 403 8.70 -31.08 4.67
N THR A 404 8.08 -29.92 4.88
CA THR A 404 7.55 -29.58 6.18
C THR A 404 6.21 -30.25 6.46
N SER A 405 5.56 -30.79 5.44
CA SER A 405 4.30 -31.51 5.61
C SER A 405 4.47 -33.02 5.58
N ALA A 406 5.61 -33.51 5.14
CA ALA A 406 5.94 -34.93 5.19
C ALA A 406 6.94 -35.28 6.28
N GLY A 407 7.86 -34.38 6.59
CA GLY A 407 8.72 -34.57 7.73
C GLY A 407 8.00 -34.45 9.06
N SER A 408 6.90 -33.72 9.09
CA SER A 408 6.07 -33.66 10.29
C SER A 408 5.14 -34.85 10.41
N ALA A 409 5.09 -35.71 9.41
CA ALA A 409 4.33 -36.95 9.50
C ALA A 409 5.19 -38.12 9.97
N GLU A 410 6.51 -38.01 9.89
CA GLU A 410 7.39 -39.06 10.39
C GLU A 410 7.78 -38.86 11.84
N LEU A 411 7.90 -37.61 12.30
CA LEU A 411 8.16 -37.39 13.71
C LEU A 411 6.99 -37.86 14.57
N VAL A 412 5.76 -37.58 14.13
CA VAL A 412 4.59 -38.06 14.87
C VAL A 412 4.54 -39.58 14.86
N ALA A 413 4.94 -40.20 13.75
CA ALA A 413 4.90 -41.67 13.68
C ALA A 413 5.83 -42.29 14.71
N VAL A 414 7.10 -41.85 14.74
CA VAL A 414 8.05 -42.42 15.69
C VAL A 414 7.69 -42.03 17.12
N SER A 415 7.13 -40.83 17.34
CA SER A 415 6.74 -40.44 18.69
C SER A 415 5.60 -41.30 19.21
N SER A 416 4.57 -41.51 18.38
CA SER A 416 3.47 -42.38 18.77
C SER A 416 3.92 -43.82 18.91
N LEU A 417 4.94 -44.24 18.17
CA LEU A 417 5.45 -45.59 18.31
C LEU A 417 6.21 -45.78 19.63
N CYS A 418 7.02 -44.78 19.99
CA CYS A 418 7.77 -44.85 21.25
C CYS A 418 6.87 -44.72 22.46
N THR A 419 5.86 -43.85 22.40
CA THR A 419 4.98 -43.65 23.55
C THR A 419 4.02 -44.80 23.77
N TYR A 420 3.89 -45.71 22.81
CA TYR A 420 2.95 -46.82 22.92
C TYR A 420 3.60 -48.20 22.80
N ASP A 421 4.90 -48.28 22.54
CA ASP A 421 5.54 -49.58 22.40
C ASP A 421 6.84 -49.77 23.18
N ILE A 422 7.45 -48.71 23.70
CA ILE A 422 8.65 -48.87 24.51
C ILE A 422 8.54 -48.20 25.88
N TYR A 423 7.67 -47.21 26.07
CA TYR A 423 7.54 -46.54 27.36
C TYR A 423 6.28 -46.93 28.12
N ARG A 424 5.17 -47.12 27.44
CA ARG A 424 3.92 -47.51 28.08
C ARG A 424 3.72 -49.01 28.14
N THR A 425 4.64 -49.80 27.58
CA THR A 425 4.55 -51.25 27.65
C THR A 425 5.82 -51.94 28.14
N TYR A 426 6.91 -51.21 28.33
CA TYR A 426 8.14 -51.80 28.87
C TYR A 426 8.83 -50.92 29.91
N ILE A 427 8.20 -49.83 30.35
CA ILE A 427 8.80 -48.98 31.38
C ILE A 427 7.84 -48.87 32.56
N ASN A 428 6.64 -48.34 32.32
CA ASN A 428 5.64 -48.16 33.39
C ASN A 428 4.24 -48.30 32.80
N PRO A 429 3.65 -49.48 32.85
CA PRO A 429 2.26 -49.64 32.38
C PRO A 429 1.29 -48.73 33.10
N ASP A 430 1.52 -48.42 34.38
CA ASP A 430 0.67 -47.51 35.14
C ASP A 430 1.09 -46.07 34.85
N ALA A 431 0.83 -45.65 33.62
CA ALA A 431 1.14 -44.30 33.16
C ALA A 431 -0.16 -43.51 33.03
N THR A 432 -0.19 -42.32 33.62
CA THR A 432 -1.37 -41.49 33.56
C THR A 432 -1.45 -40.78 32.21
N GLY A 433 -2.56 -40.06 32.00
CA GLY A 433 -2.73 -39.31 30.77
C GLY A 433 -1.87 -38.07 30.66
N GLU A 434 -1.23 -37.67 31.76
CA GLU A 434 -0.32 -36.52 31.74
C GLU A 434 1.13 -36.93 31.64
N GLN A 435 1.48 -38.13 32.12
CA GLN A 435 2.85 -38.61 31.97
C GLN A 435 3.22 -38.76 30.50
N ILE A 436 2.35 -39.41 29.71
CA ILE A 436 2.59 -39.47 28.28
C ILE A 436 1.93 -38.28 27.59
N LEU A 437 2.51 -37.11 27.78
CA LEU A 437 2.33 -35.96 26.91
C LEU A 437 3.63 -35.20 26.68
N ARG A 438 4.59 -35.28 27.60
CA ARG A 438 5.92 -34.74 27.42
C ARG A 438 6.91 -35.77 26.94
N VAL A 439 6.64 -37.06 27.16
CA VAL A 439 7.47 -38.12 26.59
C VAL A 439 7.44 -38.04 25.07
N SER A 440 6.25 -37.84 24.51
CA SER A 440 6.12 -37.70 23.06
C SER A 440 6.86 -36.47 22.54
N ARG A 441 6.73 -35.35 23.25
CA ARG A 441 7.38 -34.12 22.82
C ARG A 441 8.90 -34.25 22.86
N ALA A 442 9.42 -34.87 23.93
CA ALA A 442 10.86 -35.11 24.05
C ALA A 442 11.33 -36.07 22.97
N THR A 443 10.54 -37.10 22.65
CA THR A 443 10.91 -38.01 21.58
C THR A 443 10.99 -37.29 20.24
N VAL A 444 10.02 -36.42 19.97
CA VAL A 444 10.05 -35.63 18.73
C VAL A 444 11.31 -34.79 18.67
N LEU A 445 11.61 -34.07 19.76
CA LEU A 445 12.77 -33.19 19.76
C LEU A 445 14.07 -33.96 19.60
N VAL A 446 14.22 -35.08 20.32
CA VAL A 446 15.47 -35.82 20.28
C VAL A 446 15.65 -36.48 18.92
N PHE A 447 14.56 -36.98 18.32
CA PHE A 447 14.69 -37.60 17.01
C PHE A 447 15.01 -36.57 15.94
N GLY A 448 14.43 -35.37 16.06
CA GLY A 448 14.77 -34.32 15.12
C GLY A 448 16.22 -33.87 15.24
N CYS A 449 16.72 -33.74 16.47
CA CYS A 449 18.13 -33.38 16.64
C CYS A 449 19.05 -34.48 16.14
N LEU A 450 18.70 -35.74 16.41
CA LEU A 450 19.55 -36.85 15.98
C LEU A 450 19.54 -37.01 14.45
N MET A 451 18.42 -36.66 13.80
CA MET A 451 18.38 -36.77 12.34
C MET A 451 19.18 -35.68 11.67
N GLY A 452 19.41 -34.56 12.35
CA GLY A 452 20.32 -33.56 11.84
C GLY A 452 21.79 -33.87 12.06
N VAL A 453 22.08 -34.97 12.75
CA VAL A 453 23.45 -35.41 12.98
C VAL A 453 23.60 -36.73 12.22
N LEU A 454 22.82 -36.87 11.15
CA LEU A 454 22.98 -38.01 10.25
C LEU A 454 23.06 -37.51 8.81
N ALA A 455 22.41 -36.39 8.52
CA ALA A 455 22.47 -35.81 7.19
C ALA A 455 23.75 -35.02 6.95
N VAL A 456 24.49 -34.67 8.01
CA VAL A 456 25.81 -34.08 7.83
C VAL A 456 26.88 -35.12 7.58
N ILE A 457 26.82 -36.26 8.24
CA ILE A 457 27.71 -37.38 7.93
C ILE A 457 27.39 -37.96 6.55
N LEU A 458 26.11 -38.12 6.22
CA LEU A 458 25.76 -38.69 4.92
C LEU A 458 26.16 -37.78 3.77
N ASN A 459 26.33 -36.48 4.02
CA ASN A 459 26.77 -35.58 2.96
C ASN A 459 28.26 -35.71 2.66
N LEU A 460 29.08 -36.04 3.65
CA LEU A 460 30.53 -36.13 3.48
C LEU A 460 31.00 -37.50 3.03
N VAL A 461 30.09 -38.46 2.90
CA VAL A 461 30.44 -39.76 2.33
C VAL A 461 30.04 -39.76 0.86
N GLY A 462 29.12 -38.86 0.50
CA GLY A 462 28.70 -38.70 -0.89
C GLY A 462 27.37 -39.32 -1.23
N VAL A 463 26.62 -39.84 -0.25
CA VAL A 463 25.34 -40.47 -0.53
C VAL A 463 24.33 -39.41 -0.94
N SER A 464 23.62 -39.66 -2.03
CA SER A 464 22.63 -38.75 -2.58
C SER A 464 21.23 -39.34 -2.41
N LEU A 465 20.23 -38.57 -2.82
CA LEU A 465 18.84 -39.04 -2.74
C LEU A 465 18.58 -40.15 -3.74
N GLY A 466 19.22 -40.10 -4.91
CA GLY A 466 19.00 -41.11 -5.92
C GLY A 466 19.51 -42.48 -5.51
N TRP A 467 20.71 -42.53 -4.94
CA TRP A 467 21.26 -43.82 -4.49
C TRP A 467 20.41 -44.41 -3.37
N LEU A 468 19.93 -43.56 -2.47
CA LEU A 468 19.18 -44.03 -1.32
C LEU A 468 17.76 -44.43 -1.67
N TYR A 469 17.15 -43.78 -2.68
CA TYR A 469 15.81 -44.14 -3.10
C TYR A 469 15.75 -45.57 -3.61
N LEU A 470 16.75 -45.98 -4.40
CA LEU A 470 16.76 -47.34 -4.92
C LEU A 470 17.17 -48.35 -3.86
N ALA A 471 17.97 -47.94 -2.89
CA ALA A 471 18.45 -48.83 -1.83
C ALA A 471 17.56 -48.70 -0.60
N MET A 472 16.28 -48.98 -0.80
CA MET A 472 15.30 -48.96 0.28
C MET A 472 14.58 -50.30 0.33
N GLY A 473 14.42 -50.93 -0.83
CA GLY A 473 13.80 -52.24 -0.90
C GLY A 473 14.68 -53.39 -0.47
N VAL A 474 15.97 -53.14 -0.25
CA VAL A 474 16.86 -54.19 0.21
C VAL A 474 16.91 -54.25 1.74
N ILE A 475 16.95 -53.10 2.42
CA ILE A 475 16.96 -53.08 3.87
C ILE A 475 15.58 -53.41 4.41
N ILE A 476 14.57 -52.69 3.92
CA ILE A 476 13.17 -52.94 4.25
C ILE A 476 12.51 -53.53 3.01
N GLY A 477 11.71 -54.58 3.21
CA GLY A 477 11.15 -55.29 2.10
C GLY A 477 10.99 -56.76 2.41
N SER A 478 11.74 -57.23 3.41
CA SER A 478 11.50 -58.55 3.97
C SER A 478 10.36 -58.55 4.98
N ALA A 479 9.83 -57.37 5.31
CA ALA A 479 8.75 -57.24 6.27
C ALA A 479 7.43 -56.83 5.60
N VAL A 480 7.39 -56.78 4.27
CA VAL A 480 6.16 -56.38 3.60
C VAL A 480 5.16 -57.52 3.60
N ILE A 481 5.54 -58.69 3.10
CA ILE A 481 4.61 -59.82 3.06
C ILE A 481 4.21 -60.27 4.45
N PRO A 482 5.11 -60.43 5.44
CA PRO A 482 4.66 -60.82 6.77
C PRO A 482 3.65 -59.87 7.39
N ILE A 483 3.81 -58.56 7.19
CA ILE A 483 2.84 -57.60 7.70
C ILE A 483 1.54 -57.65 6.90
N ALA A 484 1.64 -57.83 5.58
CA ALA A 484 0.45 -57.90 4.75
C ALA A 484 -0.42 -59.10 5.12
N LEU A 485 0.21 -60.25 5.38
CA LEU A 485 -0.55 -61.43 5.75
C LEU A 485 -0.98 -61.43 7.21
N LEU A 486 -0.55 -60.44 7.99
CA LEU A 486 -1.01 -60.31 9.37
C LEU A 486 -2.49 -60.04 9.48
N LEU A 487 -3.11 -59.46 8.44
CA LEU A 487 -4.50 -59.03 8.53
C LEU A 487 -5.34 -59.50 7.34
N LEU A 488 -4.89 -60.52 6.60
CA LEU A 488 -5.64 -61.00 5.45
C LEU A 488 -6.15 -62.43 5.64
N TRP A 489 -5.27 -63.39 5.86
CA TRP A 489 -5.67 -64.79 5.98
C TRP A 489 -5.15 -65.36 7.29
N ARG A 490 -6.04 -66.05 8.01
CA ARG A 490 -5.89 -66.24 9.45
C ARG A 490 -5.23 -67.57 9.80
N LYS A 491 -4.01 -67.75 9.30
CA LYS A 491 -3.09 -68.74 9.87
C LYS A 491 -1.85 -68.08 10.44
N ALA A 492 -1.09 -67.36 9.62
CA ALA A 492 -0.05 -66.42 10.04
C ALA A 492 0.85 -67.00 11.13
N ASN A 493 1.59 -68.05 10.76
CA ASN A 493 2.45 -68.72 11.72
C ASN A 493 3.45 -67.74 12.32
N ALA A 494 3.49 -67.68 13.66
CA ALA A 494 4.40 -66.78 14.35
C ALA A 494 5.85 -67.17 14.08
N LEU A 495 6.15 -68.46 14.07
CA LEU A 495 7.49 -68.94 13.74
C LEU A 495 7.66 -68.85 12.23
N GLY A 496 8.39 -67.85 11.78
CA GLY A 496 8.55 -67.61 10.35
C GLY A 496 8.43 -66.14 10.01
N ALA A 497 7.58 -65.42 10.75
CA ALA A 497 7.51 -63.97 10.57
C ALA A 497 8.83 -63.32 10.99
N ILE A 498 9.40 -63.76 12.11
CA ILE A 498 10.73 -63.33 12.50
C ILE A 498 11.81 -64.20 11.87
N LEU A 499 11.46 -65.37 11.34
CA LEU A 499 12.39 -66.23 10.63
C LEU A 499 12.39 -65.97 9.13
N GLY A 500 11.55 -65.04 8.66
CA GLY A 500 11.56 -64.63 7.27
C GLY A 500 12.07 -63.21 7.11
N ALA A 501 11.98 -62.44 8.20
CA ALA A 501 12.52 -61.09 8.18
C ALA A 501 14.04 -61.08 8.27
N VAL A 502 14.63 -62.09 8.93
CA VAL A 502 16.08 -62.22 8.97
C VAL A 502 16.62 -63.17 7.91
N SER A 503 15.77 -64.03 7.34
CA SER A 503 16.14 -64.82 6.18
C SER A 503 16.00 -64.03 4.90
N GLY A 504 15.54 -62.79 5.00
CA GLY A 504 15.36 -61.86 3.91
C GLY A 504 16.51 -60.88 3.87
N CYS A 505 16.37 -59.74 4.57
CA CYS A 505 17.28 -58.61 4.54
C CYS A 505 18.75 -58.96 4.37
N VAL A 506 19.29 -59.84 5.22
CA VAL A 506 20.71 -60.16 5.10
C VAL A 506 20.97 -60.93 3.82
N LEU A 507 20.09 -61.88 3.48
CA LEU A 507 20.22 -62.61 2.23
C LEU A 507 19.93 -61.74 1.02
N GLY A 508 19.36 -60.56 1.21
CA GLY A 508 19.18 -59.61 0.14
C GLY A 508 20.42 -58.76 -0.08
N VAL A 509 20.97 -58.23 1.02
CA VAL A 509 22.17 -57.42 0.92
C VAL A 509 23.35 -58.25 0.43
N THR A 510 23.41 -59.53 0.82
CA THR A 510 24.49 -60.38 0.35
C THR A 510 24.48 -60.49 -1.17
N VAL A 511 23.33 -60.78 -1.77
CA VAL A 511 23.26 -60.90 -3.21
C VAL A 511 23.46 -59.55 -3.89
N TRP A 512 22.94 -58.47 -3.28
CA TRP A 512 23.07 -57.16 -3.90
C TRP A 512 24.52 -56.71 -3.96
N LEU A 513 25.31 -57.02 -2.93
CA LEU A 513 26.72 -56.69 -2.96
C LEU A 513 27.58 -57.76 -3.64
N SER A 514 27.04 -58.94 -3.88
CA SER A 514 27.79 -59.97 -4.59
C SER A 514 27.65 -59.84 -6.11
N VAL A 515 26.46 -59.46 -6.59
CA VAL A 515 26.30 -59.16 -8.01
C VAL A 515 27.15 -57.95 -8.38
N ALA A 516 27.15 -56.92 -7.53
CA ALA A 516 28.04 -55.79 -7.72
C ALA A 516 29.50 -56.17 -7.56
N LYS A 517 29.80 -57.30 -6.89
CA LYS A 517 31.17 -57.69 -6.68
C LYS A 517 31.83 -58.11 -7.99
N VAL A 518 31.39 -59.23 -8.58
CA VAL A 518 31.85 -59.55 -9.92
C VAL A 518 30.81 -59.10 -10.95
N GLN A 519 30.72 -57.78 -11.16
CA GLN A 519 30.24 -57.22 -12.41
C GLN A 519 30.97 -55.95 -12.82
N TYR A 520 31.53 -55.20 -11.87
CA TYR A 520 32.32 -54.00 -12.15
C TYR A 520 33.68 -54.01 -11.50
N GLY A 521 33.96 -54.97 -10.62
CA GLY A 521 35.22 -55.00 -9.90
C GLY A 521 35.08 -54.57 -8.46
N ARG A 522 35.49 -53.34 -8.16
CA ARG A 522 35.49 -52.85 -6.81
C ARG A 522 34.06 -52.66 -6.31
N VAL A 523 33.94 -52.46 -4.99
CA VAL A 523 32.66 -52.19 -4.35
C VAL A 523 32.70 -50.78 -3.79
N ASP A 524 31.86 -49.90 -4.35
CA ASP A 524 31.76 -48.53 -3.89
C ASP A 524 30.39 -48.00 -4.28
N LEU A 525 30.15 -46.72 -3.99
CA LEU A 525 28.85 -46.13 -4.25
C LEU A 525 28.52 -46.10 -5.74
N ASP A 526 29.53 -45.90 -6.59
CA ASP A 526 29.29 -45.78 -8.01
C ASP A 526 29.08 -47.12 -8.70
N SER A 527 29.42 -48.24 -8.05
CA SER A 527 29.25 -49.55 -8.64
C SER A 527 28.15 -50.39 -8.00
N THR A 528 27.95 -50.27 -6.68
CA THR A 528 26.93 -51.05 -6.00
C THR A 528 25.53 -50.56 -6.30
N GLY A 529 25.38 -49.39 -6.90
CA GLY A 529 24.06 -48.84 -7.13
C GLY A 529 23.83 -48.37 -8.55
N ARG A 530 24.33 -49.10 -9.55
CA ARG A 530 24.19 -48.61 -10.91
C ARG A 530 22.80 -48.92 -11.49
N ASN A 531 22.58 -50.17 -11.92
CA ASN A 531 21.21 -50.58 -12.21
C ASN A 531 20.98 -52.06 -11.95
N ALA A 532 22.04 -52.86 -12.08
CA ALA A 532 21.97 -54.32 -12.01
C ALA A 532 21.99 -54.86 -10.58
N PRO A 533 22.91 -54.41 -9.71
CA PRO A 533 22.93 -54.95 -8.35
C PRO A 533 21.65 -54.70 -7.57
N MET A 534 21.00 -53.56 -7.79
CA MET A 534 19.84 -53.19 -6.99
C MET A 534 18.53 -53.78 -7.52
N LEU A 535 18.53 -54.32 -8.73
CA LEU A 535 17.39 -55.12 -9.17
C LEU A 535 17.42 -56.52 -8.55
N ALA A 536 18.61 -57.07 -8.38
CA ALA A 536 18.77 -58.38 -7.75
C ALA A 536 18.55 -58.36 -6.26
N GLY A 537 18.67 -57.20 -5.62
CA GLY A 537 18.45 -57.09 -4.19
C GLY A 537 17.00 -56.86 -3.82
N ASN A 538 16.31 -56.04 -4.61
CA ASN A 538 14.90 -55.76 -4.37
C ASN A 538 14.00 -56.93 -4.75
N LEU A 539 14.50 -57.90 -5.52
CA LEU A 539 13.72 -59.06 -5.89
C LEU A 539 14.02 -60.30 -5.05
N VAL A 540 15.13 -60.30 -4.32
CA VAL A 540 15.45 -61.42 -3.43
C VAL A 540 15.12 -61.12 -1.99
N SER A 541 14.90 -59.85 -1.63
CA SER A 541 14.56 -59.47 -0.28
C SER A 541 13.06 -59.43 -0.02
N ILE A 542 12.23 -59.65 -1.03
CA ILE A 542 10.78 -59.62 -0.86
C ILE A 542 10.18 -60.94 -1.31
N LEU A 543 10.86 -61.61 -2.23
CA LEU A 543 10.44 -62.93 -2.69
C LEU A 543 10.94 -64.06 -1.79
N VAL A 544 11.78 -63.75 -0.81
CA VAL A 544 12.18 -64.73 0.19
C VAL A 544 11.42 -64.52 1.50
N GLY A 545 11.29 -63.27 1.92
CA GLY A 545 10.45 -62.92 3.05
C GLY A 545 9.00 -62.93 2.66
N GLY A 546 8.40 -64.11 2.63
CA GLY A 546 7.07 -64.31 2.11
C GLY A 546 6.96 -65.63 1.37
N ALA A 547 8.10 -66.20 1.01
CA ALA A 547 8.16 -67.56 0.49
C ALA A 547 8.58 -68.57 1.55
N VAL A 548 9.50 -68.20 2.43
CA VAL A 548 9.85 -69.08 3.53
C VAL A 548 8.84 -68.95 4.66
N HIS A 549 8.20 -67.79 4.79
CA HIS A 549 7.16 -67.63 5.80
C HIS A 549 5.91 -68.41 5.43
N ALA A 550 5.57 -68.45 4.14
CA ALA A 550 4.46 -69.29 3.69
C ALA A 550 4.75 -70.77 3.89
N ALA A 551 6.02 -71.17 3.88
CA ALA A 551 6.35 -72.57 4.11
C ALA A 551 6.05 -72.99 5.54
N CYS A 552 6.46 -72.17 6.51
CA CYS A 552 6.16 -72.47 7.91
C CYS A 552 4.70 -72.27 8.24
N SER A 553 3.98 -71.45 7.47
CA SER A 553 2.57 -71.22 7.72
C SER A 553 1.71 -72.39 7.29
N LEU A 554 2.21 -73.25 6.41
CA LEU A 554 1.47 -74.42 5.96
C LEU A 554 1.76 -75.66 6.79
N ALA A 555 2.61 -75.54 7.81
CA ALA A 555 2.97 -76.66 8.67
C ALA A 555 2.40 -76.55 10.08
N TRP A 556 2.44 -75.36 10.67
CA TRP A 556 1.88 -75.12 12.00
C TRP A 556 0.94 -73.91 11.93
N PRO A 557 -0.24 -74.07 11.34
CA PRO A 557 -1.19 -72.95 11.27
C PRO A 557 -1.77 -72.66 12.65
N GLN A 558 -1.60 -71.41 13.10
CA GLN A 558 -2.11 -71.03 14.41
C GLN A 558 -3.62 -71.01 14.45
N HIS A 559 -4.28 -70.74 13.33
CA HIS A 559 -5.74 -70.61 13.25
C HIS A 559 -6.25 -69.56 14.25
N TYR A 560 -5.85 -68.32 13.99
CA TYR A 560 -6.23 -67.20 14.85
C TYR A 560 -7.73 -66.95 14.77
N ASP A 561 -8.34 -66.62 15.91
CA ASP A 561 -9.78 -66.43 16.01
C ASP A 561 -10.21 -64.97 15.87
N TRP A 562 -9.27 -64.05 15.69
CA TRP A 562 -9.58 -62.61 15.53
C TRP A 562 -10.40 -62.09 16.70
N GLU A 563 -10.06 -62.49 17.92
CA GLU A 563 -10.77 -62.00 19.10
C GLU A 563 -9.79 -61.40 20.10
N SER A 564 -8.59 -61.97 20.19
CA SER A 564 -7.58 -61.48 21.13
C SER A 564 -6.96 -60.18 20.64
N LYS A 585 -21.93 -50.69 10.91
CA LYS A 585 -22.72 -51.86 10.53
C LYS A 585 -21.89 -52.81 9.67
N GLU A 586 -21.91 -54.10 10.05
CA GLU A 586 -21.13 -55.08 9.30
C GLU A 586 -21.66 -55.24 7.88
N GLU A 587 -22.98 -55.21 7.70
CA GLU A 587 -23.54 -55.31 6.36
C GLU A 587 -23.19 -54.10 5.51
N ARG A 588 -23.05 -52.93 6.13
CA ARG A 588 -22.61 -51.75 5.38
C ARG A 588 -21.12 -51.80 5.09
N LEU A 589 -20.33 -52.35 6.02
CA LEU A 589 -18.88 -52.37 5.84
C LEU A 589 -18.43 -53.44 4.86
N VAL A 590 -19.17 -54.54 4.74
CA VAL A 590 -18.81 -55.55 3.76
C VAL A 590 -18.99 -55.00 2.34
N HIS A 591 -19.85 -54.00 2.17
CA HIS A 591 -19.95 -53.30 0.90
C HIS A 591 -18.69 -52.53 0.57
N ALA A 592 -17.90 -52.15 1.58
CA ALA A 592 -16.69 -51.39 1.33
C ALA A 592 -15.66 -52.21 0.57
N LYS A 593 -15.49 -53.48 0.92
CA LYS A 593 -14.59 -54.34 0.15
C LYS A 593 -15.32 -54.98 -1.02
N ARG A 594 -16.10 -54.16 -1.73
CA ARG A 594 -16.61 -54.50 -3.04
C ARG A 594 -16.54 -53.35 -4.03
N TRP A 595 -16.45 -52.10 -3.58
CA TRP A 595 -16.27 -50.96 -4.46
C TRP A 595 -14.81 -50.60 -4.66
N ILE A 596 -13.94 -50.97 -3.71
CA ILE A 596 -12.52 -50.68 -3.82
C ILE A 596 -11.73 -51.90 -4.27
N ILE A 597 -12.38 -53.04 -4.47
CA ILE A 597 -11.71 -54.22 -5.00
C ILE A 597 -12.23 -54.61 -6.38
N LYS A 598 -13.50 -54.31 -6.69
CA LYS A 598 -14.04 -54.59 -8.03
C LYS A 598 -13.77 -53.40 -8.95
N TRP A 599 -14.24 -52.21 -8.58
CA TRP A 599 -13.79 -51.00 -9.24
C TRP A 599 -12.36 -50.63 -8.88
N GLY A 600 -11.81 -51.27 -7.84
CA GLY A 600 -10.41 -51.04 -7.51
C GLY A 600 -9.48 -51.44 -8.65
N VAL A 601 -9.69 -52.64 -9.19
CA VAL A 601 -8.92 -53.01 -10.38
C VAL A 601 -9.72 -52.58 -11.61
N ALA A 602 -9.74 -51.27 -11.85
CA ALA A 602 -10.16 -50.68 -13.11
C ALA A 602 -9.30 -49.49 -13.49
N PHE A 603 -8.54 -48.93 -12.56
CA PHE A 603 -7.53 -47.91 -12.81
C PHE A 603 -6.16 -48.36 -12.33
N THR A 604 -5.94 -49.67 -12.24
CA THR A 604 -4.62 -50.24 -12.00
C THR A 604 -4.11 -51.06 -13.16
N ALA A 605 -4.99 -51.53 -14.04
CA ALA A 605 -4.61 -52.20 -15.27
C ALA A 605 -4.79 -51.34 -16.49
N VAL A 606 -5.79 -50.45 -16.50
CA VAL A 606 -5.94 -49.50 -17.60
C VAL A 606 -4.79 -48.52 -17.61
N ILE A 607 -4.30 -48.12 -16.43
CA ILE A 607 -3.26 -47.10 -16.36
C ILE A 607 -1.86 -47.69 -16.45
N ALA A 608 -1.70 -48.99 -16.16
CA ALA A 608 -0.37 -49.58 -16.05
C ALA A 608 -0.13 -50.81 -16.92
N VAL A 609 -1.17 -51.45 -17.46
CA VAL A 609 -1.02 -52.68 -18.21
C VAL A 609 -1.40 -52.49 -19.69
N VAL A 610 -2.63 -52.07 -19.95
CA VAL A 610 -3.07 -51.97 -21.34
C VAL A 610 -2.52 -50.71 -22.02
N TRP A 611 -2.35 -49.62 -21.28
CA TRP A 611 -1.81 -48.40 -21.88
C TRP A 611 -0.40 -48.59 -22.42
N PRO A 612 0.56 -49.14 -21.67
CA PRO A 612 1.91 -49.30 -22.25
C PRO A 612 1.95 -50.24 -23.44
N VAL A 613 1.22 -51.36 -23.39
CA VAL A 613 1.25 -52.28 -24.51
C VAL A 613 0.56 -51.68 -25.74
N LEU A 614 -0.44 -50.83 -25.53
CA LEU A 614 -1.03 -50.12 -26.66
C LEU A 614 -0.08 -49.07 -27.20
N SER A 615 0.75 -48.47 -26.34
CA SER A 615 1.69 -47.45 -26.77
C SER A 615 2.97 -48.02 -27.36
N LEU A 616 3.23 -49.32 -27.19
CA LEU A 616 4.44 -49.91 -27.74
C LEU A 616 4.54 -49.77 -29.26
N PRO A 617 3.50 -50.10 -30.06
CA PRO A 617 3.67 -49.99 -31.52
C PRO A 617 3.65 -48.54 -32.00
N ALA A 618 4.61 -47.75 -31.53
CA ALA A 618 4.76 -46.37 -31.98
C ALA A 618 6.19 -45.99 -32.35
N GLY A 619 7.19 -46.75 -31.91
CA GLY A 619 8.57 -46.40 -32.21
C GLY A 619 8.91 -45.03 -31.66
N ARG A 620 9.70 -44.29 -32.43
CA ARG A 620 9.92 -42.88 -32.09
C ARG A 620 8.62 -42.12 -32.27
N TYR A 621 8.31 -41.26 -31.30
CA TYR A 621 7.05 -40.54 -31.33
C TYR A 621 7.03 -39.56 -32.50
N SER A 622 6.02 -39.66 -33.34
CA SER A 622 5.83 -38.72 -34.42
C SER A 622 5.35 -37.38 -33.88
N ALA A 623 5.42 -36.35 -34.72
CA ALA A 623 5.01 -35.02 -34.30
C ALA A 623 3.54 -34.97 -33.93
N GLY A 624 2.73 -35.87 -34.47
CA GLY A 624 1.30 -35.89 -34.17
C GLY A 624 0.94 -36.83 -33.05
N TYR A 625 1.89 -37.67 -32.63
CA TYR A 625 1.65 -38.61 -31.54
C TYR A 625 2.18 -38.12 -30.20
N PHE A 626 3.34 -37.47 -30.20
CA PHE A 626 3.83 -36.83 -28.98
C PHE A 626 2.97 -35.62 -28.61
N THR A 627 2.41 -34.95 -29.61
CA THR A 627 1.53 -33.82 -29.33
C THR A 627 0.20 -34.25 -28.73
N MET A 628 -0.11 -35.54 -28.72
CA MET A 628 -1.22 -36.10 -27.97
C MET A 628 -0.82 -36.48 -26.55
N TRP A 629 0.40 -37.00 -26.40
CA TRP A 629 0.94 -37.32 -25.08
C TRP A 629 1.03 -36.06 -24.23
N ALA A 630 1.47 -34.94 -24.83
CA ALA A 630 1.53 -33.68 -24.10
C ALA A 630 0.14 -33.19 -23.70
N VAL A 631 -0.85 -33.35 -24.57
CA VAL A 631 -2.21 -32.94 -24.20
C VAL A 631 -2.77 -33.81 -23.08
N ILE A 632 -2.48 -35.11 -23.10
CA ILE A 632 -2.88 -35.96 -21.97
C ILE A 632 -2.24 -35.47 -20.69
N ALA A 633 -0.94 -35.14 -20.76
CA ALA A 633 -0.24 -34.64 -19.58
C ALA A 633 -0.83 -33.34 -19.05
N ILE A 634 -1.19 -32.42 -19.92
CA ILE A 634 -1.78 -31.15 -19.48
C ILE A 634 -3.19 -31.37 -18.94
N ALA A 635 -3.99 -32.18 -19.63
CA ALA A 635 -5.38 -32.37 -19.21
C ALA A 635 -5.46 -33.09 -17.88
N TRP A 636 -4.53 -34.00 -17.61
CA TRP A 636 -4.55 -34.67 -16.30
C TRP A 636 -4.28 -33.69 -15.18
N GLY A 637 -3.55 -32.61 -15.47
CA GLY A 637 -3.24 -31.60 -14.46
C GLY A 637 -4.24 -30.47 -14.39
N THR A 638 -5.07 -30.32 -15.41
CA THR A 638 -6.14 -29.32 -15.37
C THR A 638 -7.46 -29.88 -14.84
N VAL A 639 -7.79 -31.13 -15.17
CA VAL A 639 -8.95 -31.81 -14.60
C VAL A 639 -8.46 -32.44 -13.30
N GLY A 640 -7.23 -32.08 -12.93
CA GLY A 640 -6.53 -32.50 -11.74
C GLY A 640 -6.67 -31.42 -10.68
N SER A 641 -5.74 -30.48 -10.66
CA SER A 641 -5.80 -29.39 -9.70
C SER A 641 -6.91 -28.41 -10.02
N ALA A 642 -8.12 -28.93 -10.21
CA ALA A 642 -9.33 -28.14 -10.22
C ALA A 642 -10.45 -28.85 -9.47
N VAL A 643 -10.20 -30.06 -8.97
CA VAL A 643 -11.12 -30.76 -8.10
C VAL A 643 -10.71 -30.63 -6.64
N ILE A 644 -9.43 -30.86 -6.34
CA ILE A 644 -8.94 -30.74 -4.97
C ILE A 644 -8.99 -29.31 -4.46
N ILE A 645 -8.94 -28.33 -5.35
CA ILE A 645 -9.01 -26.94 -4.90
C ILE A 645 -10.44 -26.46 -4.70
N PHE A 646 -11.41 -27.00 -5.46
CA PHE A 646 -12.77 -26.50 -5.41
C PHE A 646 -13.78 -27.42 -4.75
N LEU A 647 -13.62 -28.74 -4.84
CA LEU A 647 -14.59 -29.64 -4.20
C LEU A 647 -14.65 -29.46 -2.69
N PRO A 648 -13.53 -29.42 -1.95
CA PRO A 648 -13.64 -29.16 -0.50
C PRO A 648 -14.25 -27.80 -0.19
N LEU A 649 -14.08 -26.81 -1.05
CA LEU A 649 -14.71 -25.51 -0.81
C LEU A 649 -16.23 -25.62 -0.89
N VAL A 650 -16.75 -26.35 -1.88
CA VAL A 650 -18.20 -26.46 -2.04
C VAL A 650 -18.81 -27.51 -1.13
N GLU A 651 -18.00 -28.36 -0.51
CA GLU A 651 -18.52 -29.28 0.49
C GLU A 651 -18.54 -28.70 1.90
N SER A 652 -17.96 -27.51 2.10
CA SER A 652 -17.94 -26.86 3.40
C SER A 652 -18.28 -25.38 3.26
N TRP A 653 -19.23 -25.06 2.38
CA TRP A 653 -19.62 -23.67 2.21
C TRP A 653 -20.42 -23.14 3.39
N ASP A 654 -21.16 -24.02 4.07
CA ASP A 654 -21.95 -23.62 5.23
C ASP A 654 -21.08 -23.20 6.42
N THR A 655 -19.79 -23.53 6.41
CA THR A 655 -18.86 -23.08 7.44
C THR A 655 -18.16 -21.78 7.06
N ILE A 656 -17.70 -21.66 5.81
CA ILE A 656 -17.07 -20.43 5.38
C ILE A 656 -18.06 -19.29 5.26
N CYS A 657 -19.35 -19.59 5.10
CA CYS A 657 -20.35 -18.53 5.18
C CYS A 657 -20.58 -18.10 6.62
N LYS A 658 -20.62 -19.08 7.53
CA LYS A 658 -20.84 -18.76 8.94
C LYS A 658 -19.70 -17.94 9.52
N VAL A 659 -18.46 -18.25 9.13
CA VAL A 659 -17.33 -17.51 9.68
C VAL A 659 -17.37 -16.05 9.24
N CYS A 660 -17.70 -15.79 7.97
CA CYS A 660 -17.84 -14.42 7.50
C CYS A 660 -19.02 -13.74 8.18
N GLU A 661 -20.10 -14.49 8.41
CA GLU A 661 -21.21 -13.97 9.21
C GLU A 661 -20.75 -13.97 10.67
N GLY A 662 -19.98 -12.95 11.01
CA GLY A 662 -19.39 -12.86 12.33
C GLY A 662 -18.00 -12.27 12.33
N MET A 663 -17.26 -12.43 11.23
CA MET A 663 -16.02 -11.67 11.09
C MET A 663 -16.29 -10.20 10.78
N PHE A 664 -17.27 -9.95 9.92
CA PHE A 664 -17.57 -8.59 9.46
C PHE A 664 -18.84 -8.03 10.06
N THR A 665 -19.96 -8.71 9.91
CA THR A 665 -21.23 -8.22 10.45
C THR A 665 -21.27 -8.38 11.96
N ASN A 666 -22.27 -7.77 12.57
CA ASN A 666 -22.49 -7.85 14.02
C ASN A 666 -23.85 -8.45 14.33
N ASN A 667 -24.19 -9.54 13.65
CA ASN A 667 -25.50 -10.14 13.80
C ASN A 667 -25.71 -10.74 15.19
N ALA A 668 -24.61 -11.12 15.87
CA ALA A 668 -24.75 -11.68 17.21
C ALA A 668 -25.30 -10.65 18.19
N VAL A 669 -24.81 -9.41 18.12
CA VAL A 669 -25.32 -8.35 18.97
C VAL A 669 -26.80 -8.13 18.70
N TYR A 670 -27.19 -8.13 17.43
CA TYR A 670 -28.59 -7.93 17.08
C TYR A 670 -29.46 -9.04 17.64
N GLU A 671 -29.01 -10.29 17.54
CA GLU A 671 -29.83 -11.39 18.03
C GLU A 671 -29.97 -11.36 19.54
N ARG A 672 -28.90 -11.02 20.26
CA ARG A 672 -29.03 -10.89 21.71
C ARG A 672 -29.96 -9.77 22.10
N LEU A 673 -29.83 -8.61 21.44
CA LEU A 673 -30.69 -7.49 21.78
C LEU A 673 -32.15 -7.81 21.49
N ASP A 674 -32.42 -8.52 20.39
CA ASP A 674 -33.78 -8.94 20.10
C ASP A 674 -34.31 -9.89 21.16
N GLU A 675 -33.49 -10.88 21.57
CA GLU A 675 -34.01 -11.89 22.48
C GLU A 675 -34.20 -11.35 23.89
N MET A 676 -33.44 -10.32 24.28
CA MET A 676 -33.72 -9.68 25.56
C MET A 676 -34.75 -8.57 25.47
N ASN A 677 -35.05 -8.09 24.27
CA ASN A 677 -36.16 -7.15 24.09
C ASN A 677 -37.49 -7.87 24.19
N LEU A 678 -37.58 -9.06 23.61
CA LEU A 678 -38.82 -9.82 23.69
C LEU A 678 -39.13 -10.21 25.13
N ARG A 679 -38.13 -10.35 25.98
CA ARG A 679 -38.38 -10.68 27.38
C ARG A 679 -39.08 -9.52 28.08
N LEU A 680 -38.61 -8.30 27.85
CA LEU A 680 -39.30 -7.14 28.40
C LEU A 680 -40.71 -7.02 27.83
N LYS A 681 -40.87 -7.33 26.55
CA LYS A 681 -42.22 -7.34 25.98
C LYS A 681 -43.12 -8.33 26.69
N ALA A 682 -42.59 -9.50 27.04
CA ALA A 682 -43.38 -10.51 27.75
C ALA A 682 -43.76 -10.01 29.16
N ILE A 683 -42.78 -9.50 29.90
CA ILE A 683 -43.08 -8.99 31.25
C ILE A 683 -44.06 -7.84 31.17
N MET A 684 -44.06 -7.10 30.06
CA MET A 684 -44.88 -5.92 29.93
C MET A 684 -46.29 -6.24 29.43
N GLY A 685 -46.46 -7.36 28.74
CA GLY A 685 -47.76 -7.67 28.17
C GLY A 685 -48.85 -7.87 29.22
N ASP A 686 -48.55 -8.67 30.25
CA ASP A 686 -49.55 -8.95 31.28
C ASP A 686 -49.73 -7.77 32.22
N MET A 687 -48.70 -6.97 32.42
CA MET A 687 -48.76 -5.80 33.28
C MET A 687 -49.28 -4.62 32.48
N PRO A 688 -50.55 -4.25 32.64
CA PRO A 688 -51.17 -3.31 31.70
C PRO A 688 -50.88 -1.84 31.99
N GLU A 689 -50.57 -1.52 33.24
CA GLU A 689 -50.37 -0.12 33.61
C GLU A 689 -49.17 0.49 32.90
N ALA A 690 -48.09 -0.28 32.76
CA ALA A 690 -46.88 0.25 32.12
C ALA A 690 -47.02 0.36 30.61
N GLU A 691 -47.95 -0.39 30.01
CA GLU A 691 -48.10 -0.36 28.56
C GLU A 691 -48.47 1.04 28.07
N GLU A 692 -49.48 1.65 28.67
CA GLU A 692 -49.91 2.97 28.25
C GLU A 692 -48.82 4.01 28.48
N ARG A 693 -48.11 3.90 29.61
CA ARG A 693 -47.05 4.85 29.90
C ARG A 693 -45.92 4.74 28.88
N TYR A 694 -45.54 3.52 28.50
CA TYR A 694 -44.50 3.39 27.48
C TYR A 694 -44.99 3.89 26.14
N GLN A 695 -46.26 3.64 25.81
CA GLN A 695 -46.79 4.11 24.53
C GLN A 695 -46.74 5.63 24.46
N GLU A 696 -47.14 6.32 25.52
CA GLU A 696 -47.10 7.77 25.49
C GLU A 696 -45.68 8.29 25.56
N MET A 697 -44.78 7.60 26.26
CA MET A 697 -43.39 8.02 26.29
C MET A 697 -42.71 7.82 24.96
N GLN A 698 -43.19 6.88 24.15
CA GLN A 698 -42.60 6.61 22.85
C GLN A 698 -43.18 7.49 21.75
N LYS A 699 -44.49 7.77 21.79
CA LYS A 699 -45.06 8.59 20.73
C LYS A 699 -44.68 10.06 20.85
N GLU A 700 -44.12 10.48 21.98
CA GLU A 700 -43.67 11.86 22.14
C GLU A 700 -42.23 12.07 21.68
N LYS A 701 -41.58 11.03 21.16
CA LYS A 701 -40.20 11.14 20.73
C LYS A 701 -40.09 12.00 19.48
N ALA B 8 42.92 6.02 -8.49
CA ALA B 8 43.27 5.41 -7.22
C ALA B 8 44.67 4.81 -7.26
N CYS B 9 45.55 5.31 -6.39
CA CYS B 9 46.91 4.81 -6.32
C CYS B 9 47.06 3.92 -5.10
N PRO B 10 47.14 2.61 -5.24
CA PRO B 10 47.33 1.74 -4.09
C PRO B 10 48.80 1.50 -3.82
N PRO B 11 49.26 1.77 -2.60
CA PRO B 11 50.62 1.40 -2.24
C PRO B 11 50.76 -0.12 -2.17
N PRO B 12 51.97 -0.65 -2.33
CA PRO B 12 52.14 -2.10 -2.27
C PRO B 12 51.67 -2.67 -0.93
N GLY B 13 51.02 -3.83 -0.99
CA GLY B 13 50.52 -4.48 0.20
C GLY B 13 49.21 -3.93 0.73
N LEU B 14 48.59 -2.98 0.04
CA LEU B 14 47.33 -2.36 0.48
C LEU B 14 46.33 -2.43 -0.68
N GLY B 15 45.62 -3.55 -0.77
CA GLY B 15 44.58 -3.70 -1.75
C GLY B 15 43.26 -3.15 -1.23
N PHE B 16 42.99 -3.41 0.05
CA PHE B 16 41.84 -2.82 0.71
C PHE B 16 41.93 -1.31 0.80
N GLY B 17 43.14 -0.76 0.68
CA GLY B 17 43.33 0.69 0.67
C GLY B 17 43.07 1.28 -0.69
N GLY B 18 41.80 1.46 -1.03
CA GLY B 18 41.44 1.88 -2.37
C GLY B 18 41.37 3.39 -2.52
N GLU B 19 40.16 3.91 -2.76
CA GLU B 19 39.97 5.33 -3.02
C GLU B 19 40.42 6.22 -1.87
N TYR B 20 40.84 5.63 -0.74
CA TYR B 20 41.29 6.42 0.39
C TYR B 20 42.58 7.18 0.07
N TYR B 21 43.44 6.59 -0.77
CA TYR B 21 44.69 7.22 -1.14
C TYR B 21 44.47 8.08 -2.39
N SER B 22 44.77 9.38 -2.28
CA SER B 22 44.48 10.31 -3.36
C SER B 22 45.53 10.22 -4.47
N VAL B 23 45.20 10.81 -5.62
CA VAL B 23 46.06 10.76 -6.79
C VAL B 23 46.29 12.17 -7.35
N VAL B 24 45.80 13.19 -6.65
CA VAL B 24 45.98 14.56 -7.09
C VAL B 24 47.47 14.89 -7.09
N ASP B 25 47.93 15.57 -8.15
CA ASP B 25 49.34 15.88 -8.39
C ASP B 25 50.23 14.69 -8.06
N GLY B 26 49.72 13.49 -8.30
CA GLY B 26 50.35 12.24 -7.92
C GLY B 26 50.11 11.91 -6.46
N ALA B 27 50.91 12.49 -5.56
CA ALA B 27 50.66 12.55 -4.12
C ALA B 27 49.96 11.31 -3.59
N CYS B 28 50.56 10.14 -3.78
CA CYS B 28 49.86 8.89 -3.49
C CYS B 28 49.70 8.73 -1.99
N SER B 29 48.78 9.51 -1.41
CA SER B 29 48.62 9.60 0.03
C SER B 29 47.14 9.71 0.37
N ARG B 30 46.81 9.43 1.63
CA ARG B 30 45.43 9.46 2.07
C ARG B 30 44.95 10.90 2.26
N ASP B 31 43.62 11.04 2.29
CA ASP B 31 43.02 12.36 2.49
C ASP B 31 43.22 12.83 3.93
N GLY B 32 42.94 14.12 4.14
CA GLY B 32 43.13 14.70 5.45
C GLY B 32 42.22 14.09 6.51
N SER B 33 40.95 13.87 6.16
CA SER B 33 39.98 13.33 7.10
C SER B 33 38.86 12.64 6.33
N PHE B 34 38.20 11.70 7.00
CA PHE B 34 37.07 11.00 6.39
C PHE B 34 35.90 11.94 6.14
N PHE B 35 35.61 12.82 7.09
CA PHE B 35 34.45 13.73 7.01
C PHE B 35 34.86 15.12 6.57
N GLY B 36 35.86 15.22 5.70
CA GLY B 36 36.40 16.50 5.31
C GLY B 36 35.49 17.33 4.43
N GLY B 37 34.40 17.84 5.03
CA GLY B 37 33.52 18.77 4.35
C GLY B 37 32.79 18.24 3.13
N LYS B 38 32.20 17.05 3.26
CA LYS B 38 31.34 16.52 2.20
C LYS B 38 30.11 15.88 2.82
N PRO B 39 28.94 16.49 2.68
CA PRO B 39 27.74 15.97 3.34
C PRO B 39 27.42 14.55 2.88
N VAL B 40 26.96 13.74 3.83
CA VAL B 40 26.61 12.35 3.56
C VAL B 40 25.11 12.09 3.68
N LEU B 41 24.43 12.71 4.65
CA LEU B 41 23.00 12.54 4.84
C LEU B 41 22.29 13.83 4.45
N ALA B 42 21.02 13.70 4.11
CA ALA B 42 20.22 14.87 3.78
C ALA B 42 20.11 15.79 4.99
N GLN B 43 20.20 17.10 4.74
CA GLN B 43 20.19 18.06 5.84
C GLN B 43 18.84 18.16 6.53
N ALA B 44 17.78 17.57 5.96
CA ALA B 44 16.46 17.69 6.56
C ALA B 44 16.23 16.65 7.66
N VAL B 45 16.83 15.46 7.52
CA VAL B 45 16.58 14.41 8.49
C VAL B 45 17.17 14.76 9.85
N GLY B 46 18.30 15.46 9.88
CA GLY B 46 18.91 15.84 11.14
C GLY B 46 18.05 16.75 11.98
N TYR B 47 17.36 17.72 11.36
CA TYR B 47 16.45 18.58 12.10
C TYR B 47 15.27 17.81 12.65
N ALA B 48 14.76 16.85 11.89
CA ALA B 48 13.65 16.02 12.33
C ALA B 48 14.07 14.98 13.37
N VAL B 49 15.37 14.72 13.51
CA VAL B 49 15.85 13.80 14.53
C VAL B 49 16.17 14.53 15.83
N VAL B 50 16.80 15.71 15.73
CA VAL B 50 17.14 16.45 16.93
C VAL B 50 15.87 16.88 17.67
N LEU B 51 14.89 17.40 16.93
CA LEU B 51 13.66 17.89 17.54
C LEU B 51 12.56 16.85 17.57
N GLY B 52 12.34 16.14 16.46
CA GLY B 52 11.19 15.28 16.33
C GLY B 52 11.33 13.90 16.93
N PHE B 53 12.38 13.69 17.72
CA PHE B 53 12.56 12.42 18.41
C PHE B 53 12.27 12.48 19.89
N GLY B 54 12.59 13.60 20.56
CA GLY B 54 12.22 13.74 21.96
C GLY B 54 10.73 13.74 22.16
N ALA B 55 9.99 14.35 21.23
CA ALA B 55 8.53 14.39 21.26
C ALA B 55 7.95 13.28 20.40
N PHE B 56 8.65 12.18 20.29
CA PHE B 56 8.17 11.00 19.59
C PHE B 56 8.19 9.75 20.46
N PHE B 57 9.19 9.61 21.33
CA PHE B 57 9.25 8.49 22.26
C PHE B 57 8.42 8.74 23.51
N ALA B 58 7.84 9.94 23.64
CA ALA B 58 7.00 10.29 24.77
C ALA B 58 5.53 9.96 24.51
N LEU B 59 4.97 10.39 23.37
CA LEU B 59 3.57 10.10 23.12
C LEU B 59 3.34 8.62 22.84
N PHE B 60 4.32 7.93 22.26
CA PHE B 60 4.21 6.49 22.06
C PHE B 60 4.17 5.76 23.41
N THR B 61 5.02 6.18 24.35
CA THR B 61 5.00 5.58 25.68
C THR B 61 3.68 5.87 26.39
N SER B 62 3.16 7.10 26.25
CA SER B 62 1.88 7.40 26.87
C SER B 62 0.76 6.60 26.24
N PHE B 63 0.83 6.33 24.93
CA PHE B 63 -0.14 5.45 24.30
C PHE B 63 -0.07 4.05 24.88
N LEU B 64 1.13 3.48 24.96
CA LEU B 64 1.26 2.12 25.49
C LEU B 64 0.82 2.04 26.95
N VAL B 65 1.02 3.09 27.73
CA VAL B 65 0.59 3.03 29.12
C VAL B 65 -0.89 3.32 29.28
N TRP B 66 -1.51 4.03 28.33
CA TRP B 66 -2.96 4.23 28.37
C TRP B 66 -3.72 2.94 28.07
N LEU B 67 -3.18 2.10 27.20
CA LEU B 67 -3.81 0.80 26.96
C LEU B 67 -3.80 -0.07 28.20
N GLU B 68 -2.70 -0.03 28.97
CA GLU B 68 -2.59 -0.89 30.14
C GLU B 68 -3.62 -0.51 31.20
N LYS B 69 -3.88 0.78 31.37
CA LYS B 69 -4.81 1.24 32.40
C LYS B 69 -6.26 1.16 31.96
N ARG B 70 -6.54 0.78 30.72
CA ARG B 70 -7.89 0.71 30.20
C ARG B 70 -8.42 -0.71 30.09
N TYR B 71 -7.53 -1.71 29.96
CA TYR B 71 -7.95 -3.09 29.85
C TYR B 71 -7.43 -3.99 30.97
N VAL B 72 -6.51 -3.51 31.80
CA VAL B 72 -5.98 -4.29 32.91
C VAL B 72 -6.44 -3.72 34.25
N GLY B 73 -6.10 -2.48 34.54
CA GLY B 73 -6.53 -1.83 35.77
C GLY B 73 -5.43 -1.71 36.80
N ILE B 93 13.18 -6.00 35.42
CA ILE B 93 14.01 -5.44 36.49
C ILE B 93 15.47 -5.52 36.10
N ALA B 94 15.76 -6.32 35.07
CA ALA B 94 17.11 -6.49 34.57
C ALA B 94 17.44 -5.55 33.41
N SER B 95 16.53 -4.66 33.04
CA SER B 95 16.76 -3.72 31.96
C SER B 95 17.16 -2.33 32.43
N VAL B 96 16.85 -1.98 33.68
CA VAL B 96 17.21 -0.67 34.21
C VAL B 96 18.70 -0.51 34.42
N ILE B 97 19.48 -1.57 34.16
CA ILE B 97 20.94 -1.50 34.25
C ILE B 97 21.56 -1.09 32.92
N VAL B 98 20.75 -0.85 31.90
CA VAL B 98 21.21 -0.46 30.58
C VAL B 98 20.87 0.99 30.26
N SER B 99 19.71 1.46 30.72
CA SER B 99 19.19 2.76 30.27
C SER B 99 20.10 3.91 30.68
N GLN B 100 20.66 3.87 31.89
CA GLN B 100 21.47 4.97 32.39
C GLN B 100 22.94 4.81 32.03
N TRP B 101 23.33 3.73 31.34
CA TRP B 101 24.72 3.48 31.02
C TRP B 101 25.05 3.56 29.53
N THR B 102 24.11 3.27 28.64
CA THR B 102 24.39 3.21 27.22
C THR B 102 24.31 4.59 26.56
N TRP B 103 24.48 5.66 27.35
CA TRP B 103 24.44 7.02 26.85
C TRP B 103 25.73 7.32 26.09
N ALA B 104 25.97 8.60 25.81
CA ALA B 104 27.07 8.96 24.93
C ALA B 104 28.40 8.86 25.68
N ALA B 105 28.67 7.69 26.25
CA ALA B 105 29.97 7.37 26.83
C ALA B 105 30.47 5.98 26.46
N THR B 106 29.59 5.05 26.08
CA THR B 106 30.01 3.71 25.69
C THR B 106 29.87 3.45 24.20
N ILE B 107 29.18 4.30 23.47
CA ILE B 107 29.05 4.15 22.02
C ILE B 107 30.03 5.10 21.35
N LEU B 108 30.30 6.24 21.98
CA LEU B 108 31.07 7.32 21.38
C LEU B 108 32.51 7.40 21.86
N GLN B 109 32.90 6.62 22.88
CA GLN B 109 34.29 6.60 23.30
C GLN B 109 34.88 5.21 23.47
N SER B 110 34.09 4.17 23.75
CA SER B 110 34.64 2.83 23.78
C SER B 110 35.28 2.49 22.44
N SER B 111 34.59 2.80 21.35
CA SER B 111 35.19 2.71 20.02
C SER B 111 35.91 4.00 19.66
N ASN B 112 36.68 4.50 20.60
CA ASN B 112 37.75 5.47 20.44
C ASN B 112 39.03 4.96 21.07
N VAL B 113 38.93 4.38 22.27
CA VAL B 113 40.06 3.68 22.87
C VAL B 113 40.31 2.37 22.14
N ALA B 114 39.27 1.75 21.61
CA ALA B 114 39.48 0.60 20.73
C ALA B 114 40.31 1.00 19.51
N TRP B 115 40.05 2.18 18.96
CA TRP B 115 40.82 2.67 17.82
C TRP B 115 42.24 3.03 18.23
N GLN B 116 42.40 3.64 19.40
CA GLN B 116 43.70 4.18 19.79
C GLN B 116 44.65 3.11 20.28
N TYR B 117 44.16 2.06 20.95
CA TYR B 117 45.05 1.03 21.48
C TYR B 117 44.63 -0.39 21.09
N GLY B 118 43.78 -0.54 20.09
CA GLY B 118 43.49 -1.88 19.58
C GLY B 118 42.54 -2.64 20.47
N VAL B 119 42.91 -3.88 20.80
CA VAL B 119 42.00 -4.81 21.47
C VAL B 119 41.97 -4.57 22.97
N SER B 120 43.07 -4.08 23.55
CA SER B 120 43.14 -3.88 24.99
C SER B 120 42.18 -2.80 25.48
N GLY B 121 41.72 -1.92 24.61
CA GLY B 121 40.80 -0.86 24.98
C GLY B 121 39.44 -1.35 25.44
N PRO B 122 38.68 -1.97 24.52
CA PRO B 122 37.34 -2.44 24.91
C PRO B 122 37.37 -3.70 25.74
N PHE B 123 38.24 -3.70 26.71
CA PHE B 123 38.30 -4.58 27.87
C PHE B 123 38.60 -3.78 29.13
N TRP B 124 39.51 -2.81 29.06
CA TRP B 124 39.74 -1.94 30.20
C TRP B 124 38.63 -0.91 30.35
N TYR B 125 37.99 -0.53 29.24
CA TYR B 125 36.86 0.38 29.33
C TYR B 125 35.69 -0.27 30.06
N ALA B 126 35.33 -1.49 29.68
CA ALA B 126 34.28 -2.22 30.38
C ALA B 126 34.84 -3.03 31.54
N SER B 127 35.69 -2.37 32.33
CA SER B 127 36.19 -2.93 33.57
C SER B 127 35.47 -2.39 34.79
N GLY B 128 35.03 -1.13 34.72
CA GLY B 128 34.14 -0.58 35.71
C GLY B 128 32.70 -0.95 35.51
N ALA B 129 32.39 -1.68 34.43
CA ALA B 129 31.01 -2.11 34.19
C ALA B 129 30.52 -3.03 35.30
N THR B 130 31.33 -4.01 35.69
CA THR B 130 30.96 -4.87 36.81
C THR B 130 31.12 -4.13 38.14
N ILE B 131 32.19 -3.35 38.26
CA ILE B 131 32.41 -2.62 39.51
C ILE B 131 31.25 -1.67 39.78
N GLN B 132 30.77 -0.98 38.73
CA GLN B 132 29.65 -0.07 38.90
C GLN B 132 28.42 -0.80 39.43
N VAL B 133 28.07 -1.93 38.82
CA VAL B 133 26.82 -2.60 39.18
C VAL B 133 26.91 -3.20 40.57
N LEU B 134 28.07 -3.78 40.94
CA LEU B 134 28.20 -4.29 42.30
C LEU B 134 28.14 -3.17 43.33
N LEU B 135 28.81 -2.04 43.05
CA LEU B 135 28.76 -0.92 43.97
C LEU B 135 27.34 -0.39 44.13
N PHE B 136 26.59 -0.33 43.02
CA PHE B 136 25.22 0.15 43.09
C PHE B 136 24.33 -0.82 43.85
N GLY B 137 24.56 -2.13 43.70
CA GLY B 137 23.80 -3.08 44.49
C GLY B 137 24.03 -2.93 45.98
N VAL B 138 25.30 -2.80 46.38
CA VAL B 138 25.60 -2.56 47.79
C VAL B 138 24.97 -1.25 48.25
N MET B 139 25.04 -0.23 47.41
CA MET B 139 24.46 1.06 47.76
C MET B 139 22.96 0.96 48.00
N ALA B 140 22.24 0.22 47.15
CA ALA B 140 20.80 0.08 47.32
C ALA B 140 20.46 -0.72 48.57
N ILE B 141 21.15 -1.84 48.79
CA ILE B 141 20.82 -2.67 49.94
C ILE B 141 21.17 -1.96 51.24
N GLU B 142 22.11 -1.00 51.19
CA GLU B 142 22.39 -0.22 52.40
C GLU B 142 21.41 0.95 52.55
N ILE B 143 21.01 1.57 51.43
CA ILE B 143 20.15 2.74 51.52
C ILE B 143 18.75 2.35 51.99
N LYS B 144 18.29 1.15 51.65
CA LYS B 144 17.02 0.72 52.24
C LYS B 144 17.15 0.46 53.73
N ARG B 145 18.23 -0.20 54.16
CA ARG B 145 18.31 -0.64 55.54
C ARG B 145 18.60 0.51 56.51
N LYS B 146 19.33 1.54 56.07
CA LYS B 146 19.68 2.60 57.02
C LYS B 146 18.58 3.65 57.14
N ALA B 147 18.17 4.25 56.03
CA ALA B 147 17.13 5.28 56.09
C ALA B 147 16.35 5.31 54.79
N PRO B 148 15.20 4.63 54.72
CA PRO B 148 14.43 4.58 53.47
C PRO B 148 13.46 5.73 53.29
N LYS B 149 13.89 6.97 53.54
CA LYS B 149 13.12 8.15 53.14
C LYS B 149 14.09 9.33 53.03
N ALA B 150 14.70 9.49 51.86
CA ALA B 150 15.64 10.58 51.64
C ALA B 150 15.27 11.48 50.47
N HIS B 151 14.99 10.87 49.33
CA HIS B 151 14.68 11.52 48.05
C HIS B 151 15.91 12.20 47.44
N THR B 152 17.00 12.26 48.21
CA THR B 152 18.26 12.86 47.79
C THR B 152 19.38 12.25 48.63
N VAL B 153 20.62 12.56 48.25
CA VAL B 153 21.75 12.29 49.14
C VAL B 153 22.13 13.54 49.94
N CYS B 154 21.78 14.73 49.44
CA CYS B 154 22.00 15.99 50.12
C CYS B 154 21.18 16.12 51.41
N GLU B 155 20.20 15.27 51.62
CA GLU B 155 19.51 15.21 52.90
C GLU B 155 20.26 14.35 53.91
N ILE B 156 20.69 13.16 53.47
CA ILE B 156 21.42 12.26 54.35
C ILE B 156 22.74 12.89 54.77
N VAL B 157 23.34 13.72 53.92
CA VAL B 157 24.61 14.33 54.28
C VAL B 157 24.44 15.22 55.51
N ARG B 158 23.30 15.92 55.63
CA ARG B 158 23.02 16.64 56.86
C ARG B 158 22.57 15.69 57.96
N ALA B 159 21.89 14.61 57.59
CA ALA B 159 21.37 13.68 58.60
C ALA B 159 22.50 13.10 59.44
N ARG B 160 23.62 12.75 58.82
CA ARG B 160 24.75 12.18 59.56
C ARG B 160 25.75 13.24 60.00
N TRP B 161 26.34 13.97 59.05
CA TRP B 161 27.35 14.97 59.38
C TRP B 161 26.68 16.28 59.78
N GLY B 162 27.49 17.34 59.93
CA GLY B 162 27.01 18.61 60.42
C GLY B 162 26.22 19.39 59.40
N ARG B 163 25.64 20.50 59.86
CA ARG B 163 24.85 21.35 58.99
C ARG B 163 25.71 22.05 57.95
N ALA B 164 26.94 22.44 58.30
CA ALA B 164 27.81 23.12 57.36
C ALA B 164 28.23 22.22 56.21
N ALA B 165 28.16 20.91 56.37
CA ALA B 165 28.49 19.98 55.30
C ALA B 165 27.30 19.82 54.37
N HIS B 166 26.82 20.94 53.82
CA HIS B 166 25.65 20.91 52.94
C HIS B 166 25.91 21.70 51.66
N ALA B 167 26.64 22.81 51.77
CA ALA B 167 26.97 23.58 50.58
C ALA B 167 28.05 22.90 49.75
N VAL B 168 28.78 21.96 50.34
CA VAL B 168 29.83 21.26 49.61
C VAL B 168 29.24 20.17 48.73
N PHE B 169 28.44 19.29 49.32
CA PHE B 169 27.90 18.14 48.61
C PHE B 169 26.65 18.49 47.80
N LEU B 170 26.21 19.74 47.83
CA LEU B 170 25.30 20.25 46.82
C LEU B 170 26.07 20.78 45.61
N ALA B 171 27.14 21.53 45.86
CA ALA B 171 27.95 22.09 44.79
C ALA B 171 28.57 21.00 43.94
N PHE B 172 29.14 19.97 44.57
CA PHE B 172 29.78 18.91 43.79
C PHE B 172 28.77 18.11 42.99
N CYS B 173 27.58 17.87 43.55
CA CYS B 173 26.54 17.18 42.80
C CYS B 173 26.12 17.99 41.58
N LEU B 174 25.94 19.30 41.74
CA LEU B 174 25.58 20.12 40.60
C LEU B 174 26.68 20.11 39.55
N ALA B 175 27.94 20.19 39.98
CA ALA B 175 29.05 20.16 39.03
C ALA B 175 29.09 18.85 38.25
N THR B 176 28.86 17.73 38.94
CA THR B 176 28.83 16.44 38.26
C THR B 176 27.70 16.39 37.23
N ASN B 177 26.53 16.88 37.60
CA ASN B 177 25.41 16.89 36.67
C ASN B 177 25.74 17.72 35.45
N VAL B 178 26.36 18.90 35.65
CA VAL B 178 26.75 19.76 34.55
C VAL B 178 27.74 19.06 33.62
N ILE B 179 28.74 18.39 34.20
CA ILE B 179 29.77 17.74 33.38
C ILE B 179 29.16 16.62 32.55
N VAL B 180 28.30 15.80 33.13
CA VAL B 180 27.71 14.70 32.37
C VAL B 180 26.78 15.22 31.28
N THR B 181 26.00 16.27 31.58
CA THR B 181 25.16 16.84 30.54
C THR B 181 26.02 17.41 29.40
N ALA B 182 27.13 18.07 29.73
CA ALA B 182 28.01 18.61 28.71
C ALA B 182 28.61 17.49 27.85
N MET B 183 28.99 16.37 28.48
CA MET B 183 29.52 15.25 27.70
C MET B 183 28.46 14.72 26.75
N LEU B 184 27.24 14.55 27.22
CA LEU B 184 26.22 13.99 26.34
C LEU B 184 25.76 14.97 25.27
N LEU B 185 26.01 16.27 25.44
CA LEU B 185 25.69 17.23 24.40
C LEU B 185 26.82 17.47 23.40
N LEU B 186 28.08 17.42 23.83
CA LEU B 186 29.19 17.62 22.91
C LEU B 186 29.49 16.40 22.04
N GLY B 187 28.93 15.24 22.37
CA GLY B 187 29.15 14.06 21.57
C GLY B 187 28.06 13.86 20.53
N GLY B 188 26.83 14.25 20.88
CA GLY B 188 25.72 14.14 19.95
C GLY B 188 25.65 15.26 18.93
N SER B 189 26.37 16.36 19.16
CA SER B 189 26.40 17.45 18.19
C SER B 189 27.41 17.20 17.09
N ALA B 190 28.56 16.61 17.42
CA ALA B 190 29.58 16.35 16.41
C ALA B 190 29.11 15.33 15.38
N VAL B 191 28.39 14.29 15.81
CA VAL B 191 27.97 13.26 14.88
C VAL B 191 26.96 13.80 13.88
N VAL B 192 26.05 14.67 14.32
CA VAL B 192 25.08 15.26 13.42
C VAL B 192 25.69 16.39 12.60
N ASN B 193 26.75 17.03 13.11
CA ASN B 193 27.50 17.99 12.30
C ASN B 193 28.23 17.29 11.16
N ALA B 194 28.72 16.08 11.40
CA ALA B 194 29.47 15.37 10.38
C ALA B 194 28.57 14.65 9.38
N LEU B 195 27.66 13.80 9.87
CA LEU B 195 26.83 13.01 8.97
C LEU B 195 25.82 13.88 8.23
N THR B 196 25.12 14.75 8.96
CA THR B 196 24.01 15.51 8.40
C THR B 196 24.41 16.92 7.95
N ALA B 197 25.58 17.40 8.38
CA ALA B 197 26.07 18.74 8.03
C ALA B 197 25.17 19.84 8.59
N ILE B 198 24.45 19.53 9.67
CA ILE B 198 23.76 20.57 10.43
C ILE B 198 24.81 21.47 11.06
N ASN B 199 24.45 22.74 11.26
CA ASN B 199 25.37 23.68 11.90
C ASN B 199 25.76 23.17 13.27
N VAL B 200 27.07 23.20 13.55
CA VAL B 200 27.57 22.65 14.80
C VAL B 200 27.10 23.46 16.00
N TYR B 201 26.72 24.72 15.79
CA TYR B 201 26.19 25.55 16.86
C TYR B 201 24.68 25.50 16.95
N ALA B 202 24.00 25.27 15.83
CA ALA B 202 22.55 25.13 15.84
C ALA B 202 22.10 23.73 16.25
N ALA B 203 23.01 22.76 16.31
CA ALA B 203 22.70 21.43 16.81
C ALA B 203 23.09 21.26 18.27
N SER B 204 23.56 22.33 18.92
CA SER B 204 23.95 22.28 20.33
C SER B 204 22.97 23.00 21.24
N PHE B 205 22.10 23.86 20.71
CA PHE B 205 21.08 24.52 21.51
C PHE B 205 19.69 23.95 21.28
N LEU B 206 19.55 22.94 20.41
CA LEU B 206 18.26 22.35 20.13
C LEU B 206 18.07 20.96 20.72
N ILE B 207 19.15 20.22 20.97
CA ILE B 207 19.02 18.92 21.63
C ILE B 207 18.46 19.03 23.03
N PRO B 208 18.96 19.92 23.92
CA PRO B 208 18.33 20.05 25.23
C PRO B 208 17.08 20.91 25.17
N LEU B 209 16.36 20.78 24.07
CA LEU B 209 14.99 21.24 23.93
C LEU B 209 14.07 20.08 23.62
N GLY B 210 14.46 19.21 22.68
CA GLY B 210 13.76 17.95 22.54
C GLY B 210 13.84 17.13 23.82
N VAL B 211 14.98 17.17 24.50
CA VAL B 211 15.13 16.41 25.74
C VAL B 211 14.19 16.96 26.81
N VAL B 212 14.10 18.29 26.94
CA VAL B 212 13.22 18.86 27.96
C VAL B 212 11.77 18.65 27.59
N VAL B 213 11.43 18.68 26.30
CA VAL B 213 10.09 18.33 25.87
C VAL B 213 9.76 16.90 26.27
N TYR B 214 10.70 15.98 26.10
CA TYR B 214 10.46 14.60 26.52
C TYR B 214 10.28 14.49 28.02
N THR B 215 11.14 15.15 28.80
CA THR B 215 11.06 14.99 30.24
C THR B 215 9.87 15.73 30.85
N LEU B 216 9.24 16.64 30.12
CA LEU B 216 7.97 17.21 30.57
C LEU B 216 6.75 16.45 30.06
N ALA B 217 6.81 15.89 28.85
CA ALA B 217 5.67 15.15 28.33
C ALA B 217 5.49 13.82 29.03
N GLY B 218 6.57 13.24 29.55
CA GLY B 218 6.49 11.98 30.28
C GLY B 218 6.04 12.11 31.71
N GLY B 219 5.76 13.32 32.16
CA GLY B 219 5.32 13.54 33.53
C GLY B 219 6.39 13.24 34.55
N LEU B 220 7.65 13.51 34.23
CA LEU B 220 8.80 13.28 35.11
C LEU B 220 8.78 11.80 35.50
N LYS B 221 9.04 11.44 36.76
CA LYS B 221 8.94 10.08 37.26
C LYS B 221 9.94 9.18 36.52
N ALA B 222 10.00 7.89 36.87
CA ALA B 222 10.86 6.93 36.19
C ALA B 222 10.03 5.66 35.97
N THR B 223 9.38 5.59 34.82
CA THR B 223 8.56 4.43 34.49
C THR B 223 9.43 3.31 33.92
N PHE B 224 9.00 2.08 34.20
CA PHE B 224 9.70 0.90 33.69
C PHE B 224 9.39 0.60 32.24
N LEU B 225 8.34 1.18 31.67
CA LEU B 225 8.02 0.90 30.28
C LEU B 225 9.02 1.52 29.33
N ALA B 226 9.50 2.74 29.64
CA ALA B 226 10.44 3.42 28.76
C ALA B 226 11.78 2.70 28.71
N SER B 227 12.24 2.19 29.84
CA SER B 227 13.54 1.52 29.88
C SER B 227 13.56 0.29 29.00
N TYR B 228 12.46 -0.47 29.00
CA TYR B 228 12.39 -1.66 28.16
C TYR B 228 12.49 -1.31 26.68
N ILE B 229 11.77 -0.28 26.24
CA ILE B 229 11.80 0.11 24.83
C ILE B 229 13.18 0.63 24.46
N HIS B 230 13.81 1.41 25.35
CA HIS B 230 15.17 1.86 25.12
C HIS B 230 16.11 0.67 24.91
N SER B 231 16.04 -0.30 25.81
CA SER B 231 16.91 -1.47 25.70
C SER B 231 16.64 -2.23 24.40
N VAL B 232 15.36 -2.34 24.02
CA VAL B 232 15.00 -3.07 22.81
C VAL B 232 15.64 -2.42 21.59
N VAL B 233 15.51 -1.10 21.47
CA VAL B 233 16.06 -0.41 20.30
C VAL B 233 17.59 -0.51 20.29
N VAL B 234 18.23 -0.30 21.44
CA VAL B 234 19.68 -0.38 21.49
C VAL B 234 20.16 -1.75 21.07
N HIS B 235 19.53 -2.80 21.60
CA HIS B 235 20.00 -4.16 21.35
C HIS B 235 19.56 -4.71 20.01
N VAL B 236 18.58 -4.08 19.33
CA VAL B 236 18.31 -4.53 17.97
C VAL B 236 19.26 -3.84 17.01
N VAL B 237 19.65 -2.59 17.29
CA VAL B 237 20.65 -1.96 16.44
C VAL B 237 22.02 -2.63 16.61
N LEU B 238 22.34 -3.07 17.84
CA LEU B 238 23.64 -3.67 18.10
C LEU B 238 23.88 -4.89 17.22
N VAL B 239 22.93 -5.81 17.19
CA VAL B 239 23.14 -7.05 16.45
C VAL B 239 23.23 -6.78 14.95
N VAL B 240 22.45 -5.80 14.46
CA VAL B 240 22.53 -5.43 13.05
C VAL B 240 23.93 -4.92 12.71
N PHE B 241 24.52 -4.14 13.61
CA PHE B 241 25.88 -3.66 13.34
C PHE B 241 26.94 -4.74 13.51
N VAL B 242 26.75 -5.68 14.45
CA VAL B 242 27.77 -6.72 14.65
C VAL B 242 27.78 -7.71 13.50
N PHE B 243 26.59 -8.16 13.07
CA PHE B 243 26.54 -9.13 11.98
C PHE B 243 27.07 -8.56 10.66
N LEU B 244 27.13 -7.24 10.52
CA LEU B 244 27.68 -6.63 9.32
C LEU B 244 29.20 -6.63 9.30
N VAL B 245 29.85 -6.95 10.42
CA VAL B 245 31.30 -6.86 10.54
C VAL B 245 31.95 -8.23 10.59
N TYR B 246 31.39 -9.17 11.33
CA TYR B 246 32.05 -10.45 11.57
C TYR B 246 31.61 -11.55 10.62
N THR B 247 30.31 -11.77 10.44
CA THR B 247 29.81 -12.92 9.69
C THR B 247 29.12 -12.53 8.40
N SER B 248 28.09 -11.68 8.46
CA SER B 248 27.28 -11.37 7.29
C SER B 248 27.78 -10.08 6.65
N GLY B 249 29.01 -10.14 6.14
CA GLY B 249 29.61 -9.00 5.49
C GLY B 249 30.32 -9.34 4.20
N ASN B 250 29.90 -8.71 3.10
CA ASN B 250 30.57 -8.90 1.82
C ASN B 250 31.83 -8.05 1.68
N ARG B 251 32.06 -7.13 2.61
CA ARG B 251 33.24 -6.27 2.60
C ARG B 251 34.31 -6.75 3.57
N LEU B 252 33.94 -6.95 4.83
CA LEU B 252 34.87 -7.45 5.84
C LEU B 252 34.12 -8.43 6.73
N GLY B 253 34.76 -9.56 7.03
CA GLY B 253 34.14 -10.56 7.86
C GLY B 253 35.15 -11.61 8.28
N SER B 254 34.69 -12.53 9.14
CA SER B 254 35.44 -13.68 9.61
C SER B 254 36.61 -13.25 10.51
N PRO B 255 37.09 -14.13 11.40
CA PRO B 255 38.21 -13.77 12.28
C PRO B 255 39.59 -13.89 11.64
N ARG B 256 39.68 -14.02 10.31
CA ARG B 256 40.98 -14.08 9.65
C ARG B 256 41.19 -12.96 8.65
N VAL B 257 40.14 -12.51 7.97
CA VAL B 257 40.26 -11.32 7.14
C VAL B 257 40.55 -10.10 8.01
N VAL B 258 39.84 -9.99 9.13
CA VAL B 258 40.14 -8.93 10.09
C VAL B 258 41.58 -9.07 10.59
N HIS B 259 42.02 -10.31 10.82
CA HIS B 259 43.35 -10.53 11.36
C HIS B 259 44.44 -10.08 10.39
N ASP B 260 44.33 -10.50 9.12
CA ASP B 260 45.42 -10.15 8.22
C ASP B 260 45.36 -8.68 7.81
N HIS B 261 44.17 -8.07 7.75
CA HIS B 261 44.14 -6.62 7.60
C HIS B 261 44.76 -5.92 8.80
N LEU B 262 44.50 -6.42 10.00
CA LEU B 262 45.08 -5.82 11.20
C LEU B 262 46.60 -5.87 11.17
N THR B 263 47.16 -7.02 10.80
CA THR B 263 48.61 -7.11 10.73
C THR B 263 49.19 -6.38 9.53
N ALA B 264 48.38 -6.12 8.50
CA ALA B 264 48.86 -5.38 7.34
C ALA B 264 48.91 -3.88 7.62
N VAL B 265 47.93 -3.35 8.36
CA VAL B 265 47.90 -1.92 8.64
C VAL B 265 49.12 -1.51 9.46
N ALA B 266 49.47 -2.30 10.47
CA ALA B 266 50.65 -2.06 11.29
C ALA B 266 51.61 -3.22 11.08
N SER B 267 52.57 -3.04 10.17
CA SER B 267 53.54 -4.06 9.84
C SER B 267 54.94 -3.45 9.89
N ALA B 268 55.94 -4.30 9.68
CA ALA B 268 57.33 -3.83 9.72
C ALA B 268 57.61 -2.83 8.62
N VAL B 269 57.14 -3.11 7.40
CA VAL B 269 57.33 -2.17 6.29
C VAL B 269 56.44 -0.96 6.50
N ARG B 270 57.03 0.23 6.43
CA ARG B 270 56.32 1.48 6.72
C ARG B 270 56.56 2.46 5.58
N ASN B 271 55.61 2.50 4.65
CA ASN B 271 55.70 3.42 3.52
C ASN B 271 55.28 4.84 3.90
N CYS B 272 54.62 5.00 5.05
CA CYS B 272 53.97 6.26 5.41
C CYS B 272 54.90 7.08 6.30
N SER B 273 55.77 7.89 5.70
CA SER B 273 56.56 8.82 6.49
C SER B 273 56.27 10.29 6.17
N ALA B 274 56.64 10.78 4.99
CA ALA B 274 56.34 12.19 4.74
C ALA B 274 54.98 12.39 4.06
N PRO B 275 54.74 11.86 2.84
CA PRO B 275 53.46 12.17 2.18
C PRO B 275 52.31 11.37 2.74
N LEU B 276 52.54 10.08 2.97
CA LEU B 276 51.47 9.15 3.31
C LEU B 276 51.12 9.25 4.79
N SER B 277 49.84 9.38 5.09
CA SER B 277 49.32 9.21 6.45
C SER B 277 50.01 10.15 7.44
N HIS B 278 49.68 11.44 7.29
CA HIS B 278 50.17 12.53 8.11
C HIS B 278 50.28 12.11 9.57
N PRO B 279 51.30 12.57 10.30
CA PRO B 279 51.70 11.91 11.56
C PRO B 279 50.60 11.79 12.61
N ASP B 280 49.43 12.37 12.35
CA ASP B 280 48.30 12.28 13.26
C ASP B 280 47.24 11.29 12.80
N GLN B 281 47.53 10.49 11.78
CA GLN B 281 46.60 9.46 11.32
C GLN B 281 47.03 8.11 11.85
N ALA B 282 46.38 7.04 11.38
CA ALA B 282 46.62 5.68 11.88
C ALA B 282 47.47 4.92 10.85
N CYS B 283 48.78 4.88 11.09
CA CYS B 283 49.71 4.13 10.25
C CYS B 283 51.04 4.02 10.99
N GLY B 284 51.56 2.81 11.06
CA GLY B 284 52.80 2.55 11.77
C GLY B 284 52.59 1.96 13.14
N PRO B 285 53.57 1.22 13.63
CA PRO B 285 53.47 0.65 14.99
C PRO B 285 53.38 1.75 16.03
N VAL B 286 52.60 1.50 17.06
CA VAL B 286 52.33 2.49 18.10
C VAL B 286 53.08 2.11 19.36
N HIS B 287 53.48 3.12 20.13
CA HIS B 287 54.11 2.88 21.43
C HIS B 287 53.12 2.20 22.36
N GLY B 288 53.65 1.49 23.34
CA GLY B 288 52.80 0.68 24.19
C GLY B 288 52.70 -0.76 23.73
N ASN B 289 51.69 -1.05 22.91
CA ASN B 289 51.46 -2.39 22.37
C ASN B 289 52.77 -3.04 21.94
N PHE B 290 52.93 -4.31 22.31
CA PHE B 290 54.17 -5.04 22.03
C PHE B 290 54.43 -5.09 20.53
N LYS B 291 55.65 -4.70 20.14
CA LYS B 291 56.12 -4.60 18.76
C LYS B 291 55.06 -4.02 17.83
N GLY B 292 54.28 -3.07 18.34
CA GLY B 292 53.25 -2.45 17.52
C GLY B 292 52.19 -3.40 17.02
N SER B 293 51.75 -4.33 17.86
CA SER B 293 50.74 -5.31 17.49
C SER B 293 49.40 -4.92 18.10
N TYR B 294 48.37 -4.83 17.26
CA TYR B 294 47.05 -4.41 17.72
C TYR B 294 46.25 -5.61 18.21
N LEU B 295 46.89 -6.47 19.02
CA LEU B 295 46.23 -7.64 19.57
C LEU B 295 46.64 -7.97 21.00
N THR B 296 47.60 -7.25 21.58
CA THR B 296 48.16 -7.64 22.86
C THR B 296 47.42 -6.94 24.00
N MET B 297 47.89 -7.20 25.22
CA MET B 297 47.34 -6.56 26.41
C MET B 297 48.33 -5.68 27.14
N LEU B 298 49.63 -5.95 27.01
CA LEU B 298 50.63 -5.13 27.69
C LEU B 298 50.79 -3.80 26.98
N SER B 299 49.99 -2.80 27.40
CA SER B 299 50.01 -1.49 26.77
C SER B 299 49.83 -0.42 27.83
N SER B 300 50.73 0.57 27.83
CA SER B 300 50.60 1.68 28.77
C SER B 300 49.34 2.47 28.49
N GLY B 301 49.01 2.68 27.21
CA GLY B 301 47.80 3.41 26.88
C GLY B 301 46.54 2.68 27.29
N GLY B 302 46.51 1.36 27.10
CA GLY B 302 45.38 0.58 27.57
C GLY B 302 45.29 0.51 29.08
N LEU B 303 46.43 0.52 29.77
CA LEU B 303 46.43 0.39 31.22
C LEU B 303 46.07 1.70 31.91
N VAL B 304 46.49 2.84 31.35
CA VAL B 304 46.25 4.12 32.02
C VAL B 304 44.76 4.47 32.00
N PHE B 305 44.06 4.16 30.90
CA PHE B 305 42.63 4.36 30.79
C PHE B 305 41.87 3.27 31.53
N GLY B 306 42.59 2.65 32.46
CA GLY B 306 42.12 1.66 33.38
C GLY B 306 41.82 2.43 34.64
N ILE B 307 42.85 2.64 35.45
CA ILE B 307 42.78 3.50 36.62
C ILE B 307 41.96 4.76 36.36
N ILE B 308 42.15 5.43 35.21
CA ILE B 308 41.37 6.65 34.99
C ILE B 308 39.88 6.32 34.87
N ASN B 309 39.55 5.26 34.15
CA ASN B 309 38.15 4.88 33.99
C ASN B 309 37.51 4.53 35.33
N ILE B 310 38.25 3.83 36.19
CA ILE B 310 37.73 3.46 37.50
C ILE B 310 37.52 4.70 38.35
N VAL B 311 38.47 5.64 38.32
CA VAL B 311 38.32 6.90 39.04
C VAL B 311 37.07 7.63 38.59
N GLY B 312 36.83 7.65 37.28
CA GLY B 312 35.64 8.30 36.77
C GLY B 312 34.35 7.62 37.19
N ASN B 313 34.34 6.29 37.12
CA ASN B 313 33.11 5.55 37.45
C ASN B 313 32.76 5.61 38.92
N PHE B 314 33.75 5.67 39.82
CA PHE B 314 33.42 5.90 41.22
C PHE B 314 32.71 7.24 41.40
N GLY B 315 33.20 8.29 40.74
CA GLY B 315 32.59 9.60 40.88
C GLY B 315 31.20 9.67 40.30
N THR B 316 30.99 9.06 39.13
CA THR B 316 29.67 9.16 38.51
C THR B 316 28.63 8.26 39.15
N VAL B 317 28.96 7.54 40.22
CA VAL B 317 27.98 6.67 40.86
C VAL B 317 27.83 7.05 42.33
N PHE B 318 28.87 7.62 42.92
CA PHE B 318 28.79 8.07 44.30
C PHE B 318 28.51 9.56 44.44
N VAL B 319 29.09 10.39 43.57
CA VAL B 319 28.81 11.82 43.65
C VAL B 319 27.58 12.19 42.83
N ASP B 320 27.25 11.40 41.81
CA ASP B 320 26.05 11.66 41.03
C ASP B 320 24.80 11.35 41.85
N ASN B 321 23.69 11.96 41.45
CA ASN B 321 22.43 11.82 42.14
C ASN B 321 21.38 11.03 41.36
N GLY B 322 21.62 10.75 40.08
CA GLY B 322 20.66 9.95 39.34
C GLY B 322 20.51 8.55 39.89
N TYR B 323 21.63 7.93 40.27
CA TYR B 323 21.59 6.57 40.77
C TYR B 323 21.03 6.51 42.19
N TRP B 324 21.30 7.52 43.02
CA TRP B 324 20.68 7.56 44.34
C TRP B 324 19.17 7.56 44.23
N MET B 325 18.63 8.34 43.29
CA MET B 325 17.18 8.38 43.09
C MET B 325 16.69 7.09 42.45
N SER B 326 17.49 6.49 41.57
CA SER B 326 17.08 5.26 40.91
C SER B 326 16.98 4.11 41.90
N ALA B 327 17.85 4.09 42.90
CA ALA B 327 17.83 3.03 43.90
C ALA B 327 16.63 3.12 44.83
N ILE B 328 15.89 4.23 44.81
CA ILE B 328 14.74 4.38 45.68
C ILE B 328 13.64 3.40 45.29
N ALA B 329 13.53 3.08 44.00
CA ALA B 329 12.53 2.11 43.55
C ALA B 329 12.73 0.77 44.26
N ALA B 330 13.99 0.35 44.41
CA ALA B 330 14.36 -0.76 45.29
C ALA B 330 13.72 -2.09 44.90
N ARG B 331 12.96 -2.70 45.82
CA ARG B 331 12.50 -4.08 45.73
C ARG B 331 13.73 -4.99 45.64
N PRO B 332 14.44 -5.17 46.77
CA PRO B 332 15.83 -5.67 46.71
C PRO B 332 16.06 -6.97 45.97
N SER B 333 15.16 -7.95 46.08
CA SER B 333 15.45 -9.28 45.53
C SER B 333 15.54 -9.24 44.01
N SER B 334 14.44 -8.89 43.35
CA SER B 334 14.46 -8.73 41.91
C SER B 334 15.45 -7.66 41.49
N THR B 335 15.67 -6.67 42.35
CA THR B 335 16.63 -5.60 42.02
C THR B 335 18.04 -6.15 41.88
N HIS B 336 18.45 -7.03 42.80
CA HIS B 336 19.79 -7.60 42.70
C HIS B 336 19.88 -8.65 41.60
N LYS B 337 18.80 -9.39 41.37
CA LYS B 337 18.75 -10.27 40.21
C LYS B 337 19.00 -9.49 38.93
N GLY B 338 18.30 -8.36 38.79
CA GLY B 338 18.53 -7.48 37.66
C GLY B 338 19.94 -6.91 37.66
N TYR B 339 20.47 -6.59 38.84
CA TYR B 339 21.84 -6.10 38.93
C TYR B 339 22.79 -7.07 38.24
N LEU B 340 22.74 -8.34 38.64
CA LEU B 340 23.65 -9.33 38.07
C LEU B 340 23.40 -9.51 36.58
N LEU B 341 22.13 -9.69 36.18
CA LEU B 341 21.85 -10.01 34.78
C LEU B 341 22.18 -8.84 33.87
N GLY B 342 21.74 -7.63 34.23
CA GLY B 342 22.07 -6.46 33.45
C GLY B 342 23.54 -6.10 33.49
N GLY B 343 24.24 -6.46 34.57
CA GLY B 343 25.67 -6.27 34.60
C GLY B 343 26.38 -7.13 33.57
N LEU B 344 25.96 -8.40 33.47
CA LEU B 344 26.51 -9.26 32.41
C LEU B 344 26.13 -8.73 31.03
N VAL B 345 24.90 -8.27 30.86
CA VAL B 345 24.44 -7.80 29.55
C VAL B 345 25.21 -6.56 29.13
N TRP B 346 25.40 -5.60 30.04
CA TRP B 346 26.09 -4.38 29.68
C TRP B 346 27.61 -4.53 29.82
N PHE B 347 28.09 -5.69 30.29
CA PHE B 347 29.48 -6.05 30.01
C PHE B 347 29.62 -6.57 28.59
N ALA B 348 28.61 -7.30 28.12
CA ALA B 348 28.63 -7.80 26.75
C ALA B 348 28.54 -6.67 25.73
N VAL B 349 27.65 -5.72 25.94
CA VAL B 349 27.29 -4.73 24.93
C VAL B 349 28.48 -3.83 24.58
N PRO B 350 29.17 -3.17 25.57
CA PRO B 350 30.43 -2.49 25.24
C PRO B 350 31.39 -3.33 24.41
N PHE B 351 31.68 -4.54 24.86
CA PHE B 351 32.64 -5.38 24.14
C PHE B 351 32.24 -5.52 22.69
N SER B 352 31.01 -5.96 22.43
CA SER B 352 30.59 -6.23 21.07
C SER B 352 30.67 -4.98 20.21
N LEU B 353 30.01 -3.89 20.63
CA LEU B 353 29.93 -2.73 19.76
C LEU B 353 31.29 -2.07 19.59
N ALA B 354 32.03 -1.89 20.69
CA ALA B 354 33.32 -1.23 20.62
C ALA B 354 34.31 -2.03 19.79
N THR B 355 34.41 -3.34 20.03
CA THR B 355 35.33 -4.15 19.25
C THR B 355 34.95 -4.14 17.78
N SER B 356 33.66 -4.29 17.47
CA SER B 356 33.23 -4.31 16.09
C SER B 356 33.61 -3.02 15.37
N LEU B 357 33.22 -1.87 15.93
CA LEU B 357 33.43 -0.61 15.24
C LEU B 357 34.90 -0.21 15.22
N GLY B 358 35.62 -0.39 16.32
CA GLY B 358 37.03 -0.05 16.34
C GLY B 358 37.86 -0.92 15.41
N LEU B 359 37.61 -2.22 15.40
CA LEU B 359 38.36 -3.10 14.51
C LEU B 359 37.94 -2.91 13.06
N GLY B 360 36.70 -2.45 12.82
CA GLY B 360 36.33 -2.06 11.47
C GLY B 360 37.07 -0.82 11.01
N ALA B 361 37.22 0.16 11.90
CA ALA B 361 37.94 1.38 11.55
C ALA B 361 39.43 1.13 11.37
N LEU B 362 39.99 0.20 12.13
CA LEU B 362 41.42 -0.08 12.03
C LEU B 362 41.73 -1.02 10.86
N ALA B 363 41.08 -2.19 10.83
CA ALA B 363 41.37 -3.19 9.80
C ALA B 363 41.10 -2.65 8.41
N LEU B 364 39.98 -1.96 8.22
CA LEU B 364 39.69 -1.33 6.95
C LEU B 364 40.42 0.00 6.86
N ASP B 365 41.10 0.24 5.75
CA ASP B 365 41.81 1.49 5.56
C ASP B 365 40.82 2.64 5.63
N LEU B 366 41.01 3.51 6.61
CA LEU B 366 40.03 4.56 6.81
C LEU B 366 40.69 5.69 7.60
N PRO B 367 40.72 6.91 7.05
CA PRO B 367 41.48 8.00 7.68
C PRO B 367 40.72 8.63 8.83
N ILE B 368 41.32 8.58 10.02
CA ILE B 368 40.79 9.25 11.21
C ILE B 368 41.88 10.15 11.76
N THR B 369 41.59 11.44 11.86
CA THR B 369 42.48 12.37 12.51
C THR B 369 42.59 12.04 13.99
N ALA B 370 43.79 12.27 14.55
CA ALA B 370 44.00 12.02 15.97
C ALA B 370 43.05 12.85 16.82
N ALA B 371 42.58 13.98 16.32
CA ALA B 371 41.61 14.80 17.02
C ALA B 371 40.18 14.45 16.63
N GLU B 372 39.97 13.77 15.51
CA GLU B 372 38.62 13.39 15.09
C GLU B 372 38.13 12.12 15.78
N ALA B 373 39.02 11.41 16.49
CA ALA B 373 38.60 10.25 17.26
C ALA B 373 38.17 10.64 18.67
N ALA B 374 38.80 11.68 19.24
CA ALA B 374 38.44 12.12 20.58
C ALA B 374 37.05 12.74 20.64
N LYS B 375 36.56 13.30 19.54
CA LYS B 375 35.22 13.88 19.52
C LYS B 375 34.13 12.83 19.39
N GLY B 376 34.47 11.59 19.04
CA GLY B 376 33.48 10.54 19.00
C GLY B 376 32.87 10.32 17.64
N LEU B 377 33.68 10.46 16.58
CA LEU B 377 33.22 10.22 15.23
C LEU B 377 33.67 8.88 14.67
N VAL B 378 34.48 8.13 15.40
CA VAL B 378 34.93 6.82 14.92
C VAL B 378 33.78 5.86 14.68
N PRO B 379 32.83 5.69 15.61
CA PRO B 379 31.66 4.86 15.30
C PRO B 379 30.76 5.45 14.24
N ALA B 380 30.96 6.72 13.88
CA ALA B 380 30.21 7.34 12.80
C ALA B 380 30.83 7.08 11.43
N ALA B 381 32.14 6.88 11.36
CA ALA B 381 32.81 6.62 10.08
C ALA B 381 32.60 5.20 9.60
N THR B 382 32.58 4.23 10.51
CA THR B 382 32.43 2.83 10.13
C THR B 382 30.99 2.45 9.83
N ALA B 383 30.03 3.34 10.11
CA ALA B 383 28.63 3.06 9.83
C ALA B 383 28.20 3.56 8.46
N THR B 384 28.82 4.62 7.96
CA THR B 384 28.49 5.17 6.66
C THR B 384 29.36 4.61 5.54
N ALA B 385 30.30 3.73 5.87
CA ALA B 385 31.19 3.14 4.89
C ALA B 385 31.04 1.63 4.76
N LEU B 386 30.86 0.92 5.87
CA LEU B 386 30.67 -0.53 5.80
C LEU B 386 29.38 -0.89 5.08
N MET B 387 28.30 -0.18 5.35
CA MET B 387 27.03 -0.42 4.67
C MET B 387 26.42 0.82 4.02
N GLY B 388 26.67 2.02 4.54
CA GLY B 388 26.32 3.22 3.83
C GLY B 388 25.14 3.99 4.38
N LYS B 389 24.30 4.50 3.47
CA LYS B 389 23.21 5.41 3.86
C LYS B 389 22.34 4.81 4.94
N SER B 390 21.81 3.60 4.68
CA SER B 390 20.91 2.96 5.64
C SER B 390 21.59 2.76 6.98
N GLY B 391 22.92 2.61 6.99
CA GLY B 391 23.62 2.49 8.25
C GLY B 391 23.54 3.77 9.06
N SER B 392 23.79 4.91 8.42
CA SER B 392 23.95 6.17 9.14
C SER B 392 22.75 6.44 10.03
N VAL B 393 21.54 6.41 9.44
CA VAL B 393 20.34 6.71 10.20
C VAL B 393 20.22 5.78 11.39
N LEU B 394 20.55 4.49 11.20
CA LEU B 394 20.51 3.56 12.33
C LEU B 394 21.39 4.06 13.45
N LEU B 395 22.65 4.35 13.16
CA LEU B 395 23.52 4.91 14.18
C LEU B 395 22.87 6.11 14.81
N LEU B 396 22.33 7.00 13.96
CA LEU B 396 21.72 8.22 14.48
C LEU B 396 20.67 7.89 15.53
N ILE B 397 19.72 7.01 15.20
CA ILE B 397 18.68 6.73 16.17
C ILE B 397 19.28 6.01 17.37
N MET B 398 20.22 5.09 17.11
CA MET B 398 20.84 4.36 18.21
C MET B 398 21.56 5.32 19.14
N LEU B 399 22.01 6.46 18.63
CA LEU B 399 22.57 7.44 19.54
C LEU B 399 21.50 8.37 20.09
N PHE B 400 20.52 8.74 19.25
CA PHE B 400 19.55 9.72 19.71
C PHE B 400 18.39 9.10 20.47
N MET B 401 18.35 7.77 20.57
CA MET B 401 17.56 7.15 21.63
C MET B 401 18.33 7.10 22.93
N ALA B 402 19.66 7.12 22.87
CA ALA B 402 20.50 7.03 24.04
C ALA B 402 20.93 8.39 24.58
N VAL B 403 20.61 9.48 23.88
CA VAL B 403 20.88 10.82 24.39
C VAL B 403 19.67 11.43 25.07
N THR B 404 18.47 11.17 24.55
CA THR B 404 17.24 11.55 25.26
C THR B 404 16.72 10.40 26.11
N SER B 405 17.63 9.77 26.84
CA SER B 405 17.29 8.86 27.93
C SER B 405 18.16 9.05 29.15
N ALA B 406 19.36 9.61 29.01
CA ALA B 406 20.20 9.96 30.14
C ALA B 406 20.20 11.44 30.45
N GLY B 407 19.98 12.29 29.44
CA GLY B 407 19.84 13.71 29.72
C GLY B 407 18.60 14.03 30.51
N SER B 408 17.48 13.38 30.17
CA SER B 408 16.25 13.58 30.93
C SER B 408 16.43 13.12 32.38
N ALA B 409 17.13 12.01 32.57
CA ALA B 409 17.40 11.53 33.93
C ALA B 409 18.23 12.56 34.69
N GLU B 410 19.22 13.16 34.04
CA GLU B 410 20.04 14.17 34.70
C GLU B 410 19.23 15.40 35.07
N LEU B 411 18.36 15.87 34.16
CA LEU B 411 17.53 17.01 34.48
C LEU B 411 16.58 16.71 35.64
N VAL B 412 15.97 15.52 35.64
CA VAL B 412 15.07 15.15 36.72
C VAL B 412 15.85 15.07 38.03
N ALA B 413 17.07 14.56 37.98
CA ALA B 413 17.89 14.47 39.19
C ALA B 413 18.21 15.84 39.74
N VAL B 414 18.59 16.79 38.86
CA VAL B 414 18.94 18.11 39.35
C VAL B 414 17.71 18.83 39.89
N SER B 415 16.56 18.63 39.27
CA SER B 415 15.32 19.24 39.79
C SER B 415 14.99 18.69 41.16
N SER B 416 15.06 17.36 41.32
CA SER B 416 14.78 16.75 42.61
C SER B 416 15.80 17.17 43.67
N LEU B 417 17.04 17.42 43.26
CA LEU B 417 18.05 17.84 44.22
C LEU B 417 17.91 19.30 44.60
N CYS B 418 17.39 20.15 43.71
CA CYS B 418 17.32 21.57 44.05
C CYS B 418 16.02 21.96 44.73
N THR B 419 14.87 21.50 44.22
CA THR B 419 13.60 21.90 44.83
C THR B 419 13.43 21.32 46.22
N TYR B 420 14.02 20.15 46.49
CA TYR B 420 13.93 19.53 47.80
C TYR B 420 15.03 20.00 48.75
N ASP B 421 15.89 20.92 48.33
CA ASP B 421 17.05 21.28 49.13
C ASP B 421 17.33 22.78 49.20
N ILE B 422 16.70 23.60 48.35
CA ILE B 422 16.90 25.04 48.41
C ILE B 422 15.55 25.70 48.69
N TYR B 423 14.47 25.04 48.25
CA TYR B 423 13.13 25.56 48.46
C TYR B 423 12.48 24.99 49.71
N ARG B 424 12.47 23.67 49.84
CA ARG B 424 11.76 23.02 50.95
C ARG B 424 12.39 23.31 52.30
N THR B 425 13.69 23.68 52.33
CA THR B 425 14.36 23.89 53.60
C THR B 425 14.99 25.27 53.76
N TYR B 426 15.12 26.06 52.70
CA TYR B 426 15.72 27.39 52.83
C TYR B 426 14.80 28.54 52.44
N ILE B 427 14.15 28.47 51.26
CA ILE B 427 13.34 29.59 50.82
C ILE B 427 12.05 29.68 51.62
N ASN B 428 11.26 28.61 51.61
CA ASN B 428 10.04 28.53 52.43
C ASN B 428 10.00 27.17 53.10
N PRO B 429 10.10 27.11 54.43
CA PRO B 429 9.99 25.81 55.11
C PRO B 429 8.69 25.09 54.81
N ASP B 430 7.59 25.83 54.68
CA ASP B 430 6.33 25.22 54.27
C ASP B 430 6.35 24.91 52.78
N ALA B 431 5.57 23.89 52.40
CA ALA B 431 5.56 23.43 51.01
C ALA B 431 4.17 22.85 50.71
N THR B 432 3.35 23.63 50.03
CA THR B 432 2.07 23.12 49.55
C THR B 432 2.30 22.15 48.41
N GLY B 433 1.32 21.25 48.22
CA GLY B 433 1.46 20.19 47.23
C GLY B 433 1.58 20.68 45.81
N GLU B 434 1.25 21.96 45.55
CA GLU B 434 1.35 22.51 44.21
C GLU B 434 2.63 23.31 43.98
N GLN B 435 3.23 23.87 45.04
CA GLN B 435 4.46 24.62 44.86
C GLN B 435 5.61 23.72 44.39
N ILE B 436 5.60 22.46 44.83
CA ILE B 436 6.69 21.55 44.47
C ILE B 436 6.74 21.35 42.96
N LEU B 437 5.57 21.14 42.34
CA LEU B 437 5.55 20.94 40.89
C LEU B 437 5.92 22.23 40.15
N ARG B 438 5.43 23.36 40.65
CA ARG B 438 5.86 24.67 40.14
C ARG B 438 7.38 24.74 40.03
N VAL B 439 8.06 24.60 41.18
CA VAL B 439 9.50 24.78 41.20
C VAL B 439 10.20 23.66 40.41
N SER B 440 9.66 22.45 40.42
CA SER B 440 10.31 21.34 39.70
C SER B 440 10.33 21.62 38.21
N ARG B 441 9.17 21.92 37.61
CA ARG B 441 9.16 22.18 36.18
C ARG B 441 9.86 23.48 35.83
N ALA B 442 9.84 24.47 36.73
CA ALA B 442 10.61 25.68 36.50
C ALA B 442 12.10 25.37 36.39
N THR B 443 12.61 24.57 37.33
CA THR B 443 14.03 24.22 37.30
C THR B 443 14.38 23.42 36.05
N VAL B 444 13.52 22.47 35.67
CA VAL B 444 13.80 21.69 34.47
C VAL B 444 13.88 22.61 33.25
N LEU B 445 12.92 23.54 33.14
CA LEU B 445 12.91 24.44 32.00
C LEU B 445 14.15 25.33 31.97
N VAL B 446 14.55 25.88 33.12
CA VAL B 446 15.71 26.76 33.14
C VAL B 446 16.99 25.98 32.85
N PHE B 447 17.14 24.79 33.43
CA PHE B 447 18.37 24.04 33.29
C PHE B 447 18.51 23.42 31.91
N GLY B 448 17.40 23.12 31.23
CA GLY B 448 17.48 22.58 29.89
C GLY B 448 17.98 23.58 28.86
N CYS B 449 17.82 24.87 29.13
CA CYS B 449 18.33 25.91 28.23
C CYS B 449 19.64 26.51 28.70
N LEU B 450 19.87 26.61 30.00
CA LEU B 450 21.12 27.17 30.51
C LEU B 450 22.30 26.27 30.21
N MET B 451 22.08 24.98 29.95
CA MET B 451 23.15 24.10 29.52
C MET B 451 23.29 24.03 28.00
N GLY B 452 22.35 24.61 27.25
CA GLY B 452 22.53 24.77 25.83
C GLY B 452 23.49 25.89 25.47
N VAL B 453 23.73 26.83 26.40
CA VAL B 453 24.73 27.87 26.18
C VAL B 453 26.10 27.48 26.72
N LEU B 454 26.16 26.53 27.66
CA LEU B 454 27.43 25.96 28.07
C LEU B 454 27.89 24.84 27.15
N ALA B 455 27.00 24.32 26.31
CA ALA B 455 27.35 23.37 25.27
C ALA B 455 27.54 24.02 23.91
N VAL B 456 27.45 25.35 23.82
CA VAL B 456 27.75 26.05 22.58
C VAL B 456 28.96 26.94 22.79
N ILE B 457 29.22 27.30 24.05
CA ILE B 457 30.42 28.09 24.35
C ILE B 457 31.65 27.19 24.42
N LEU B 458 31.49 25.94 24.83
CA LEU B 458 32.60 25.00 24.83
C LEU B 458 32.81 24.35 23.47
N ASN B 459 31.95 24.63 22.50
CA ASN B 459 32.06 23.98 21.21
C ASN B 459 33.03 24.74 20.30
N LEU B 460 33.04 26.07 20.36
CA LEU B 460 33.96 26.86 19.54
C LEU B 460 35.28 27.13 20.24
N VAL B 461 35.50 26.57 21.43
CA VAL B 461 36.71 26.85 22.20
C VAL B 461 37.49 25.54 22.31
N GLY B 462 37.39 24.70 21.29
CA GLY B 462 38.21 23.50 21.33
C GLY B 462 37.50 22.29 21.92
N VAL B 463 37.63 22.14 23.23
CA VAL B 463 37.44 20.92 24.00
C VAL B 463 36.28 20.06 23.52
N SER B 464 36.52 18.75 23.42
CA SER B 464 35.54 17.76 22.98
C SER B 464 35.44 16.66 24.03
N LEU B 465 34.76 15.57 23.67
CA LEU B 465 34.43 14.51 24.62
C LEU B 465 35.66 13.95 25.31
N GLY B 466 36.75 13.79 24.56
CA GLY B 466 37.93 13.14 25.11
C GLY B 466 38.52 13.86 26.30
N TRP B 467 38.50 15.20 26.28
CA TRP B 467 39.10 15.93 27.39
C TRP B 467 38.23 15.86 28.64
N LEU B 468 36.91 16.03 28.49
CA LEU B 468 36.03 15.94 29.65
C LEU B 468 36.07 14.55 30.27
N TYR B 469 36.10 13.50 29.44
CA TYR B 469 35.97 12.16 30.00
C TYR B 469 37.14 11.82 30.91
N LEU B 470 38.28 12.49 30.73
CA LEU B 470 39.42 12.33 31.62
C LEU B 470 39.49 13.41 32.69
N ALA B 471 38.96 14.60 32.42
CA ALA B 471 38.92 15.64 33.44
C ALA B 471 37.85 15.39 34.49
N MET B 472 36.92 14.48 34.22
CA MET B 472 35.85 14.16 35.16
C MET B 472 36.39 13.59 36.47
N GLY B 473 37.55 12.94 36.42
CA GLY B 473 38.12 12.37 37.61
C GLY B 473 38.88 13.33 38.49
N VAL B 474 38.99 14.60 38.10
CA VAL B 474 39.72 15.57 38.90
C VAL B 474 38.74 16.45 39.68
N ILE B 475 37.85 17.14 38.95
CA ILE B 475 36.84 17.96 39.61
C ILE B 475 35.92 17.09 40.45
N ILE B 476 35.42 16.03 39.85
CA ILE B 476 34.63 15.04 40.56
C ILE B 476 35.56 13.97 41.08
N GLY B 477 35.20 13.35 42.20
CA GLY B 477 36.05 12.36 42.81
C GLY B 477 37.01 12.91 43.84
N SER B 478 37.13 14.23 43.93
CA SER B 478 37.83 14.83 45.07
C SER B 478 37.14 14.46 46.37
N ALA B 479 35.81 14.41 46.35
CA ALA B 479 35.01 13.91 47.47
C ALA B 479 34.12 12.80 46.93
N VAL B 480 34.66 11.58 46.89
CA VAL B 480 33.89 10.39 46.54
C VAL B 480 33.97 9.34 47.63
N ILE B 481 35.14 9.14 48.23
CA ILE B 481 35.25 8.26 49.39
C ILE B 481 34.43 8.79 50.57
N PRO B 482 34.42 10.09 50.88
CA PRO B 482 33.54 10.58 51.94
C PRO B 482 32.08 10.14 51.79
N ILE B 483 31.54 10.20 50.58
CA ILE B 483 30.15 9.77 50.37
C ILE B 483 30.02 8.28 50.62
N ALA B 484 31.00 7.50 50.17
CA ALA B 484 30.98 6.06 50.41
C ALA B 484 30.98 5.74 51.89
N LEU B 485 31.78 6.48 52.67
CA LEU B 485 31.87 6.24 54.10
C LEU B 485 30.69 6.84 54.88
N LEU B 486 29.94 7.75 54.27
CA LEU B 486 28.80 8.33 54.98
C LEU B 486 27.72 7.29 55.22
N LEU B 487 27.36 6.54 54.19
CA LEU B 487 26.28 5.57 54.29
C LEU B 487 26.74 4.22 54.83
N LEU B 488 28.04 3.99 54.95
CA LEU B 488 28.52 2.64 55.19
C LEU B 488 29.37 2.48 56.45
N TRP B 489 29.99 3.54 56.96
CA TRP B 489 30.96 3.41 58.03
C TRP B 489 30.56 4.28 59.21
N ARG B 490 30.78 3.75 60.42
CA ARG B 490 30.11 4.28 61.60
C ARG B 490 30.68 5.63 62.03
N LYS B 491 32.00 5.77 62.04
CA LYS B 491 32.59 6.95 62.66
C LYS B 491 32.29 8.20 61.84
N ALA B 492 32.86 8.28 60.63
CA ALA B 492 32.47 9.25 59.60
C ALA B 492 32.33 10.67 60.16
N ASN B 493 33.45 11.23 60.58
CA ASN B 493 33.45 12.58 61.13
C ASN B 493 33.02 13.59 60.07
N ALA B 494 32.37 14.66 60.53
CA ALA B 494 31.92 15.72 59.62
C ALA B 494 33.06 16.59 59.14
N LEU B 495 34.02 16.90 60.01
CA LEU B 495 35.12 17.77 59.62
C LEU B 495 35.99 17.12 58.56
N GLY B 496 36.15 15.79 58.64
CA GLY B 496 36.96 15.08 57.67
C GLY B 496 36.43 15.23 56.25
N ALA B 497 35.10 15.24 56.10
CA ALA B 497 34.51 15.39 54.76
C ALA B 497 34.93 16.72 54.13
N ILE B 498 34.73 17.82 54.85
CA ILE B 498 35.05 19.14 54.30
C ILE B 498 36.55 19.25 54.03
N LEU B 499 37.36 18.84 55.00
CA LEU B 499 38.81 18.97 54.83
C LEU B 499 39.30 18.15 53.65
N GLY B 500 38.85 16.90 53.55
CA GLY B 500 39.26 16.06 52.43
C GLY B 500 38.78 16.60 51.10
N ALA B 501 37.53 17.07 51.02
CA ALA B 501 37.02 17.60 49.77
C ALA B 501 37.85 18.79 49.31
N VAL B 502 38.03 19.78 50.18
CA VAL B 502 38.73 20.99 49.76
C VAL B 502 40.20 20.68 49.44
N SER B 503 40.86 19.87 50.27
CA SER B 503 42.26 19.58 50.02
C SER B 503 42.44 18.78 48.73
N GLY B 504 41.61 17.76 48.52
CA GLY B 504 41.70 16.97 47.32
C GLY B 504 41.46 17.80 46.08
N CYS B 505 40.42 18.64 46.09
CA CYS B 505 40.14 19.47 44.93
C CYS B 505 41.29 20.41 44.63
N VAL B 506 41.74 21.17 45.64
CA VAL B 506 42.78 22.17 45.38
C VAL B 506 44.07 21.51 44.93
N LEU B 507 44.47 20.42 45.59
CA LEU B 507 45.74 19.79 45.25
C LEU B 507 45.64 19.08 43.91
N GLY B 508 44.48 18.52 43.57
CA GLY B 508 44.31 17.93 42.25
C GLY B 508 44.43 18.96 41.15
N VAL B 509 43.83 20.14 41.35
CA VAL B 509 43.97 21.19 40.34
C VAL B 509 45.43 21.62 40.22
N THR B 510 46.12 21.79 41.35
CA THR B 510 47.52 22.21 41.29
C THR B 510 48.39 21.17 40.58
N VAL B 511 48.22 19.89 40.90
CA VAL B 511 49.01 18.86 40.24
C VAL B 511 48.66 18.80 38.75
N TRP B 512 47.38 18.88 38.42
CA TRP B 512 46.96 18.78 37.03
C TRP B 512 47.56 19.91 36.19
N LEU B 513 47.55 21.12 36.73
CA LEU B 513 48.08 22.27 36.00
C LEU B 513 49.57 22.48 36.20
N SER B 514 50.23 21.65 37.02
CA SER B 514 51.67 21.74 37.22
C SER B 514 52.45 20.72 36.42
N VAL B 515 51.96 19.48 36.34
CA VAL B 515 52.65 18.45 35.59
C VAL B 515 52.59 18.71 34.09
N ALA B 516 51.65 19.53 33.62
CA ALA B 516 51.59 19.88 32.21
C ALA B 516 52.55 20.99 31.84
N LYS B 517 53.11 21.70 32.82
CA LYS B 517 54.08 22.76 32.55
C LYS B 517 55.49 22.20 32.45
N VAL B 518 55.96 21.57 33.51
CA VAL B 518 57.25 20.87 33.48
C VAL B 518 57.03 19.52 32.82
N GLN B 519 58.03 19.08 32.05
CA GLN B 519 58.09 17.82 31.31
C GLN B 519 57.22 17.85 30.05
N TYR B 520 56.40 18.87 29.84
CA TYR B 520 55.61 18.94 28.61
C TYR B 520 55.58 20.34 28.01
N GLY B 521 56.23 21.29 28.66
CA GLY B 521 56.36 22.63 28.11
C GLY B 521 55.12 23.48 28.39
N ARG B 522 54.51 24.01 27.32
CA ARG B 522 53.39 24.92 27.47
C ARG B 522 52.15 24.18 27.98
N VAL B 523 51.22 24.94 28.53
CA VAL B 523 49.93 24.43 28.97
C VAL B 523 48.88 24.90 27.95
N ASP B 524 48.20 23.94 27.34
CA ASP B 524 47.17 24.22 26.35
C ASP B 524 46.06 23.18 26.49
N LEU B 525 45.09 23.23 25.60
CA LEU B 525 43.98 22.28 25.65
C LEU B 525 44.49 20.86 25.39
N ASP B 526 45.24 20.67 24.31
CA ASP B 526 45.79 19.36 23.99
C ASP B 526 47.07 19.04 24.75
N SER B 527 47.71 20.05 25.35
CA SER B 527 48.93 19.82 26.09
C SER B 527 48.68 19.30 27.50
N THR B 528 47.43 19.31 27.96
CA THR B 528 47.09 18.81 29.29
C THR B 528 46.27 17.52 29.27
N GLY B 529 45.82 17.07 28.11
CA GLY B 529 45.00 15.88 28.03
C GLY B 529 45.74 14.62 27.65
N ARG B 530 46.97 14.49 28.13
CA ARG B 530 47.75 13.28 27.89
C ARG B 530 47.47 12.27 29.00
N ASN B 531 48.29 11.21 29.07
CA ASN B 531 48.00 10.11 29.97
C ASN B 531 48.53 10.36 31.37
N ALA B 532 49.85 10.56 31.49
CA ALA B 532 50.45 10.79 32.81
C ALA B 532 49.91 12.03 33.50
N PRO B 533 49.80 13.19 32.85
CA PRO B 533 49.28 14.37 33.57
C PRO B 533 47.87 14.20 34.11
N MET B 534 47.05 13.37 33.48
CA MET B 534 45.68 13.19 33.96
C MET B 534 45.59 12.10 35.02
N LEU B 535 46.34 11.03 34.86
CA LEU B 535 46.39 9.98 35.87
C LEU B 535 46.93 10.54 37.19
N ALA B 536 47.97 11.38 37.12
CA ALA B 536 48.52 11.97 38.32
C ALA B 536 47.46 12.80 39.05
N GLY B 537 46.75 13.64 38.31
CA GLY B 537 45.70 14.44 38.92
C GLY B 537 44.60 13.60 39.53
N ASN B 538 44.19 12.54 38.83
CA ASN B 538 43.12 11.68 39.34
C ASN B 538 43.53 11.01 40.65
N LEU B 539 44.72 10.41 40.67
CA LEU B 539 45.16 9.71 41.87
C LEU B 539 45.36 10.67 43.03
N VAL B 540 45.95 11.85 42.76
CA VAL B 540 46.12 12.82 43.83
C VAL B 540 44.76 13.28 44.34
N SER B 541 43.78 13.46 43.45
CA SER B 541 42.46 13.89 43.88
C SER B 541 41.79 12.86 44.79
N ILE B 542 41.93 11.58 44.48
CA ILE B 542 41.29 10.55 45.30
C ILE B 542 42.01 10.36 46.62
N LEU B 543 43.30 9.99 46.57
CA LEU B 543 43.94 9.43 47.75
C LEU B 543 44.05 10.42 48.89
N VAL B 544 44.40 11.69 48.61
CA VAL B 544 44.58 12.63 49.70
C VAL B 544 43.25 12.92 50.36
N GLY B 545 42.16 13.01 49.59
CA GLY B 545 40.86 13.23 50.18
C GLY B 545 40.45 12.08 51.08
N GLY B 546 40.62 10.85 50.59
CA GLY B 546 40.27 9.70 51.41
C GLY B 546 41.10 9.62 52.68
N ALA B 547 42.40 9.83 52.56
CA ALA B 547 43.27 9.77 53.73
C ALA B 547 42.94 10.86 54.73
N VAL B 548 42.66 12.07 54.26
CA VAL B 548 42.32 13.16 55.16
C VAL B 548 41.01 12.85 55.89
N HIS B 549 40.01 12.35 55.17
CA HIS B 549 38.75 12.03 55.82
C HIS B 549 38.95 10.97 56.89
N ALA B 550 39.71 9.91 56.56
CA ALA B 550 39.95 8.85 57.54
C ALA B 550 40.72 9.37 58.75
N ALA B 551 41.74 10.21 58.52
CA ALA B 551 42.55 10.72 59.61
C ALA B 551 41.73 11.58 60.56
N CYS B 552 40.93 12.50 60.01
CA CYS B 552 40.10 13.31 60.87
C CYS B 552 39.04 12.47 61.59
N SER B 553 38.49 11.46 60.92
CA SER B 553 37.47 10.64 61.57
C SER B 553 38.06 9.85 62.73
N LEU B 554 39.27 9.31 62.57
CA LEU B 554 39.90 8.64 63.69
C LEU B 554 40.35 9.63 64.76
N ALA B 555 40.59 10.89 64.38
CA ALA B 555 40.92 11.91 65.36
C ALA B 555 39.73 12.21 66.27
N TRP B 556 38.56 12.43 65.67
CA TRP B 556 37.34 12.72 66.43
C TRP B 556 36.20 11.84 65.94
N PRO B 557 36.15 10.57 66.38
CA PRO B 557 35.03 9.68 66.03
C PRO B 557 33.78 9.95 66.87
N GLN B 558 32.99 10.92 66.44
CA GLN B 558 31.79 11.28 67.17
C GLN B 558 30.74 10.17 67.18
N HIS B 559 30.80 9.26 66.21
CA HIS B 559 29.89 8.12 66.13
C HIS B 559 28.43 8.55 66.11
N SER B 622 47.69 -15.32 18.37
CA SER B 622 47.70 -15.02 16.93
C SER B 622 46.30 -15.21 16.33
N ALA B 623 46.22 -16.03 15.28
CA ALA B 623 44.94 -16.29 14.64
C ALA B 623 43.99 -17.01 15.59
N GLY B 624 44.49 -17.99 16.34
CA GLY B 624 43.64 -18.71 17.28
C GLY B 624 43.14 -17.83 18.40
N TYR B 625 44.00 -16.95 18.93
CA TYR B 625 43.58 -16.05 20.00
C TYR B 625 42.46 -15.12 19.52
N PHE B 626 42.62 -14.54 18.34
CA PHE B 626 41.58 -13.65 17.82
C PHE B 626 40.31 -14.41 17.46
N THR B 627 40.44 -15.65 16.98
CA THR B 627 39.26 -16.46 16.72
C THR B 627 38.49 -16.73 18.01
N MET B 628 39.20 -17.09 19.08
CA MET B 628 38.54 -17.29 20.37
C MET B 628 37.91 -16.00 20.87
N TRP B 629 38.60 -14.88 20.67
CA TRP B 629 38.05 -13.58 21.09
C TRP B 629 36.75 -13.29 20.36
N ALA B 630 36.72 -13.52 19.05
CA ALA B 630 35.50 -13.29 18.28
C ALA B 630 34.39 -14.23 18.71
N VAL B 631 34.72 -15.50 18.95
CA VAL B 631 33.71 -16.47 19.36
C VAL B 631 33.11 -16.07 20.70
N ILE B 632 33.94 -15.67 21.66
CA ILE B 632 33.42 -15.31 22.97
C ILE B 632 32.66 -13.98 22.91
N ALA B 633 33.06 -13.07 22.02
CA ALA B 633 32.31 -11.83 21.85
C ALA B 633 30.92 -12.11 21.31
N ILE B 634 30.81 -12.97 20.29
CA ILE B 634 29.50 -13.34 19.78
C ILE B 634 28.71 -14.09 20.85
N ALA B 635 29.39 -14.88 21.68
CA ALA B 635 28.70 -15.59 22.76
C ALA B 635 28.10 -14.61 23.76
N TRP B 636 28.85 -13.56 24.14
CA TRP B 636 28.29 -12.53 25.00
C TRP B 636 27.13 -11.82 24.32
N GLY B 637 27.26 -11.56 23.02
CA GLY B 637 26.15 -10.94 22.30
C GLY B 637 24.89 -11.76 22.32
N THR B 638 25.02 -13.09 22.17
CA THR B 638 23.86 -13.97 22.20
C THR B 638 23.30 -14.18 23.59
N VAL B 639 24.14 -14.17 24.62
CA VAL B 639 23.67 -14.25 26.00
C VAL B 639 23.41 -12.82 26.48
N GLY B 640 23.44 -11.89 25.54
CA GLY B 640 23.16 -10.48 25.74
C GLY B 640 21.74 -10.18 25.28
N SER B 641 21.60 -9.67 24.05
CA SER B 641 20.29 -9.30 23.55
C SER B 641 19.44 -10.53 23.23
N ALA B 642 19.37 -11.47 24.17
CA ALA B 642 18.39 -12.55 24.12
C ALA B 642 17.82 -12.90 25.49
N VAL B 643 18.19 -12.18 26.54
CA VAL B 643 17.64 -12.43 27.87
C VAL B 643 16.96 -11.22 28.48
N ILE B 644 17.15 -10.02 27.92
CA ILE B 644 16.40 -8.84 28.36
C ILE B 644 15.41 -8.37 27.32
N ILE B 645 15.43 -8.96 26.12
CA ILE B 645 14.50 -8.57 25.07
C ILE B 645 13.30 -9.51 24.97
N PHE B 646 13.45 -10.78 25.34
CA PHE B 646 12.35 -11.74 25.26
C PHE B 646 11.87 -12.23 26.61
N LEU B 647 12.72 -12.28 27.63
CA LEU B 647 12.28 -12.77 28.93
C LEU B 647 11.17 -11.93 29.54
N PRO B 648 11.21 -10.60 29.54
CA PRO B 648 10.06 -9.83 30.06
C PRO B 648 8.77 -10.09 29.32
N LEU B 649 8.84 -10.46 28.03
CA LEU B 649 7.62 -10.74 27.28
C LEU B 649 6.91 -11.97 27.81
N VAL B 650 7.64 -13.07 27.98
CA VAL B 650 7.03 -14.29 28.51
C VAL B 650 6.69 -14.12 29.98
N GLU B 651 7.46 -13.31 30.71
CA GLU B 651 7.15 -13.07 32.11
C GLU B 651 5.80 -12.37 32.27
N SER B 652 5.51 -11.40 31.42
CA SER B 652 4.26 -10.64 31.46
C SER B 652 3.36 -10.96 30.27
N TRP B 653 3.28 -12.25 29.91
CA TRP B 653 2.46 -12.65 28.77
C TRP B 653 0.97 -12.45 29.04
N ASP B 654 0.54 -12.60 30.29
CA ASP B 654 -0.87 -12.44 30.61
C ASP B 654 -1.35 -11.02 30.33
N THR B 655 -0.55 -10.03 30.71
CA THR B 655 -0.95 -8.64 30.48
C THR B 655 -0.92 -8.28 29.01
N ILE B 656 0.08 -8.77 28.26
CA ILE B 656 0.13 -8.46 26.84
C ILE B 656 -0.93 -9.23 26.07
N CYS B 657 -1.47 -10.31 26.64
CA CYS B 657 -2.58 -11.01 26.02
C CYS B 657 -3.93 -10.43 26.39
N LYS B 658 -4.04 -9.83 27.58
CA LYS B 658 -5.29 -9.20 27.99
C LYS B 658 -5.56 -7.94 27.18
N VAL B 659 -4.54 -7.18 26.81
CA VAL B 659 -4.77 -5.93 26.07
C VAL B 659 -5.16 -6.20 24.63
N CYS B 660 -4.54 -7.16 24.01
CA CYS B 660 -4.88 -7.50 22.65
C CYS B 660 -6.32 -7.93 22.50
N GLU B 661 -6.87 -8.56 23.52
CA GLU B 661 -8.26 -8.97 23.47
C GLU B 661 -9.14 -7.78 23.55
N GLY B 662 -8.89 -6.97 24.53
CA GLY B 662 -9.65 -5.77 24.67
C GLY B 662 -9.63 -5.02 23.37
N MET B 663 -8.59 -5.21 22.59
CA MET B 663 -8.48 -4.44 21.35
C MET B 663 -9.20 -4.87 20.04
N PHE B 664 -9.00 -6.05 19.48
CA PHE B 664 -9.60 -6.49 18.23
C PHE B 664 -10.89 -7.28 18.42
N THR B 665 -11.27 -7.57 19.66
CA THR B 665 -12.50 -8.29 19.96
C THR B 665 -13.42 -7.41 20.79
N ASN B 666 -14.70 -7.77 20.81
CA ASN B 666 -15.66 -7.06 21.63
C ASN B 666 -16.23 -7.99 22.71
N ASN B 667 -15.34 -8.73 23.39
CA ASN B 667 -15.78 -9.58 24.48
C ASN B 667 -16.36 -8.77 25.63
N ALA B 668 -15.94 -7.50 25.77
CA ALA B 668 -16.44 -6.66 26.85
C ALA B 668 -17.95 -6.42 26.73
N VAL B 669 -18.44 -6.22 25.51
CA VAL B 669 -19.86 -6.00 25.31
C VAL B 669 -20.65 -7.25 25.70
N TYR B 670 -20.19 -8.42 25.26
CA TYR B 670 -20.88 -9.66 25.58
C TYR B 670 -20.88 -9.93 27.07
N GLU B 671 -19.77 -9.64 27.74
CA GLU B 671 -19.62 -9.96 29.15
C GLU B 671 -20.70 -9.31 30.00
N ARG B 672 -21.29 -8.21 29.54
CA ARG B 672 -22.37 -7.56 30.26
C ARG B 672 -23.73 -7.77 29.61
N LEU B 673 -23.79 -7.96 28.29
CA LEU B 673 -25.06 -8.28 27.66
C LEU B 673 -25.61 -9.61 28.16
N ASP B 674 -24.77 -10.63 28.23
CA ASP B 674 -25.21 -11.92 28.77
C ASP B 674 -25.60 -11.81 30.24
N GLU B 675 -24.95 -10.94 31.00
CA GLU B 675 -25.32 -10.78 32.40
C GLU B 675 -26.69 -10.12 32.55
N MET B 676 -26.99 -9.13 31.71
CA MET B 676 -28.35 -8.57 31.71
C MET B 676 -29.36 -9.63 31.30
N ASN B 677 -29.01 -10.49 30.34
CA ASN B 677 -29.91 -11.58 29.98
C ASN B 677 -30.17 -12.50 31.16
N LEU B 678 -29.12 -12.84 31.91
CA LEU B 678 -29.28 -13.69 33.09
C LEU B 678 -30.15 -13.01 34.14
N ARG B 679 -29.98 -11.70 34.34
CA ARG B 679 -30.82 -10.99 35.29
C ARG B 679 -32.28 -11.03 34.86
N LEU B 680 -32.54 -10.84 33.57
CA LEU B 680 -33.92 -10.89 33.09
C LEU B 680 -34.51 -12.28 33.26
N LYS B 681 -33.69 -13.32 33.06
CA LYS B 681 -34.15 -14.67 33.38
C LYS B 681 -34.47 -14.81 34.86
N ALA B 682 -33.65 -14.18 35.71
CA ALA B 682 -33.88 -14.26 37.15
C ALA B 682 -35.19 -13.63 37.55
N ILE B 683 -35.52 -12.46 36.97
CA ILE B 683 -36.80 -11.83 37.30
C ILE B 683 -37.95 -12.70 36.87
N MET B 684 -37.86 -13.30 35.68
CA MET B 684 -38.87 -14.24 35.24
C MET B 684 -38.76 -15.54 36.03
N GLY B 685 -39.64 -16.48 35.72
CA GLY B 685 -39.70 -17.71 36.50
C GLY B 685 -40.59 -17.54 37.71
N ASP B 686 -40.30 -16.52 38.53
CA ASP B 686 -41.20 -16.14 39.60
C ASP B 686 -42.51 -15.59 39.07
N MET B 687 -42.52 -15.11 37.83
CA MET B 687 -43.74 -14.67 37.18
C MET B 687 -44.23 -15.78 36.28
N PRO B 688 -45.31 -16.49 36.62
CA PRO B 688 -45.69 -17.68 35.85
C PRO B 688 -46.08 -17.40 34.41
N GLU B 689 -47.07 -16.54 34.21
CA GLU B 689 -47.72 -16.41 32.91
C GLU B 689 -46.73 -15.94 31.84
N ALA B 690 -45.86 -14.99 32.20
CA ALA B 690 -44.91 -14.44 31.24
C ALA B 690 -44.00 -15.53 30.68
N GLU B 691 -43.64 -16.51 31.51
CA GLU B 691 -42.73 -17.56 31.07
C GLU B 691 -43.29 -18.33 29.88
N GLU B 692 -44.58 -18.69 29.94
CA GLU B 692 -45.19 -19.36 28.80
C GLU B 692 -45.45 -18.40 27.66
N ARG B 693 -45.95 -17.19 27.96
CA ARG B 693 -46.35 -16.31 26.86
C ARG B 693 -45.16 -15.75 26.09
N TYR B 694 -43.96 -15.85 26.63
CA TYR B 694 -42.77 -15.46 25.88
C TYR B 694 -42.35 -16.51 24.86
N GLN B 695 -42.72 -17.77 25.08
CA GLN B 695 -42.24 -18.85 24.22
C GLN B 695 -42.76 -18.72 22.79
N GLU B 696 -44.05 -18.39 22.63
CA GLU B 696 -44.62 -18.31 21.29
C GLU B 696 -43.96 -17.21 20.47
N MET B 697 -43.43 -16.19 21.14
CA MET B 697 -42.67 -15.16 20.43
C MET B 697 -41.42 -15.75 19.78
N GLN B 698 -40.71 -16.60 20.52
CA GLN B 698 -39.55 -17.28 19.94
C GLN B 698 -39.99 -18.24 18.84
N LYS B 699 -41.08 -18.97 19.06
CA LYS B 699 -41.57 -19.89 18.02
C LYS B 699 -41.96 -19.14 16.75
N GLU B 700 -42.38 -17.87 16.88
CA GLU B 700 -42.69 -17.08 15.70
C GLU B 700 -41.46 -16.89 14.83
N LYS B 701 -40.31 -16.64 15.45
CA LYS B 701 -39.05 -16.46 14.71
C LYS B 701 -38.65 -17.75 14.01
N ALA C 8 24.87 30.78 -22.32
CA ALA C 8 24.56 31.81 -21.33
C ALA C 8 25.64 32.88 -21.31
N CYS C 9 25.23 34.13 -21.56
CA CYS C 9 26.17 35.25 -21.55
C CYS C 9 25.98 36.04 -20.27
N PRO C 10 26.88 35.96 -19.30
CA PRO C 10 26.76 36.77 -18.10
C PRO C 10 27.45 38.11 -18.28
N PRO C 11 26.71 39.22 -18.13
CA PRO C 11 27.36 40.53 -18.16
C PRO C 11 28.27 40.70 -16.95
N PRO C 12 29.27 41.57 -17.03
CA PRO C 12 30.18 41.75 -15.90
C PRO C 12 29.44 42.19 -14.65
N GLY C 13 29.87 41.65 -13.52
CA GLY C 13 29.26 41.97 -12.23
C GLY C 13 27.96 41.23 -11.94
N LEU C 14 27.52 40.34 -12.82
CA LEU C 14 26.28 39.61 -12.65
C LEU C 14 26.56 38.12 -12.79
N GLY C 15 26.96 37.49 -11.69
CA GLY C 15 27.13 36.05 -11.66
C GLY C 15 25.80 35.36 -11.46
N PHE C 16 24.89 36.03 -10.75
CA PHE C 16 23.55 35.52 -10.55
C PHE C 16 22.66 35.73 -11.78
N GLY C 17 23.12 36.53 -12.73
CA GLY C 17 22.41 36.69 -13.98
C GLY C 17 22.74 35.62 -14.99
N GLY C 18 22.17 34.42 -14.81
CA GLY C 18 22.56 33.28 -15.62
C GLY C 18 21.77 33.13 -16.90
N GLU C 19 20.97 32.07 -17.00
CA GLU C 19 20.22 31.79 -18.22
C GLU C 19 19.20 32.87 -18.56
N TYR C 20 19.02 33.86 -17.68
CA TYR C 20 18.07 34.93 -17.95
C TYR C 20 18.48 35.75 -19.17
N TYR C 21 19.78 35.85 -19.42
CA TYR C 21 20.32 36.63 -20.53
C TYR C 21 20.49 35.72 -21.74
N SER C 22 19.82 36.04 -22.83
CA SER C 22 19.83 35.20 -24.02
C SER C 22 21.14 35.36 -24.80
N VAL C 23 21.39 34.42 -25.70
CA VAL C 23 22.62 34.41 -26.49
C VAL C 23 22.29 34.27 -27.98
N VAL C 24 21.02 34.42 -28.34
CA VAL C 24 20.63 34.36 -29.74
C VAL C 24 21.21 35.55 -30.48
N ASP C 25 21.77 35.30 -31.67
CA ASP C 25 22.47 36.29 -32.49
C ASP C 25 23.40 37.15 -31.63
N GLY C 26 23.96 36.54 -30.59
CA GLY C 26 24.76 37.23 -29.59
C GLY C 26 23.87 37.91 -28.57
N ALA C 27 23.40 39.13 -28.89
CA ALA C 27 22.32 39.81 -28.19
C ALA C 27 22.33 39.54 -26.69
N CYS C 28 23.42 39.86 -26.00
CA CYS C 28 23.55 39.46 -24.61
C CYS C 28 22.56 40.26 -23.76
N SER C 29 21.27 39.93 -23.89
CA SER C 29 20.20 40.70 -23.28
C SER C 29 19.18 39.74 -22.68
N ARG C 30 18.40 40.25 -21.74
CA ARG C 30 17.40 39.42 -21.09
C ARG C 30 16.20 39.19 -22.02
N ASP C 31 15.40 38.19 -21.66
CA ASP C 31 14.18 37.90 -22.40
C ASP C 31 13.14 38.98 -22.13
N GLY C 32 12.08 38.97 -22.95
CA GLY C 32 11.03 39.96 -22.79
C GLY C 32 10.28 39.82 -21.48
N SER C 33 9.90 38.59 -21.13
CA SER C 33 9.13 38.35 -19.92
C SER C 33 9.45 36.97 -19.39
N PHE C 34 9.22 36.78 -18.09
CA PHE C 34 9.48 35.48 -17.48
C PHE C 34 8.49 34.42 -17.99
N PHE C 35 7.23 34.80 -18.16
CA PHE C 35 6.18 33.87 -18.59
C PHE C 35 5.87 34.01 -20.07
N GLY C 36 6.88 34.27 -20.88
CA GLY C 36 6.68 34.52 -22.30
C GLY C 36 6.27 33.30 -23.10
N GLY C 37 5.03 32.85 -22.89
CA GLY C 37 4.47 31.77 -23.68
C GLY C 37 5.13 30.42 -23.50
N LYS C 38 5.42 30.04 -22.26
CA LYS C 38 5.96 28.71 -21.99
C LYS C 38 5.32 28.13 -20.74
N PRO C 39 4.39 27.19 -20.88
CA PRO C 39 3.72 26.61 -19.71
C PRO C 39 4.70 25.93 -18.76
N VAL C 40 4.42 26.04 -17.47
CA VAL C 40 5.24 25.43 -16.44
C VAL C 40 4.53 24.29 -15.72
N LEU C 41 3.22 24.34 -15.58
CA LEU C 41 2.45 23.31 -14.88
C LEU C 41 1.56 22.58 -15.88
N ALA C 42 1.20 21.35 -15.52
CA ALA C 42 0.32 20.56 -16.37
C ALA C 42 -1.05 21.23 -16.47
N GLN C 43 -1.62 21.20 -17.67
CA GLN C 43 -2.91 21.86 -17.92
C GLN C 43 -4.07 21.17 -17.21
N ALA C 44 -3.88 19.94 -16.73
CA ALA C 44 -4.98 19.21 -16.09
C ALA C 44 -5.23 19.71 -14.67
N VAL C 45 -4.18 20.06 -13.94
CA VAL C 45 -4.36 20.46 -12.54
C VAL C 45 -5.11 21.78 -12.45
N GLY C 46 -4.89 22.70 -13.40
CA GLY C 46 -5.58 23.97 -13.37
C GLY C 46 -7.09 23.88 -13.46
N TYR C 47 -7.60 22.97 -14.30
CA TYR C 47 -9.04 22.75 -14.36
C TYR C 47 -9.56 22.12 -13.07
N ALA C 48 -8.77 21.22 -12.47
CA ALA C 48 -9.13 20.61 -11.20
C ALA C 48 -8.98 21.56 -10.03
N VAL C 49 -8.29 22.68 -10.20
CA VAL C 49 -8.17 23.68 -9.14
C VAL C 49 -9.26 24.74 -9.26
N VAL C 50 -9.60 25.14 -10.49
CA VAL C 50 -10.63 26.16 -10.67
C VAL C 50 -11.98 25.63 -10.24
N LEU C 51 -12.31 24.40 -10.61
CA LEU C 51 -13.60 23.80 -10.28
C LEU C 51 -13.55 22.91 -9.04
N GLY C 52 -12.50 22.11 -8.90
CA GLY C 52 -12.47 21.09 -7.87
C GLY C 52 -12.06 21.57 -6.50
N PHE C 53 -11.83 22.87 -6.34
CA PHE C 53 -11.45 23.43 -5.04
C PHE C 53 -12.62 24.08 -4.33
N GLY C 54 -13.54 24.72 -5.05
CA GLY C 54 -14.73 25.25 -4.42
C GLY C 54 -15.61 24.17 -3.83
N ALA C 55 -15.65 23.01 -4.47
CA ALA C 55 -16.44 21.87 -3.99
C ALA C 55 -15.58 20.86 -3.25
N PHE C 56 -14.51 21.33 -2.62
CA PHE C 56 -13.67 20.49 -1.79
C PHE C 56 -13.53 21.00 -0.37
N PHE C 57 -13.39 22.31 -0.19
CA PHE C 57 -13.36 22.91 1.14
C PHE C 57 -14.77 23.07 1.70
N ALA C 58 -15.80 22.82 0.89
CA ALA C 58 -17.19 22.92 1.31
C ALA C 58 -17.66 21.66 2.02
N LEU C 59 -17.50 20.49 1.39
CA LEU C 59 -17.93 19.26 2.06
C LEU C 59 -17.03 18.92 3.24
N PHE C 60 -15.74 19.24 3.15
CA PHE C 60 -14.83 18.97 4.26
C PHE C 60 -15.26 19.75 5.49
N THR C 61 -15.67 21.01 5.31
CA THR C 61 -16.16 21.78 6.44
C THR C 61 -17.44 21.17 7.02
N SER C 62 -18.36 20.75 6.14
CA SER C 62 -19.60 20.16 6.63
C SER C 62 -19.35 18.82 7.32
N PHE C 63 -18.32 18.09 6.90
CA PHE C 63 -17.92 16.90 7.64
C PHE C 63 -17.53 17.25 9.08
N LEU C 64 -16.64 18.23 9.23
CA LEU C 64 -16.17 18.59 10.56
C LEU C 64 -17.28 19.14 11.43
N VAL C 65 -18.21 19.92 10.85
CA VAL C 65 -19.33 20.40 11.63
C VAL C 65 -20.35 19.30 11.89
N TRP C 66 -20.32 18.23 11.10
CA TRP C 66 -21.19 17.09 11.37
C TRP C 66 -20.65 16.24 12.51
N LEU C 67 -19.32 16.15 12.64
CA LEU C 67 -18.73 15.47 13.79
C LEU C 67 -19.05 16.18 15.09
N GLU C 68 -19.00 17.52 15.09
CA GLU C 68 -19.21 18.27 16.32
C GLU C 68 -20.64 18.11 16.83
N LYS C 69 -21.62 18.11 15.93
CA LYS C 69 -23.01 18.03 16.34
C LYS C 69 -23.44 16.62 16.73
N ARG C 70 -22.58 15.63 16.55
CA ARG C 70 -22.92 14.25 16.85
C ARG C 70 -22.32 13.75 18.15
N TYR C 71 -21.23 14.36 18.61
CA TYR C 71 -20.58 13.93 19.84
C TYR C 71 -20.50 15.02 20.90
N VAL C 72 -20.84 16.26 20.60
CA VAL C 72 -20.80 17.36 21.56
C VAL C 72 -22.20 17.86 21.89
N GLY C 73 -22.94 18.30 20.88
CA GLY C 73 -24.29 18.79 21.09
C GLY C 73 -24.39 20.30 21.17
N ILE C 93 -11.53 33.86 17.99
CA ILE C 93 -12.11 35.17 17.77
C ILE C 93 -11.06 36.09 17.16
N ALA C 94 -9.80 35.69 17.27
CA ALA C 94 -8.69 36.43 16.70
C ALA C 94 -8.31 35.95 15.30
N SER C 95 -9.00 34.95 14.76
CA SER C 95 -8.69 34.41 13.45
C SER C 95 -9.60 34.94 12.35
N VAL C 96 -10.76 35.50 12.71
CA VAL C 96 -11.64 36.12 11.72
C VAL C 96 -11.06 37.41 11.17
N ILE C 97 -10.01 37.94 11.79
CA ILE C 97 -9.33 39.13 11.29
C ILE C 97 -8.40 38.79 10.13
N VAL C 98 -8.25 37.51 9.81
CA VAL C 98 -7.42 37.07 8.71
C VAL C 98 -8.26 36.65 7.50
N SER C 99 -9.45 36.11 7.74
CA SER C 99 -10.24 35.51 6.67
C SER C 99 -10.67 36.52 5.62
N GLN C 100 -11.13 37.70 6.04
CA GLN C 100 -11.70 38.67 5.11
C GLN C 100 -10.64 39.60 4.51
N TRP C 101 -9.39 39.52 4.97
CA TRP C 101 -8.35 40.42 4.49
C TRP C 101 -7.30 39.77 3.60
N THR C 102 -7.09 38.46 3.73
CA THR C 102 -6.00 37.78 3.02
C THR C 102 -6.38 37.46 1.58
N TRP C 103 -7.37 38.17 1.04
CA TRP C 103 -7.88 37.93 -0.30
C TRP C 103 -6.89 38.45 -1.34
N ALA C 104 -7.34 38.57 -2.59
CA ALA C 104 -6.42 38.89 -3.67
C ALA C 104 -6.09 40.38 -3.68
N ALA C 105 -5.61 40.88 -2.54
CA ALA C 105 -5.04 42.21 -2.42
C ALA C 105 -3.75 42.26 -1.63
N THR C 106 -3.47 41.26 -0.79
CA THR C 106 -2.24 41.24 -0.01
C THR C 106 -1.26 40.17 -0.45
N ILE C 107 -1.63 39.30 -1.39
CA ILE C 107 -0.71 38.32 -1.93
C ILE C 107 -0.28 38.75 -3.33
N LEU C 108 -1.18 39.41 -4.05
CA LEU C 108 -0.95 39.75 -5.45
C LEU C 108 -0.52 41.20 -5.65
N GLN C 109 -0.74 42.08 -4.68
CA GLN C 109 -0.31 43.47 -4.81
C GLN C 109 0.70 43.92 -3.78
N SER C 110 0.69 43.35 -2.57
CA SER C 110 1.73 43.69 -1.61
C SER C 110 3.10 43.36 -2.17
N SER C 111 3.22 42.22 -2.85
CA SER C 111 4.45 41.89 -3.56
C SER C 111 4.40 42.38 -5.00
N ASN C 112 4.00 43.62 -5.16
CA ASN C 112 4.08 44.39 -6.39
C ASN C 112 4.67 45.76 -6.15
N VAL C 113 4.29 46.42 -5.05
CA VAL C 113 4.88 47.70 -4.69
C VAL C 113 6.31 47.51 -4.19
N ALA C 114 6.60 46.35 -3.59
CA ALA C 114 7.97 46.04 -3.20
C ALA C 114 8.89 46.00 -4.41
N TRP C 115 8.42 45.38 -5.49
CA TRP C 115 9.22 45.30 -6.71
C TRP C 115 9.40 46.67 -7.34
N GLN C 116 8.51 47.62 -7.02
CA GLN C 116 8.51 48.90 -7.71
C GLN C 116 9.12 50.02 -6.88
N TYR C 117 9.05 49.92 -5.54
CA TYR C 117 9.62 50.95 -4.67
C TYR C 117 10.40 50.36 -3.50
N GLY C 118 10.72 49.07 -3.55
CA GLY C 118 11.66 48.52 -2.58
C GLY C 118 11.04 48.29 -1.22
N VAL C 119 11.85 48.52 -0.18
CA VAL C 119 11.45 48.19 1.18
C VAL C 119 10.31 49.08 1.66
N SER C 120 10.24 50.31 1.16
CA SER C 120 9.16 51.21 1.55
C SER C 120 7.81 50.74 1.07
N GLY C 121 7.76 49.78 0.15
CA GLY C 121 6.51 49.23 -0.33
C GLY C 121 5.79 48.42 0.73
N PRO C 122 6.36 47.29 1.14
CA PRO C 122 5.69 46.47 2.16
C PRO C 122 5.89 47.01 3.56
N PHE C 123 5.69 48.30 3.71
CA PHE C 123 5.51 48.98 4.98
C PHE C 123 4.39 49.99 4.93
N TRP C 124 4.31 50.79 3.87
CA TRP C 124 3.20 51.72 3.70
C TRP C 124 1.93 50.99 3.29
N TYR C 125 2.07 49.85 2.61
CA TYR C 125 0.90 49.03 2.31
C TYR C 125 0.25 48.53 3.59
N ALA C 126 1.04 48.08 4.55
CA ALA C 126 0.51 47.65 5.84
C ALA C 126 0.44 48.82 6.81
N SER C 127 -0.06 49.95 6.32
CA SER C 127 -0.33 51.12 7.14
C SER C 127 -1.81 51.29 7.43
N GLY C 128 -2.66 50.98 6.46
CA GLY C 128 -4.06 50.83 6.74
C GLY C 128 -4.41 49.52 7.40
N ALA C 129 -3.44 48.60 7.51
CA ALA C 129 -3.68 47.33 8.18
C ALA C 129 -4.02 47.53 9.64
N THR C 130 -3.26 48.37 10.33
CA THR C 130 -3.62 48.72 11.71
C THR C 130 -4.81 49.65 11.75
N ILE C 131 -4.90 50.58 10.78
CA ILE C 131 -5.99 51.54 10.79
C ILE C 131 -7.32 50.84 10.56
N GLN C 132 -7.33 49.80 9.74
CA GLN C 132 -8.57 49.08 9.46
C GLN C 132 -9.11 48.42 10.72
N VAL C 133 -8.26 47.71 11.45
CA VAL C 133 -8.75 46.87 12.54
C VAL C 133 -9.28 47.71 13.69
N LEU C 134 -8.62 48.83 13.98
CA LEU C 134 -9.14 49.72 15.03
C LEU C 134 -10.45 50.37 14.62
N LEU C 135 -10.54 50.81 13.36
CA LEU C 135 -11.78 51.41 12.89
C LEU C 135 -12.94 50.42 12.96
N PHE C 136 -12.68 49.16 12.61
CA PHE C 136 -13.72 48.15 12.69
C PHE C 136 -14.08 47.84 14.13
N GLY C 137 -13.14 48.01 15.07
CA GLY C 137 -13.47 47.84 16.47
C GLY C 137 -14.42 48.91 16.97
N VAL C 138 -14.15 50.17 16.60
CA VAL C 138 -15.05 51.26 16.98
C VAL C 138 -16.40 51.06 16.32
N MET C 139 -16.41 50.58 15.08
CA MET C 139 -17.66 50.25 14.41
C MET C 139 -18.37 49.11 15.14
N ALA C 140 -17.61 48.12 15.62
CA ALA C 140 -18.21 46.97 16.30
C ALA C 140 -18.90 47.40 17.59
N ILE C 141 -18.23 48.22 18.40
CA ILE C 141 -18.82 48.62 19.67
C ILE C 141 -19.96 49.60 19.46
N GLU C 142 -19.86 50.47 18.45
CA GLU C 142 -20.89 51.49 18.26
C GLU C 142 -22.18 50.91 17.69
N ILE C 143 -22.08 49.87 16.86
CA ILE C 143 -23.27 49.33 16.22
C ILE C 143 -24.21 48.70 17.25
N LYS C 144 -23.66 48.10 18.30
CA LYS C 144 -24.51 47.46 19.31
C LYS C 144 -25.22 48.48 20.18
N ARG C 145 -24.49 49.52 20.60
CA ARG C 145 -25.03 50.46 21.58
C ARG C 145 -26.13 51.35 21.01
N LYS C 146 -26.17 51.53 19.69
CA LYS C 146 -27.16 52.41 19.10
C LYS C 146 -28.39 51.64 18.60
N ALA C 147 -28.18 50.60 17.80
CA ALA C 147 -29.29 49.82 17.29
C ALA C 147 -28.83 48.42 16.89
N PRO C 148 -28.86 47.45 17.82
CA PRO C 148 -28.41 46.10 17.48
C PRO C 148 -29.48 45.23 16.84
N LYS C 149 -30.17 45.75 15.83
CA LYS C 149 -30.97 44.90 14.93
C LYS C 149 -31.10 45.63 13.59
N ALA C 150 -30.10 45.38 12.72
CA ALA C 150 -30.11 45.99 11.39
C ALA C 150 -30.03 44.96 10.28
N HIS C 151 -29.08 44.03 10.40
CA HIS C 151 -28.77 42.97 9.44
C HIS C 151 -28.11 43.54 8.19
N THR C 152 -28.06 44.86 8.07
CA THR C 152 -27.49 45.57 6.93
C THR C 152 -26.98 46.91 7.43
N VAL C 153 -26.36 47.65 6.51
CA VAL C 153 -26.14 49.08 6.73
C VAL C 153 -27.20 49.90 6.01
N CYS C 154 -27.84 49.35 4.99
CA CYS C 154 -28.86 50.06 4.22
C CYS C 154 -30.14 50.28 5.01
N GLU C 155 -30.38 49.51 6.06
CA GLU C 155 -31.56 49.77 6.89
C GLU C 155 -31.36 50.99 7.78
N ILE C 156 -30.15 51.13 8.35
CA ILE C 156 -29.90 52.22 9.28
C ILE C 156 -29.94 53.57 8.59
N VAL C 157 -29.57 53.63 7.30
CA VAL C 157 -29.48 54.92 6.62
C VAL C 157 -30.86 55.57 6.52
N ARG C 158 -31.92 54.76 6.37
CA ARG C 158 -33.27 55.31 6.40
C ARG C 158 -33.69 55.68 7.81
N ALA C 159 -33.11 55.05 8.82
CA ALA C 159 -33.51 55.32 10.21
C ALA C 159 -33.20 56.74 10.61
N ARG C 160 -32.05 57.27 10.19
CA ARG C 160 -31.62 58.60 10.61
C ARG C 160 -31.93 59.66 9.55
N TRP C 161 -31.41 59.49 8.34
CA TRP C 161 -31.66 60.46 7.28
C TRP C 161 -33.01 60.17 6.62
N GLY C 162 -33.34 60.95 5.59
CA GLY C 162 -34.64 60.86 4.95
C GLY C 162 -34.79 59.63 4.09
N ARG C 163 -36.02 59.44 3.61
CA ARG C 163 -36.33 58.28 2.77
C ARG C 163 -35.61 58.34 1.43
N ALA C 164 -35.43 59.55 0.88
CA ALA C 164 -34.75 59.70 -0.40
C ALA C 164 -33.28 59.30 -0.33
N ALA C 165 -32.69 59.28 0.87
CA ALA C 165 -31.29 58.89 1.02
C ALA C 165 -31.18 57.37 1.12
N HIS C 166 -31.73 56.66 0.15
CA HIS C 166 -31.74 55.20 0.18
C HIS C 166 -31.23 54.62 -1.13
N ALA C 167 -31.59 55.24 -2.25
CA ALA C 167 -31.07 54.81 -3.54
C ALA C 167 -29.60 55.19 -3.70
N VAL C 168 -29.17 56.27 -3.07
CA VAL C 168 -27.77 56.67 -3.13
C VAL C 168 -26.89 55.66 -2.41
N PHE C 169 -27.29 55.28 -1.19
CA PHE C 169 -26.49 54.36 -0.39
C PHE C 169 -26.82 52.90 -0.65
N LEU C 170 -27.53 52.61 -1.74
CA LEU C 170 -27.69 51.25 -2.24
C LEU C 170 -26.82 51.00 -3.46
N ALA C 171 -26.78 51.94 -4.40
CA ALA C 171 -25.97 51.78 -5.59
C ALA C 171 -24.48 51.77 -5.25
N PHE C 172 -24.05 52.64 -4.33
CA PHE C 172 -22.65 52.64 -3.93
C PHE C 172 -22.26 51.34 -3.25
N CYS C 173 -23.16 50.79 -2.43
CA CYS C 173 -22.89 49.50 -1.80
C CYS C 173 -22.75 48.40 -2.85
N LEU C 174 -23.63 48.40 -3.86
CA LEU C 174 -23.50 47.42 -4.94
C LEU C 174 -22.22 47.66 -5.73
N ALA C 175 -21.89 48.92 -5.99
CA ALA C 175 -20.69 49.22 -6.76
C ALA C 175 -19.43 48.73 -6.05
N THR C 176 -19.41 48.83 -4.73
CA THR C 176 -18.28 48.30 -3.97
C THR C 176 -18.17 46.80 -4.12
N ASN C 177 -19.30 46.10 -4.03
CA ASN C 177 -19.27 44.64 -4.11
C ASN C 177 -18.81 44.16 -5.48
N VAL C 178 -19.23 44.85 -6.54
CA VAL C 178 -18.80 44.48 -7.89
C VAL C 178 -17.30 44.62 -8.03
N ILE C 179 -16.74 45.73 -7.52
CA ILE C 179 -15.32 46.03 -7.73
C ILE C 179 -14.45 45.03 -6.98
N VAL C 180 -14.75 44.78 -5.71
CA VAL C 180 -13.98 43.80 -4.94
C VAL C 180 -14.13 42.42 -5.54
N THR C 181 -15.30 42.12 -6.09
CA THR C 181 -15.49 40.86 -6.80
C THR C 181 -14.62 40.80 -8.04
N ALA C 182 -14.48 41.92 -8.74
CA ALA C 182 -13.64 41.92 -9.95
C ALA C 182 -12.18 41.68 -9.60
N MET C 183 -11.68 42.29 -8.52
CA MET C 183 -10.27 42.17 -8.18
C MET C 183 -9.90 40.73 -7.88
N LEU C 184 -10.75 40.02 -7.13
CA LEU C 184 -10.49 38.62 -6.85
C LEU C 184 -10.67 37.74 -8.07
N LEU C 185 -11.26 38.25 -9.15
CA LEU C 185 -11.40 37.48 -10.38
C LEU C 185 -10.34 37.81 -11.42
N LEU C 186 -10.05 39.10 -11.63
CA LEU C 186 -9.04 39.49 -12.60
C LEU C 186 -7.65 39.02 -12.24
N GLY C 187 -7.40 38.72 -10.97
CA GLY C 187 -6.09 38.27 -10.55
C GLY C 187 -5.99 36.76 -10.47
N GLY C 188 -7.07 36.11 -10.05
CA GLY C 188 -7.07 34.67 -9.97
C GLY C 188 -7.00 33.98 -11.32
N SER C 189 -7.43 34.65 -12.38
CA SER C 189 -7.34 34.10 -13.72
C SER C 189 -5.99 34.34 -14.37
N ALA C 190 -5.36 35.48 -14.09
CA ALA C 190 -4.06 35.77 -14.68
C ALA C 190 -2.99 34.80 -14.19
N VAL C 191 -3.00 34.47 -12.90
CA VAL C 191 -1.96 33.59 -12.36
C VAL C 191 -2.13 32.18 -12.92
N VAL C 192 -3.38 31.74 -13.10
CA VAL C 192 -3.59 30.42 -13.70
C VAL C 192 -3.40 30.48 -15.22
N ASN C 193 -3.51 31.66 -15.82
CA ASN C 193 -3.22 31.80 -17.24
C ASN C 193 -1.75 31.56 -17.55
N ALA C 194 -0.86 31.84 -16.58
CA ALA C 194 0.57 31.73 -16.82
C ALA C 194 1.15 30.42 -16.32
N LEU C 195 0.91 30.09 -15.05
CA LEU C 195 1.48 28.89 -14.47
C LEU C 195 0.93 27.63 -15.14
N THR C 196 -0.37 27.61 -15.40
CA THR C 196 -1.02 26.43 -15.96
C THR C 196 -1.33 26.58 -17.45
N ALA C 197 -1.26 27.81 -17.98
CA ALA C 197 -1.55 28.08 -19.39
C ALA C 197 -2.99 27.75 -19.77
N ILE C 198 -3.90 27.82 -18.80
CA ILE C 198 -5.32 27.71 -19.10
C ILE C 198 -5.75 28.88 -19.96
N ASN C 199 -6.74 28.66 -20.81
CA ASN C 199 -7.28 29.73 -21.63
C ASN C 199 -7.72 30.89 -20.75
N VAL C 200 -7.18 32.07 -21.02
CA VAL C 200 -7.41 33.22 -20.15
C VAL C 200 -8.88 33.63 -20.15
N TYR C 201 -9.64 33.27 -21.16
CA TYR C 201 -11.07 33.53 -21.17
C TYR C 201 -11.89 32.37 -20.63
N ALA C 202 -11.35 31.17 -20.62
CA ALA C 202 -12.05 30.03 -20.01
C ALA C 202 -11.87 29.99 -18.50
N ALA C 203 -10.88 30.70 -17.95
CA ALA C 203 -10.64 30.75 -16.52
C ALA C 203 -11.31 31.95 -15.86
N SER C 204 -11.96 32.81 -16.64
CA SER C 204 -12.67 33.95 -16.09
C SER C 204 -14.18 33.76 -16.00
N PHE C 205 -14.69 32.60 -16.40
CA PHE C 205 -16.09 32.26 -16.22
C PHE C 205 -16.30 31.04 -15.34
N LEU C 206 -15.28 30.20 -15.18
CA LEU C 206 -15.40 28.99 -14.36
C LEU C 206 -15.06 29.21 -12.90
N ILE C 207 -14.20 30.18 -12.59
CA ILE C 207 -13.93 30.51 -11.18
C ILE C 207 -15.20 30.95 -10.46
N PRO C 208 -16.07 31.81 -11.02
CA PRO C 208 -17.33 32.12 -10.32
C PRO C 208 -18.39 31.05 -10.54
N LEU C 209 -17.93 29.80 -10.58
CA LEU C 209 -18.79 28.63 -10.55
C LEU C 209 -18.42 27.68 -9.42
N GLY C 210 -17.12 27.54 -9.14
CA GLY C 210 -16.72 26.87 -7.93
C GLY C 210 -17.10 27.65 -6.69
N VAL C 211 -17.05 28.98 -6.78
CA VAL C 211 -17.40 29.82 -5.64
C VAL C 211 -18.89 29.73 -5.34
N VAL C 212 -19.73 29.77 -6.37
CA VAL C 212 -21.17 29.67 -6.14
C VAL C 212 -21.53 28.28 -5.64
N VAL C 213 -20.73 27.27 -6.00
CA VAL C 213 -20.89 25.95 -5.39
C VAL C 213 -20.56 26.00 -3.91
N TYR C 214 -19.45 26.66 -3.54
CA TYR C 214 -19.05 26.71 -2.14
C TYR C 214 -20.04 27.48 -1.29
N THR C 215 -20.51 28.63 -1.77
CA THR C 215 -21.39 29.46 -0.97
C THR C 215 -22.78 28.86 -0.81
N LEU C 216 -23.14 27.86 -1.61
CA LEU C 216 -24.42 27.18 -1.46
C LEU C 216 -24.29 25.84 -0.76
N ALA C 217 -23.12 25.20 -0.82
CA ALA C 217 -22.92 23.96 -0.09
C ALA C 217 -22.85 24.20 1.41
N GLY C 218 -22.35 25.35 1.83
CA GLY C 218 -22.21 25.70 3.22
C GLY C 218 -23.42 26.33 3.87
N GLY C 219 -24.54 26.37 3.16
CA GLY C 219 -25.77 26.90 3.71
C GLY C 219 -25.69 28.37 4.08
N LEU C 220 -24.93 29.15 3.30
CA LEU C 220 -24.69 30.58 3.56
C LEU C 220 -24.15 30.70 4.98
N LYS C 221 -24.58 31.69 5.76
CA LYS C 221 -24.14 31.90 7.14
C LYS C 221 -22.64 32.19 7.16
N ALA C 222 -22.08 32.45 8.35
CA ALA C 222 -20.65 32.72 8.51
C ALA C 222 -20.16 31.89 9.69
N THR C 223 -19.72 30.68 9.41
CA THR C 223 -19.27 29.78 10.47
C THR C 223 -17.82 30.10 10.86
N PHE C 224 -17.53 29.96 12.14
CA PHE C 224 -16.20 30.17 12.67
C PHE C 224 -15.24 29.04 12.33
N LEU C 225 -15.74 27.85 12.01
CA LEU C 225 -14.87 26.75 11.66
C LEU C 225 -14.15 27.01 10.34
N ALA C 226 -14.84 27.60 9.37
CA ALA C 226 -14.22 27.88 8.09
C ALA C 226 -13.13 28.93 8.23
N SER C 227 -13.31 29.89 9.14
CA SER C 227 -12.31 30.94 9.32
C SER C 227 -10.99 30.36 9.81
N TYR C 228 -11.04 29.43 10.77
CA TYR C 228 -9.82 28.86 11.32
C TYR C 228 -9.04 28.09 10.28
N ILE C 229 -9.72 27.25 9.50
CA ILE C 229 -9.01 26.43 8.51
C ILE C 229 -8.39 27.32 7.42
N HIS C 230 -9.05 28.43 7.10
CA HIS C 230 -8.51 29.36 6.11
C HIS C 230 -7.17 29.92 6.56
N SER C 231 -7.08 30.32 7.83
CA SER C 231 -5.84 30.91 8.33
C SER C 231 -4.75 29.86 8.52
N VAL C 232 -5.15 28.60 8.76
CA VAL C 232 -4.17 27.53 8.95
C VAL C 232 -3.39 27.31 7.67
N VAL C 233 -4.08 27.21 6.54
CA VAL C 233 -3.41 26.94 5.26
C VAL C 233 -2.57 28.14 4.83
N VAL C 234 -3.09 29.35 5.03
CA VAL C 234 -2.35 30.54 4.63
C VAL C 234 -1.06 30.68 5.43
N HIS C 235 -1.13 30.41 6.74
CA HIS C 235 0.03 30.61 7.60
C HIS C 235 1.00 29.44 7.61
N VAL C 236 0.64 28.29 7.04
CA VAL C 236 1.64 27.22 6.93
C VAL C 236 2.42 27.38 5.63
N VAL C 237 1.78 27.86 4.57
CA VAL C 237 2.48 28.15 3.33
C VAL C 237 3.41 29.35 3.51
N LEU C 238 3.01 30.32 4.33
CA LEU C 238 3.80 31.54 4.50
C LEU C 238 5.18 31.21 5.06
N VAL C 239 5.25 30.36 6.09
CA VAL C 239 6.54 30.08 6.70
C VAL C 239 7.43 29.29 5.76
N VAL C 240 6.85 28.45 4.89
CA VAL C 240 7.65 27.70 3.94
C VAL C 240 8.37 28.63 2.97
N PHE C 241 7.65 29.63 2.45
CA PHE C 241 8.24 30.55 1.49
C PHE C 241 9.28 31.46 2.11
N VAL C 242 9.03 31.99 3.31
CA VAL C 242 9.98 32.89 3.95
C VAL C 242 11.26 32.14 4.32
N PHE C 243 11.13 30.94 4.85
CA PHE C 243 12.31 30.15 5.20
C PHE C 243 13.15 29.79 3.98
N LEU C 244 12.54 29.63 2.82
CA LEU C 244 13.25 29.32 1.60
C LEU C 244 14.11 30.49 1.10
N VAL C 245 13.79 31.72 1.50
CA VAL C 245 14.43 32.91 0.97
C VAL C 245 15.48 33.45 1.93
N TYR C 246 15.26 33.32 3.24
CA TYR C 246 16.12 33.96 4.22
C TYR C 246 17.11 32.98 4.86
N THR C 247 16.65 31.86 5.40
CA THR C 247 17.50 30.96 6.15
C THR C 247 17.72 29.62 5.45
N SER C 248 16.64 28.92 5.11
CA SER C 248 16.76 27.59 4.51
C SER C 248 16.69 27.71 2.98
N GLY C 249 17.69 28.39 2.42
CA GLY C 249 17.77 28.56 0.99
C GLY C 249 19.13 28.28 0.41
N ASN C 250 19.22 27.28 -0.48
CA ASN C 250 20.47 26.96 -1.14
C ASN C 250 20.76 27.85 -2.34
N ARG C 251 19.79 28.64 -2.78
CA ARG C 251 19.98 29.59 -3.87
C ARG C 251 20.20 31.01 -3.36
N LEU C 252 19.45 31.42 -2.34
CA LEU C 252 19.56 32.75 -1.77
C LEU C 252 19.17 32.68 -0.30
N GLY C 253 19.96 33.32 0.55
CA GLY C 253 19.68 33.30 1.98
C GLY C 253 20.54 34.31 2.69
N SER C 254 20.29 34.43 4.01
CA SER C 254 21.00 35.29 4.93
C SER C 254 20.75 36.78 4.61
N PRO C 255 20.87 37.67 5.59
CA PRO C 255 20.66 39.10 5.32
C PRO C 255 21.81 39.80 4.64
N ARG C 256 22.80 39.07 4.13
CA ARG C 256 23.91 39.70 3.42
C ARG C 256 24.02 39.28 1.97
N VAL C 257 23.63 38.05 1.63
CA VAL C 257 23.58 37.64 0.22
C VAL C 257 22.48 38.41 -0.49
N VAL C 258 21.40 38.73 0.22
CA VAL C 258 20.36 39.57 -0.37
C VAL C 258 20.86 41.00 -0.54
N HIS C 259 21.66 41.48 0.42
CA HIS C 259 22.09 42.88 0.40
C HIS C 259 22.98 43.18 -0.80
N ASP C 260 24.02 42.37 -1.02
CA ASP C 260 24.99 42.69 -2.06
C ASP C 260 24.40 42.56 -3.45
N HIS C 261 23.50 41.60 -3.67
CA HIS C 261 22.78 41.54 -4.93
C HIS C 261 21.94 42.78 -5.15
N LEU C 262 21.28 43.26 -4.09
CA LEU C 262 20.37 44.38 -4.22
C LEU C 262 21.08 45.63 -4.72
N THR C 263 22.24 45.93 -4.16
CA THR C 263 23.02 47.06 -4.66
C THR C 263 23.71 46.73 -5.97
N ALA C 264 23.80 45.45 -6.33
CA ALA C 264 24.36 45.09 -7.63
C ALA C 264 23.37 45.33 -8.76
N VAL C 265 22.08 45.12 -8.51
CA VAL C 265 21.07 45.34 -9.54
C VAL C 265 20.98 46.82 -9.90
N ALA C 266 20.97 47.69 -8.90
CA ALA C 266 20.93 49.13 -9.12
C ALA C 266 22.21 49.72 -8.54
N SER C 267 23.22 49.90 -9.40
CA SER C 267 24.50 50.45 -9.01
C SER C 267 24.84 51.60 -9.95
N ALA C 268 26.00 52.22 -9.72
CA ALA C 268 26.43 53.32 -10.57
C ALA C 268 26.67 52.85 -12.00
N VAL C 269 27.32 51.69 -12.16
CA VAL C 269 27.58 51.16 -13.49
C VAL C 269 26.28 50.60 -14.08
N ARG C 270 25.96 50.99 -15.30
CA ARG C 270 24.70 50.62 -15.96
C ARG C 270 25.02 50.12 -17.36
N ASN C 271 25.03 48.79 -17.52
CA ASN C 271 25.27 48.20 -18.82
C ASN C 271 24.00 48.14 -19.67
N CYS C 272 22.84 48.41 -19.06
CA CYS C 272 21.55 48.21 -19.70
C CYS C 272 21.03 49.53 -20.25
N SER C 273 21.40 49.87 -21.49
CA SER C 273 20.81 51.06 -22.11
C SER C 273 19.99 50.72 -23.35
N ALA C 274 20.61 50.28 -24.45
CA ALA C 274 19.81 49.88 -25.60
C ALA C 274 19.44 48.39 -25.58
N PRO C 275 20.43 47.46 -25.59
CA PRO C 275 20.08 46.04 -25.78
C PRO C 275 19.50 45.40 -24.52
N LEU C 276 20.10 45.70 -23.38
CA LEU C 276 19.81 44.97 -22.14
C LEU C 276 18.64 45.60 -21.41
N SER C 277 17.70 44.76 -20.97
CA SER C 277 16.68 45.15 -20.00
C SER C 277 15.85 46.34 -20.50
N HIS C 278 15.02 46.04 -21.51
CA HIS C 278 14.14 47.00 -22.19
C HIS C 278 13.51 47.97 -21.21
N PRO C 279 13.27 49.23 -21.62
CA PRO C 279 13.02 50.32 -20.66
C PRO C 279 11.85 50.11 -19.71
N ASP C 280 11.09 49.04 -19.89
CA ASP C 280 9.99 48.70 -19.00
C ASP C 280 10.34 47.60 -18.01
N GLN C 281 11.58 47.13 -18.00
CA GLN C 281 12.02 46.11 -17.07
C GLN C 281 12.68 46.75 -15.86
N ALA C 282 13.30 45.95 -15.00
CA ALA C 282 13.92 46.43 -13.77
C ALA C 282 15.44 46.42 -13.94
N CYS C 283 16.00 47.60 -14.22
CA CYS C 283 17.44 47.80 -14.29
C CYS C 283 17.72 49.29 -14.28
N GLY C 284 18.59 49.72 -13.38
CA GLY C 284 18.93 51.11 -13.27
C GLY C 284 18.32 51.77 -12.05
N PRO C 285 18.96 52.84 -11.56
CA PRO C 285 18.43 53.56 -10.40
C PRO C 285 17.07 54.17 -10.73
N VAL C 286 16.19 54.18 -9.74
CA VAL C 286 14.81 54.61 -9.95
C VAL C 286 14.64 56.00 -9.36
N HIS C 287 13.77 56.79 -9.97
CA HIS C 287 13.36 58.05 -9.39
C HIS C 287 12.61 57.81 -8.08
N GLY C 288 12.64 58.79 -7.19
CA GLY C 288 12.10 58.58 -5.87
C GLY C 288 13.16 58.16 -4.89
N ASN C 289 13.32 56.85 -4.72
CA ASN C 289 14.33 56.26 -3.83
C ASN C 289 15.67 56.99 -3.95
N PHE C 290 16.28 57.26 -2.80
CA PHE C 290 17.51 58.05 -2.76
C PHE C 290 18.63 57.34 -3.51
N LYS C 291 19.30 58.09 -4.39
CA LYS C 291 20.39 57.63 -5.24
C LYS C 291 20.13 56.24 -5.83
N GLY C 292 18.88 55.94 -6.14
CA GLY C 292 18.53 54.65 -6.71
C GLY C 292 18.88 53.47 -5.82
N SER C 293 18.75 53.63 -4.51
CA SER C 293 19.03 52.56 -3.56
C SER C 293 17.71 51.95 -3.10
N TYR C 294 17.59 50.64 -3.25
CA TYR C 294 16.35 49.95 -2.89
C TYR C 294 16.34 49.57 -1.41
N LEU C 295 16.70 50.53 -0.55
CA LEU C 295 16.68 50.30 0.88
C LEU C 295 16.20 51.51 1.68
N THR C 296 15.89 52.63 1.04
CA THR C 296 15.56 53.85 1.74
C THR C 296 14.06 53.92 2.04
N MET C 297 13.66 54.96 2.78
CA MET C 297 12.27 55.24 3.07
C MET C 297 11.77 56.52 2.40
N LEU C 298 12.62 57.49 2.17
CA LEU C 298 12.22 58.74 1.50
C LEU C 298 11.99 58.49 0.02
N SER C 299 10.74 58.23 -0.37
CA SER C 299 10.42 57.94 -1.76
C SER C 299 9.06 58.50 -2.10
N SER C 300 9.00 59.29 -3.18
CA SER C 300 7.72 59.79 -3.66
C SER C 300 6.83 58.63 -4.12
N GLY C 301 7.41 57.66 -4.82
CA GLY C 301 6.63 56.51 -5.24
C GLY C 301 6.17 55.65 -4.07
N GLY C 302 7.02 55.51 -3.05
CA GLY C 302 6.59 54.83 -1.85
C GLY C 302 5.54 55.61 -1.09
N LEU C 303 5.69 56.94 -1.03
CA LEU C 303 4.75 57.75 -0.26
C LEU C 303 3.41 57.88 -0.96
N VAL C 304 3.41 57.95 -2.29
CA VAL C 304 2.15 58.12 -3.02
C VAL C 304 1.25 56.92 -2.80
N PHE C 305 1.84 55.75 -2.54
CA PHE C 305 1.04 54.58 -2.21
C PHE C 305 0.64 54.58 -0.73
N GLY C 306 0.59 55.77 -0.15
CA GLY C 306 0.22 55.97 1.24
C GLY C 306 -1.24 56.36 1.30
N ILE C 307 -1.50 57.66 1.31
CA ILE C 307 -2.84 58.23 1.35
C ILE C 307 -3.81 57.45 0.47
N ILE C 308 -3.38 57.06 -0.73
CA ILE C 308 -4.27 56.27 -1.60
C ILE C 308 -4.66 54.96 -0.94
N ASN C 309 -3.69 54.25 -0.35
CA ASN C 309 -4.03 53.02 0.35
C ASN C 309 -4.98 53.29 1.51
N ILE C 310 -4.77 54.43 2.20
CA ILE C 310 -5.72 54.84 3.23
C ILE C 310 -7.08 55.14 2.61
N VAL C 311 -7.09 55.82 1.46
CA VAL C 311 -8.35 56.11 0.77
C VAL C 311 -9.07 54.82 0.41
N GLY C 312 -8.34 53.85 -0.14
CA GLY C 312 -8.97 52.62 -0.57
C GLY C 312 -9.51 51.80 0.58
N ASN C 313 -8.75 51.70 1.66
CA ASN C 313 -9.15 50.84 2.78
C ASN C 313 -10.29 51.42 3.59
N PHE C 314 -10.42 52.76 3.61
CA PHE C 314 -11.57 53.36 4.28
C PHE C 314 -12.88 53.00 3.57
N GLY C 315 -12.87 53.02 2.24
CA GLY C 315 -14.09 52.74 1.50
C GLY C 315 -14.56 51.31 1.65
N THR C 316 -13.63 50.35 1.71
CA THR C 316 -14.00 48.95 1.77
C THR C 316 -14.36 48.47 3.16
N VAL C 317 -14.48 49.36 4.14
CA VAL C 317 -14.89 48.94 5.49
C VAL C 317 -16.15 49.70 5.89
N PHE C 318 -16.32 50.91 5.34
CA PHE C 318 -17.50 51.71 5.64
C PHE C 318 -18.56 51.61 4.56
N VAL C 319 -18.16 51.64 3.30
CA VAL C 319 -19.14 51.47 2.22
C VAL C 319 -19.43 50.00 1.98
N ASP C 320 -18.47 49.12 2.24
CA ASP C 320 -18.68 47.69 2.02
C ASP C 320 -19.63 47.12 3.05
N ASN C 321 -20.41 46.13 2.61
CA ASN C 321 -21.42 45.50 3.44
C ASN C 321 -20.98 44.14 4.00
N GLY C 322 -19.81 43.65 3.61
CA GLY C 322 -19.32 42.40 4.18
C GLY C 322 -18.98 42.52 5.66
N TYR C 323 -18.30 43.60 6.03
CA TYR C 323 -17.92 43.79 7.43
C TYR C 323 -19.11 44.17 8.30
N TRP C 324 -20.03 44.99 7.78
CA TRP C 324 -21.21 45.36 8.54
C TRP C 324 -21.96 44.12 9.00
N MET C 325 -22.04 43.11 8.15
CA MET C 325 -22.65 41.84 8.55
C MET C 325 -21.69 41.03 9.42
N SER C 326 -20.38 41.18 9.21
CA SER C 326 -19.41 40.47 10.02
C SER C 326 -19.46 40.92 11.47
N ALA C 327 -19.73 42.21 11.70
CA ALA C 327 -19.81 42.74 13.05
C ALA C 327 -21.11 42.38 13.75
N ILE C 328 -22.07 41.79 13.04
CA ILE C 328 -23.34 41.42 13.68
C ILE C 328 -23.13 40.34 14.72
N ALA C 329 -22.18 39.43 14.49
CA ALA C 329 -21.86 38.41 15.48
C ALA C 329 -21.41 39.05 16.79
N ALA C 330 -20.64 40.15 16.70
CA ALA C 330 -20.31 40.99 17.85
C ALA C 330 -19.59 40.23 18.95
N ARG C 331 -20.22 40.14 20.13
CA ARG C 331 -19.62 39.65 21.37
C ARG C 331 -18.40 40.52 21.66
N PRO C 332 -18.62 41.78 22.07
CA PRO C 332 -17.53 42.77 22.05
C PRO C 332 -16.29 42.40 22.86
N SER C 333 -16.46 41.76 24.02
CA SER C 333 -15.32 41.55 24.91
C SER C 333 -14.25 40.66 24.25
N SER C 334 -14.66 39.51 23.74
CA SER C 334 -13.72 38.67 23.01
C SER C 334 -13.37 39.26 21.65
N THR C 335 -14.31 39.99 21.04
CA THR C 335 -14.08 40.52 19.70
C THR C 335 -12.99 41.58 19.70
N HIS C 336 -12.98 42.47 20.70
CA HIS C 336 -11.94 43.49 20.75
C HIS C 336 -10.59 42.88 21.13
N LYS C 337 -10.59 41.79 21.89
CA LYS C 337 -9.37 41.04 22.11
C LYS C 337 -8.84 40.48 20.79
N GLY C 338 -9.74 39.96 19.96
CA GLY C 338 -9.34 39.49 18.65
C GLY C 338 -8.85 40.61 17.75
N TYR C 339 -9.43 41.80 17.88
CA TYR C 339 -9.04 42.93 17.05
C TYR C 339 -7.56 43.26 17.22
N LEU C 340 -7.14 43.46 18.48
CA LEU C 340 -5.75 43.81 18.74
C LEU C 340 -4.80 42.67 18.37
N LEU C 341 -5.12 41.46 18.81
CA LEU C 341 -4.28 40.31 18.48
C LEU C 341 -4.29 40.03 16.98
N GLY C 342 -5.47 40.08 16.36
CA GLY C 342 -5.55 39.87 14.93
C GLY C 342 -4.89 40.97 14.13
N GLY C 343 -4.95 42.21 14.61
CA GLY C 343 -4.31 43.31 13.90
C GLY C 343 -2.81 43.16 13.83
N LEU C 344 -2.18 42.79 14.96
CA LEU C 344 -0.74 42.58 14.96
C LEU C 344 -0.35 41.39 14.08
N VAL C 345 -1.13 40.31 14.12
CA VAL C 345 -0.82 39.13 13.32
C VAL C 345 -0.92 39.46 11.84
N TRP C 346 -1.98 40.15 11.42
CA TRP C 346 -2.11 40.48 10.01
C TRP C 346 -1.27 41.70 9.65
N PHE C 347 -0.64 42.36 10.62
CA PHE C 347 0.42 43.30 10.31
C PHE C 347 1.68 42.56 9.88
N ALA C 348 1.84 41.32 10.34
CA ALA C 348 3.03 40.54 10.03
C ALA C 348 2.93 39.89 8.66
N VAL C 349 1.75 39.38 8.30
CA VAL C 349 1.59 38.56 7.10
C VAL C 349 1.93 39.37 5.85
N PRO C 350 1.41 40.62 5.67
CA PRO C 350 1.97 41.49 4.64
C PRO C 350 3.49 41.56 4.66
N PHE C 351 4.07 41.86 5.82
CA PHE C 351 5.52 42.07 5.89
C PHE C 351 6.29 40.80 5.54
N SER C 352 5.83 39.65 6.01
CA SER C 352 6.59 38.42 5.83
C SER C 352 6.68 38.04 4.36
N LEU C 353 5.55 38.07 3.65
CA LEU C 353 5.53 37.55 2.29
C LEU C 353 5.92 38.62 1.27
N ALA C 354 5.50 39.86 1.49
CA ALA C 354 5.79 40.91 0.50
C ALA C 354 7.26 41.27 0.49
N THR C 355 7.93 41.19 1.64
CA THR C 355 9.36 41.45 1.68
C THR C 355 10.16 40.28 1.11
N SER C 356 9.76 39.05 1.46
CA SER C 356 10.45 37.88 0.96
C SER C 356 10.26 37.71 -0.55
N LEU C 357 9.02 37.75 -1.01
CA LEU C 357 8.76 37.55 -2.43
C LEU C 357 9.08 38.82 -3.23
N GLY C 358 8.73 39.99 -2.71
CA GLY C 358 8.93 41.21 -3.45
C GLY C 358 10.39 41.51 -3.73
N LEU C 359 11.24 41.39 -2.72
CA LEU C 359 12.67 41.55 -2.95
C LEU C 359 13.26 40.33 -3.63
N GLY C 360 12.56 39.20 -3.62
CA GLY C 360 13.03 38.03 -4.32
C GLY C 360 13.15 38.25 -5.82
N ALA C 361 12.18 38.96 -6.40
CA ALA C 361 12.26 39.30 -7.81
C ALA C 361 13.26 40.42 -8.06
N LEU C 362 13.61 41.18 -7.02
CA LEU C 362 14.59 42.25 -7.16
C LEU C 362 16.01 41.73 -6.97
N ALA C 363 16.27 41.08 -5.83
CA ALA C 363 17.62 40.60 -5.54
C ALA C 363 18.08 39.57 -6.56
N LEU C 364 17.20 38.64 -6.91
CA LEU C 364 17.52 37.65 -7.94
C LEU C 364 17.22 38.23 -9.31
N ASP C 365 18.15 38.06 -10.25
CA ASP C 365 17.93 38.54 -11.60
C ASP C 365 16.73 37.81 -12.20
N LEU C 366 15.67 38.57 -12.49
CA LEU C 366 14.46 37.95 -12.98
C LEU C 366 13.68 39.00 -13.76
N PRO C 367 13.36 38.75 -15.03
CA PRO C 367 12.73 39.78 -15.87
C PRO C 367 11.24 39.94 -15.55
N ILE C 368 10.87 41.15 -15.13
CA ILE C 368 9.48 41.51 -14.89
C ILE C 368 9.13 42.70 -15.77
N THR C 369 8.10 42.54 -16.59
CA THR C 369 7.54 43.65 -17.34
C THR C 369 6.80 44.60 -16.41
N ALA C 370 6.85 45.90 -16.73
CA ALA C 370 6.14 46.89 -15.92
C ALA C 370 4.63 46.63 -15.91
N ALA C 371 4.10 46.05 -16.98
CA ALA C 371 2.70 45.67 -17.01
C ALA C 371 2.44 44.30 -16.43
N GLU C 372 3.40 43.38 -16.54
CA GLU C 372 3.26 42.06 -15.94
C GLU C 372 3.29 42.10 -14.42
N ALA C 373 3.71 43.23 -13.83
CA ALA C 373 3.66 43.38 -12.38
C ALA C 373 2.31 43.86 -11.90
N ALA C 374 1.58 44.62 -12.73
CA ALA C 374 0.26 45.08 -12.35
C ALA C 374 -0.78 43.98 -12.40
N LYS C 375 -0.49 42.87 -13.08
CA LYS C 375 -1.43 41.76 -13.17
C LYS C 375 -1.27 40.77 -12.03
N GLY C 376 -0.41 41.06 -11.06
CA GLY C 376 -0.29 40.18 -9.91
C GLY C 376 0.51 38.94 -10.23
N LEU C 377 1.52 39.08 -11.08
CA LEU C 377 2.36 37.95 -11.46
C LEU C 377 3.73 37.95 -10.79
N VAL C 378 4.06 39.00 -10.03
CA VAL C 378 5.35 39.02 -9.34
C VAL C 378 5.49 37.90 -8.33
N PRO C 379 4.51 37.65 -7.44
CA PRO C 379 4.64 36.48 -6.55
C PRO C 379 4.57 35.17 -7.30
N ALA C 380 4.05 35.16 -8.53
CA ALA C 380 4.01 33.95 -9.33
C ALA C 380 5.35 33.58 -9.92
N ALA C 381 6.16 34.57 -10.31
CA ALA C 381 7.47 34.29 -10.88
C ALA C 381 8.47 33.78 -9.86
N THR C 382 8.49 34.34 -8.66
CA THR C 382 9.46 33.95 -7.65
C THR C 382 9.19 32.57 -7.07
N ALA C 383 7.98 32.03 -7.25
CA ALA C 383 7.67 30.71 -6.72
C ALA C 383 8.10 29.60 -7.66
N THR C 384 8.05 29.83 -8.96
CA THR C 384 8.42 28.83 -9.95
C THR C 384 9.91 28.83 -10.26
N ALA C 385 10.66 29.79 -9.72
CA ALA C 385 12.10 29.87 -9.94
C ALA C 385 12.91 29.50 -8.71
N LEU C 386 12.52 29.97 -7.53
CA LEU C 386 13.27 29.67 -6.32
C LEU C 386 13.20 28.18 -5.99
N MET C 387 12.04 27.56 -6.15
CA MET C 387 11.89 26.14 -5.84
C MET C 387 11.22 25.34 -6.96
N GLY C 388 10.41 25.97 -7.81
CA GLY C 388 10.01 25.32 -9.05
C GLY C 388 8.61 24.76 -9.10
N LYS C 389 8.52 23.46 -9.42
CA LYS C 389 7.22 22.83 -9.64
C LYS C 389 6.36 22.85 -8.38
N SER C 390 6.91 22.38 -7.26
CA SER C 390 6.13 22.33 -6.03
C SER C 390 5.80 23.73 -5.52
N GLY C 391 6.60 24.73 -5.90
CA GLY C 391 6.30 26.09 -5.49
C GLY C 391 5.04 26.63 -6.12
N SER C 392 4.84 26.33 -7.40
CA SER C 392 3.68 26.86 -8.12
C SER C 392 2.38 26.33 -7.53
N VAL C 393 2.33 25.04 -7.21
CA VAL C 393 1.10 24.46 -6.69
C VAL C 393 0.80 25.00 -5.30
N LEU C 394 1.84 25.20 -4.49
CA LEU C 394 1.63 25.78 -3.17
C LEU C 394 1.10 27.20 -3.28
N LEU C 395 1.65 27.98 -4.22
CA LEU C 395 1.12 29.32 -4.46
C LEU C 395 -0.28 29.25 -5.05
N LEU C 396 -0.55 28.24 -5.87
CA LEU C 396 -1.87 28.08 -6.46
C LEU C 396 -2.92 27.81 -5.39
N ILE C 397 -2.66 26.83 -4.51
CA ILE C 397 -3.62 26.52 -3.46
C ILE C 397 -3.71 27.67 -2.47
N MET C 398 -2.58 28.30 -2.16
CA MET C 398 -2.59 29.44 -1.25
C MET C 398 -3.45 30.58 -1.79
N LEU C 399 -3.35 30.86 -3.09
CA LEU C 399 -4.17 31.92 -3.66
C LEU C 399 -5.61 31.48 -3.86
N PHE C 400 -5.83 30.22 -4.22
CA PHE C 400 -7.20 29.76 -4.47
C PHE C 400 -7.95 29.39 -3.19
N MET C 401 -7.25 29.19 -2.08
CA MET C 401 -7.93 29.10 -0.79
C MET C 401 -8.39 30.46 -0.31
N ALA C 402 -7.71 31.52 -0.71
CA ALA C 402 -8.06 32.86 -0.30
C ALA C 402 -8.97 33.59 -1.27
N VAL C 403 -9.20 33.04 -2.47
CA VAL C 403 -10.09 33.67 -3.43
C VAL C 403 -11.52 33.17 -3.27
N THR C 404 -11.71 31.89 -2.94
CA THR C 404 -13.04 31.42 -2.55
C THR C 404 -13.23 31.49 -1.04
N SER C 405 -12.83 32.62 -0.47
CA SER C 405 -13.10 32.93 0.93
C SER C 405 -13.53 34.37 1.14
N ALA C 406 -13.23 35.29 0.24
CA ALA C 406 -13.80 36.62 0.24
C ALA C 406 -14.88 36.79 -0.80
N GLY C 407 -14.78 36.08 -1.93
CA GLY C 407 -15.88 36.08 -2.88
C GLY C 407 -17.14 35.45 -2.32
N SER C 408 -16.98 34.35 -1.56
CA SER C 408 -18.13 33.76 -0.89
C SER C 408 -18.73 34.74 0.09
N ALA C 409 -17.88 35.45 0.84
CA ALA C 409 -18.39 36.49 1.74
C ALA C 409 -19.02 37.63 0.95
N GLU C 410 -18.49 37.93 -0.23
CA GLU C 410 -19.05 39.03 -1.03
C GLU C 410 -20.43 38.67 -1.57
N LEU C 411 -20.59 37.46 -2.10
CA LEU C 411 -21.89 37.07 -2.63
C LEU C 411 -22.93 37.01 -1.52
N VAL C 412 -22.55 36.48 -0.36
CA VAL C 412 -23.50 36.41 0.76
C VAL C 412 -23.90 37.81 1.18
N ALA C 413 -22.94 38.75 1.19
CA ALA C 413 -23.24 40.12 1.59
C ALA C 413 -24.22 40.78 0.63
N VAL C 414 -24.02 40.61 -0.68
CA VAL C 414 -24.93 41.24 -1.64
C VAL C 414 -26.29 40.57 -1.61
N SER C 415 -26.32 39.28 -1.25
CA SER C 415 -27.59 38.59 -1.11
C SER C 415 -28.42 39.22 0.00
N SER C 416 -27.81 39.42 1.17
CA SER C 416 -28.53 40.03 2.29
C SER C 416 -28.87 41.48 2.01
N LEU C 417 -28.05 42.17 1.21
CA LEU C 417 -28.28 43.58 0.95
C LEU C 417 -29.46 43.79 0.00
N CYS C 418 -29.80 42.80 -0.82
CA CYS C 418 -30.87 42.97 -1.79
C CYS C 418 -32.19 42.41 -1.31
N THR C 419 -32.20 41.18 -0.77
CA THR C 419 -33.45 40.58 -0.32
C THR C 419 -34.07 41.32 0.84
N TYR C 420 -33.25 41.87 1.73
CA TYR C 420 -33.76 42.61 2.87
C TYR C 420 -34.04 44.08 2.56
N ASP C 421 -33.78 44.53 1.34
CA ASP C 421 -33.92 45.94 0.99
C ASP C 421 -34.67 46.22 -0.30
N ILE C 422 -34.88 45.22 -1.16
CA ILE C 422 -35.62 45.43 -2.40
C ILE C 422 -36.86 44.56 -2.40
N TYR C 423 -36.79 43.44 -1.68
CA TYR C 423 -37.92 42.53 -1.60
C TYR C 423 -38.77 42.76 -0.36
N ARG C 424 -38.12 42.91 0.80
CA ARG C 424 -38.86 43.02 2.05
C ARG C 424 -39.59 44.36 2.18
N THR C 425 -39.14 45.40 1.48
CA THR C 425 -39.72 46.73 1.66
C THR C 425 -40.24 47.37 0.38
N TYR C 426 -39.95 46.82 -0.80
CA TYR C 426 -40.44 47.40 -2.04
C TYR C 426 -41.33 46.48 -2.86
N ILE C 427 -40.88 45.25 -3.12
CA ILE C 427 -41.67 44.35 -3.97
C ILE C 427 -42.91 43.86 -3.23
N ASN C 428 -42.70 43.21 -2.09
CA ASN C 428 -43.82 42.75 -1.24
C ASN C 428 -43.51 43.11 0.21
N PRO C 429 -44.30 43.97 0.84
CA PRO C 429 -44.06 44.26 2.27
C PRO C 429 -44.11 43.01 3.13
N ASP C 430 -45.02 42.09 2.85
CA ASP C 430 -45.05 40.83 3.57
C ASP C 430 -43.92 39.92 3.12
N ALA C 431 -43.51 39.01 4.00
CA ALA C 431 -42.40 38.10 3.70
C ALA C 431 -42.58 36.85 4.55
N THR C 432 -42.96 35.75 3.90
CA THR C 432 -42.99 34.47 4.59
C THR C 432 -41.57 33.98 4.87
N GLY C 433 -41.47 33.02 5.79
CA GLY C 433 -40.18 32.48 6.15
C GLY C 433 -39.48 31.74 5.03
N GLU C 434 -40.20 31.42 3.95
CA GLU C 434 -39.62 30.70 2.84
C GLU C 434 -39.35 31.58 1.63
N GLN C 435 -40.06 32.71 1.49
CA GLN C 435 -39.79 33.61 0.37
C GLN C 435 -38.39 34.19 0.47
N ILE C 436 -37.89 34.41 1.69
CA ILE C 436 -36.54 34.95 1.86
C ILE C 436 -35.52 33.96 1.32
N LEU C 437 -35.67 32.68 1.64
CA LEU C 437 -34.72 31.69 1.15
C LEU C 437 -34.80 31.55 -0.36
N ARG C 438 -35.97 31.74 -0.94
CA ARG C 438 -36.12 31.75 -2.39
C ARG C 438 -35.23 32.81 -3.02
N VAL C 439 -35.44 34.07 -2.64
CA VAL C 439 -34.72 35.17 -3.28
C VAL C 439 -33.27 35.21 -2.84
N SER C 440 -32.95 34.65 -1.67
CA SER C 440 -31.57 34.68 -1.20
C SER C 440 -30.66 33.88 -2.12
N ARG C 441 -31.03 32.62 -2.40
CA ARG C 441 -30.24 31.80 -3.31
C ARG C 441 -30.47 32.18 -4.76
N ALA C 442 -31.59 32.85 -5.05
CA ALA C 442 -31.82 33.34 -6.41
C ALA C 442 -30.79 34.40 -6.78
N THR C 443 -30.51 35.32 -5.85
CA THR C 443 -29.51 36.35 -6.12
C THR C 443 -28.12 35.74 -6.27
N VAL C 444 -27.80 34.75 -5.44
CA VAL C 444 -26.46 34.18 -5.45
C VAL C 444 -26.15 33.55 -6.80
N LEU C 445 -27.09 32.78 -7.34
CA LEU C 445 -26.86 32.09 -8.61
C LEU C 445 -26.69 33.08 -9.75
N VAL C 446 -27.56 34.08 -9.82
CA VAL C 446 -27.48 35.04 -10.93
C VAL C 446 -26.25 35.93 -10.80
N PHE C 447 -26.00 36.46 -9.61
CA PHE C 447 -24.86 37.35 -9.42
C PHE C 447 -23.54 36.64 -9.65
N GLY C 448 -23.46 35.35 -9.30
CA GLY C 448 -22.27 34.57 -9.58
C GLY C 448 -22.03 34.35 -11.06
N CYS C 449 -23.06 34.44 -11.87
CA CYS C 449 -22.92 34.34 -13.33
C CYS C 449 -22.98 35.68 -14.03
N LEU C 450 -23.70 36.66 -13.47
CA LEU C 450 -23.71 38.00 -14.04
C LEU C 450 -22.34 38.68 -13.91
N MET C 451 -21.60 38.38 -12.86
CA MET C 451 -20.23 38.87 -12.75
C MET C 451 -19.23 37.96 -13.46
N GLY C 452 -19.66 36.79 -13.92
CA GLY C 452 -18.81 35.95 -14.75
C GLY C 452 -18.64 36.47 -16.17
N VAL C 453 -19.55 37.33 -16.63
CA VAL C 453 -19.37 37.97 -17.93
C VAL C 453 -18.72 39.35 -17.81
N LEU C 454 -18.84 40.01 -16.66
CA LEU C 454 -18.10 41.24 -16.43
C LEU C 454 -16.63 41.01 -16.19
N ALA C 455 -16.27 39.84 -15.67
CA ALA C 455 -14.88 39.50 -15.45
C ALA C 455 -14.16 39.09 -16.73
N VAL C 456 -14.90 38.83 -17.80
CA VAL C 456 -14.28 38.40 -19.06
C VAL C 456 -14.36 39.53 -20.07
N ILE C 457 -15.36 40.40 -19.93
CA ILE C 457 -15.40 41.57 -20.80
C ILE C 457 -14.29 42.55 -20.43
N LEU C 458 -13.90 42.62 -19.16
CA LEU C 458 -12.82 43.49 -18.75
C LEU C 458 -11.44 42.87 -18.93
N ASN C 459 -11.35 41.61 -19.37
CA ASN C 459 -10.05 40.97 -19.45
C ASN C 459 -9.40 41.24 -20.80
N LEU C 460 -10.18 41.26 -21.88
CA LEU C 460 -9.64 41.53 -23.21
C LEU C 460 -9.60 43.01 -23.53
N VAL C 461 -9.96 43.87 -22.59
CA VAL C 461 -10.07 45.30 -22.84
C VAL C 461 -9.00 46.00 -22.01
N GLY C 462 -7.87 45.33 -21.81
CA GLY C 462 -6.80 45.99 -21.09
C GLY C 462 -6.77 45.71 -19.59
N VAL C 463 -7.46 46.58 -18.86
CA VAL C 463 -7.32 46.79 -17.42
C VAL C 463 -7.12 45.51 -16.62
N SER C 464 -6.16 45.54 -15.69
CA SER C 464 -5.80 44.43 -14.82
C SER C 464 -5.86 44.89 -13.35
N LEU C 465 -5.33 44.05 -12.45
CA LEU C 465 -5.51 44.25 -11.02
C LEU C 465 -4.97 45.59 -10.56
N GLY C 466 -3.87 46.06 -11.17
CA GLY C 466 -3.25 47.28 -10.70
C GLY C 466 -4.14 48.51 -10.84
N TRP C 467 -4.90 48.61 -11.94
CA TRP C 467 -5.64 49.83 -12.19
C TRP C 467 -6.83 49.97 -11.25
N LEU C 468 -7.52 48.86 -10.95
CA LEU C 468 -8.71 48.95 -10.11
C LEU C 468 -8.38 49.40 -8.70
N TYR C 469 -7.30 48.86 -8.13
CA TYR C 469 -7.00 49.12 -6.73
C TYR C 469 -6.79 50.59 -6.46
N LEU C 470 -6.09 51.30 -7.35
CA LEU C 470 -5.95 52.74 -7.23
C LEU C 470 -7.23 53.48 -7.59
N ALA C 471 -8.02 52.95 -8.52
CA ALA C 471 -9.28 53.56 -8.90
C ALA C 471 -10.41 53.27 -7.93
N MET C 472 -10.22 52.31 -7.01
CA MET C 472 -11.26 51.99 -6.05
C MET C 472 -11.56 53.15 -5.12
N GLY C 473 -10.60 54.05 -4.93
CA GLY C 473 -10.80 55.21 -4.10
C GLY C 473 -11.48 56.38 -4.76
N VAL C 474 -11.85 56.24 -6.04
CA VAL C 474 -12.53 57.32 -6.76
C VAL C 474 -14.02 57.03 -6.78
N ILE C 475 -14.40 55.91 -7.37
CA ILE C 475 -15.82 55.56 -7.44
C ILE C 475 -16.38 55.31 -6.06
N ILE C 476 -15.66 54.56 -5.25
CA ILE C 476 -16.04 54.33 -3.86
C ILE C 476 -15.28 55.34 -3.01
N GLY C 477 -15.84 55.68 -1.85
CA GLY C 477 -15.24 56.66 -1.00
C GLY C 477 -15.68 58.07 -1.27
N SER C 478 -16.45 58.30 -2.33
CA SER C 478 -17.10 59.60 -2.52
C SER C 478 -18.06 59.88 -1.37
N ALA C 479 -18.70 58.84 -0.84
CA ALA C 479 -19.53 58.92 0.36
C ALA C 479 -19.04 57.85 1.33
N VAL C 480 -18.04 58.20 2.15
CA VAL C 480 -17.53 57.33 3.20
C VAL C 480 -17.56 58.01 4.56
N ILE C 481 -17.16 59.28 4.63
CA ILE C 481 -17.34 60.04 5.88
C ILE C 481 -18.80 60.16 6.25
N PRO C 482 -19.74 60.41 5.33
CA PRO C 482 -21.16 60.36 5.70
C PRO C 482 -21.55 59.07 6.42
N ILE C 483 -21.02 57.94 5.97
CA ILE C 483 -21.29 56.68 6.66
C ILE C 483 -20.64 56.69 8.04
N ALA C 484 -19.42 57.21 8.14
CA ALA C 484 -18.75 57.29 9.44
C ALA C 484 -19.51 58.18 10.40
N LEU C 485 -20.01 59.32 9.91
CA LEU C 485 -20.75 60.24 10.76
C LEU C 485 -22.17 59.80 11.04
N LEU C 486 -22.70 58.85 10.28
CA LEU C 486 -24.09 58.44 10.48
C LEU C 486 -24.23 57.69 11.81
N LEU C 487 -23.31 56.77 12.10
CA LEU C 487 -23.38 55.99 13.33
C LEU C 487 -22.70 56.67 14.51
N LEU C 488 -21.99 57.77 14.30
CA LEU C 488 -21.11 58.31 15.33
C LEU C 488 -21.35 59.77 15.69
N TRP C 489 -21.91 60.58 14.80
CA TRP C 489 -22.02 62.01 15.05
C TRP C 489 -23.49 62.43 15.04
N ARG C 490 -23.85 63.30 15.98
CA ARG C 490 -25.25 63.49 16.33
C ARG C 490 -26.04 64.22 15.25
N LYS C 491 -25.50 65.30 14.69
CA LYS C 491 -26.30 66.15 13.83
C LYS C 491 -26.66 65.44 12.53
N ALA C 492 -25.67 65.16 11.69
CA ALA C 492 -25.80 64.28 10.53
C ALA C 492 -27.06 64.57 9.72
N ASN C 493 -27.08 65.77 9.12
CA ASN C 493 -28.22 66.15 8.29
C ASN C 493 -28.32 65.27 7.06
N ALA C 494 -29.56 65.03 6.62
CA ALA C 494 -29.81 64.19 5.46
C ALA C 494 -29.36 64.84 4.16
N LEU C 495 -29.53 66.16 4.03
CA LEU C 495 -29.21 66.83 2.77
C LEU C 495 -27.72 66.78 2.47
N GLY C 496 -26.88 66.81 3.52
CA GLY C 496 -25.44 66.76 3.29
C GLY C 496 -24.99 65.47 2.66
N ALA C 497 -25.66 64.36 2.97
CA ALA C 497 -25.27 63.07 2.42
C ALA C 497 -25.47 63.03 0.90
N ILE C 498 -26.64 63.45 0.43
CA ILE C 498 -26.92 63.42 -1.00
C ILE C 498 -26.04 64.42 -1.73
N LEU C 499 -25.96 65.66 -1.21
CA LEU C 499 -25.14 66.68 -1.85
C LEU C 499 -23.67 66.30 -1.84
N GLY C 500 -23.19 65.77 -0.72
CA GLY C 500 -21.79 65.37 -0.63
C GLY C 500 -21.44 64.20 -1.53
N ALA C 501 -22.34 63.22 -1.63
CA ALA C 501 -22.05 62.03 -2.43
C ALA C 501 -22.02 62.35 -3.91
N VAL C 502 -23.04 63.07 -4.40
CA VAL C 502 -23.11 63.35 -5.83
C VAL C 502 -22.02 64.33 -6.25
N SER C 503 -21.73 65.33 -5.41
CA SER C 503 -20.72 66.32 -5.78
C SER C 503 -19.33 65.71 -5.80
N GLY C 504 -18.99 64.91 -4.78
CA GLY C 504 -17.69 64.29 -4.75
C GLY C 504 -17.49 63.29 -5.87
N CYS C 505 -18.55 62.57 -6.22
CA CYS C 505 -18.46 61.57 -7.28
C CYS C 505 -18.22 62.22 -8.63
N VAL C 506 -19.00 63.26 -8.95
CA VAL C 506 -18.86 63.91 -10.25
C VAL C 506 -17.55 64.71 -10.31
N LEU C 507 -17.20 65.40 -9.22
CA LEU C 507 -16.00 66.22 -9.23
C LEU C 507 -14.75 65.37 -9.29
N GLY C 508 -14.75 64.22 -8.59
CA GLY C 508 -13.60 63.33 -8.64
C GLY C 508 -13.31 62.83 -10.05
N VAL C 509 -14.37 62.45 -10.78
CA VAL C 509 -14.18 61.96 -12.14
C VAL C 509 -13.62 63.06 -13.04
N THR C 510 -14.16 64.27 -12.94
CA THR C 510 -13.66 65.37 -13.77
C THR C 510 -12.19 65.65 -13.47
N VAL C 511 -11.83 65.73 -12.20
CA VAL C 511 -10.42 65.93 -11.85
C VAL C 511 -9.59 64.75 -12.33
N TRP C 512 -10.09 63.53 -12.13
CA TRP C 512 -9.35 62.34 -12.53
C TRP C 512 -9.09 62.33 -14.03
N LEU C 513 -10.09 62.69 -14.84
CA LEU C 513 -9.97 62.65 -16.28
C LEU C 513 -9.48 63.96 -16.90
N SER C 514 -9.26 64.99 -16.09
CA SER C 514 -8.68 66.23 -16.57
C SER C 514 -7.17 66.31 -16.34
N VAL C 515 -6.70 65.85 -15.19
CA VAL C 515 -5.26 65.78 -14.94
C VAL C 515 -4.61 64.78 -15.88
N ALA C 516 -5.36 63.84 -16.42
CA ALA C 516 -4.81 62.88 -17.37
C ALA C 516 -4.67 63.47 -18.77
N LYS C 517 -5.39 64.53 -19.09
CA LYS C 517 -5.28 65.17 -20.40
C LYS C 517 -4.14 66.18 -20.42
N VAL C 518 -4.23 67.20 -19.59
CA VAL C 518 -3.16 68.19 -19.45
C VAL C 518 -2.05 67.57 -18.61
N GLN C 519 -0.81 67.90 -18.95
CA GLN C 519 0.43 67.47 -18.31
C GLN C 519 0.78 66.02 -18.63
N TYR C 520 -0.10 65.25 -19.28
CA TYR C 520 0.22 63.87 -19.64
C TYR C 520 -0.22 63.53 -21.05
N GLY C 521 -0.81 64.48 -21.75
CA GLY C 521 -1.17 64.29 -23.15
C GLY C 521 -2.46 63.48 -23.31
N ARG C 522 -2.35 62.35 -24.02
CA ARG C 522 -3.53 61.56 -24.32
C ARG C 522 -4.07 60.88 -23.06
N VAL C 523 -5.34 60.51 -23.12
CA VAL C 523 -6.01 59.79 -22.04
C VAL C 523 -6.26 58.38 -22.53
N ASP C 524 -5.75 57.40 -21.79
CA ASP C 524 -5.82 56.00 -22.20
C ASP C 524 -5.86 55.14 -20.93
N LEU C 525 -5.69 53.83 -21.12
CA LEU C 525 -5.69 52.92 -19.97
C LEU C 525 -4.47 53.16 -19.08
N ASP C 526 -3.29 53.20 -19.69
CA ASP C 526 -2.06 53.44 -18.94
C ASP C 526 -1.73 54.92 -18.78
N SER C 527 -2.44 55.80 -19.49
CA SER C 527 -2.20 57.23 -19.37
C SER C 527 -2.96 57.86 -18.20
N THR C 528 -3.80 57.09 -17.51
CA THR C 528 -4.56 57.60 -16.39
C THR C 528 -4.20 56.96 -15.05
N GLY C 529 -3.45 55.86 -15.06
CA GLY C 529 -3.17 55.15 -13.82
C GLY C 529 -1.78 55.38 -13.26
N ARG C 530 -1.25 56.59 -13.39
CA ARG C 530 0.05 56.92 -12.83
C ARG C 530 -0.11 57.35 -11.38
N ASN C 531 0.98 57.83 -10.77
CA ASN C 531 0.95 58.14 -9.35
C ASN C 531 0.18 59.44 -9.08
N ALA C 532 0.68 60.55 -9.62
CA ALA C 532 0.04 61.85 -9.37
C ALA C 532 -1.40 61.93 -9.84
N PRO C 533 -1.77 61.48 -11.05
CA PRO C 533 -3.18 61.62 -11.47
C PRO C 533 -4.15 60.90 -10.57
N MET C 534 -3.73 59.83 -9.90
CA MET C 534 -4.64 59.05 -9.06
C MET C 534 -4.70 59.60 -7.64
N LEU C 535 -3.61 60.18 -7.16
CA LEU C 535 -3.65 60.84 -5.85
C LEU C 535 -4.57 62.04 -5.88
N ALA C 536 -4.55 62.81 -6.97
CA ALA C 536 -5.40 63.99 -7.07
C ALA C 536 -6.88 63.60 -7.04
N GLY C 537 -7.24 62.54 -7.78
CA GLY C 537 -8.63 62.11 -7.82
C GLY C 537 -9.12 61.58 -6.49
N ASN C 538 -8.26 60.81 -5.79
CA ASN C 538 -8.67 60.21 -4.53
C ASN C 538 -8.93 61.27 -3.47
N LEU C 539 -8.06 62.29 -3.40
CA LEU C 539 -8.23 63.34 -2.41
C LEU C 539 -9.47 64.17 -2.67
N VAL C 540 -9.64 64.65 -3.89
CA VAL C 540 -10.77 65.52 -4.21
C VAL C 540 -12.08 64.79 -3.99
N SER C 541 -12.12 63.49 -4.23
CA SER C 541 -13.35 62.74 -4.03
C SER C 541 -13.75 62.68 -2.56
N ILE C 542 -12.78 62.76 -1.66
CA ILE C 542 -13.05 62.57 -0.24
C ILE C 542 -13.30 63.89 0.46
N LEU C 543 -12.40 64.86 0.29
CA LEU C 543 -12.45 66.07 1.10
C LEU C 543 -13.73 66.86 0.87
N VAL C 544 -14.16 67.00 -0.39
CA VAL C 544 -15.36 67.79 -0.66
C VAL C 544 -16.59 67.08 -0.11
N GLY C 545 -16.61 65.75 -0.15
CA GLY C 545 -17.76 65.02 0.34
C GLY C 545 -17.98 65.23 1.83
N GLY C 546 -16.90 65.11 2.61
CA GLY C 546 -17.01 65.39 4.04
C GLY C 546 -17.29 66.85 4.33
N ALA C 547 -16.66 67.76 3.59
CA ALA C 547 -16.87 69.18 3.82
C ALA C 547 -18.30 69.59 3.51
N SER C 622 22.19 50.12 5.85
CA SER C 622 23.14 49.29 5.12
C SER C 622 23.03 47.83 5.55
N ALA C 623 24.17 47.19 5.78
CA ALA C 623 24.16 45.81 6.26
C ALA C 623 23.52 45.69 7.62
N GLY C 624 23.81 46.64 8.52
CA GLY C 624 23.18 46.62 9.83
C GLY C 624 21.68 46.89 9.77
N TYR C 625 21.27 47.87 8.97
CA TYR C 625 19.86 48.21 8.88
C TYR C 625 19.05 47.06 8.28
N PHE C 626 19.57 46.43 7.23
CA PHE C 626 18.84 45.34 6.59
C PHE C 626 18.79 44.10 7.47
N THR C 627 19.87 43.81 8.20
CA THR C 627 19.87 42.65 9.10
C THR C 627 18.86 42.84 10.22
N MET C 628 18.78 44.04 10.80
CA MET C 628 17.74 44.33 11.77
C MET C 628 16.36 44.22 11.14
N TRP C 629 16.23 44.66 9.89
CA TRP C 629 14.97 44.51 9.19
C TRP C 629 14.63 43.03 8.99
N ALA C 630 15.65 42.22 8.67
CA ALA C 630 15.42 40.78 8.46
C ALA C 630 15.11 40.07 9.77
N VAL C 631 15.76 40.47 10.86
CA VAL C 631 15.48 39.86 12.16
C VAL C 631 14.09 40.21 12.62
N ILE C 632 13.71 41.50 12.52
CA ILE C 632 12.39 41.90 12.97
C ILE C 632 11.31 41.32 12.07
N ALA C 633 11.61 41.11 10.79
CA ALA C 633 10.64 40.48 9.90
C ALA C 633 10.33 39.05 10.33
N ILE C 634 11.37 38.29 10.68
CA ILE C 634 11.17 36.93 11.16
C ILE C 634 10.52 36.94 12.54
N ALA C 635 10.81 37.99 13.34
CA ALA C 635 10.20 38.09 14.66
C ALA C 635 8.69 38.20 14.57
N TRP C 636 8.18 39.02 13.63
CA TRP C 636 6.74 39.09 13.43
C TRP C 636 6.19 37.77 12.92
N GLY C 637 6.96 37.04 12.12
CA GLY C 637 6.52 35.74 11.66
C GLY C 637 6.32 34.74 12.78
N THR C 638 7.25 34.72 13.75
CA THR C 638 7.14 33.81 14.88
C THR C 638 6.04 34.21 15.85
N VAL C 639 5.82 35.52 16.05
CA VAL C 639 4.74 36.00 16.90
C VAL C 639 3.50 36.12 16.01
N GLY C 640 3.59 35.56 14.81
CA GLY C 640 2.54 35.53 13.82
C GLY C 640 1.86 34.18 13.84
N SER C 641 2.27 33.27 12.95
CA SER C 641 1.63 31.96 12.86
C SER C 641 2.04 31.06 14.01
N ALA C 642 1.94 31.56 15.24
CA ALA C 642 2.08 30.74 16.43
C ALA C 642 1.12 31.15 17.53
N VAL C 643 0.25 32.14 17.29
CA VAL C 643 -0.77 32.51 18.27
C VAL C 643 -2.17 32.39 17.70
N ILE C 644 -2.34 32.17 16.39
CA ILE C 644 -3.63 31.88 15.80
C ILE C 644 -3.68 30.48 15.22
N ILE C 645 -2.56 29.76 15.19
CA ILE C 645 -2.55 28.38 14.76
C ILE C 645 -2.59 27.40 15.92
N PHE C 646 -2.01 27.74 17.07
CA PHE C 646 -1.98 26.83 18.20
C PHE C 646 -2.77 27.31 19.42
N LEU C 647 -2.92 28.62 19.61
CA LEU C 647 -3.71 29.09 20.74
C LEU C 647 -5.17 28.65 20.70
N PRO C 648 -5.90 28.74 19.57
CA PRO C 648 -7.26 28.21 19.57
C PRO C 648 -7.35 26.71 19.83
N LEU C 649 -6.30 25.95 19.53
CA LEU C 649 -6.34 24.52 19.79
C LEU C 649 -6.37 24.22 21.28
N VAL C 650 -5.48 24.85 22.05
CA VAL C 650 -5.48 24.61 23.50
C VAL C 650 -6.71 25.22 24.16
N GLU C 651 -7.24 26.31 23.59
CA GLU C 651 -8.45 26.91 24.15
C GLU C 651 -9.63 25.96 24.07
N SER C 652 -9.79 25.28 22.93
CA SER C 652 -10.88 24.33 22.72
C SER C 652 -10.39 22.89 22.78
N TRP C 653 -9.44 22.61 23.68
CA TRP C 653 -8.90 21.25 23.78
C TRP C 653 -9.96 20.29 24.31
N ASP C 654 -10.91 20.80 25.10
CA ASP C 654 -11.97 19.93 25.62
C ASP C 654 -12.84 19.39 24.49
N THR C 655 -13.17 20.25 23.50
CA THR C 655 -14.01 19.80 22.41
C THR C 655 -13.26 18.85 21.46
N ILE C 656 -12.00 19.17 21.14
CA ILE C 656 -11.26 18.30 20.23
C ILE C 656 -10.96 16.96 20.86
N CYS C 657 -10.98 16.85 22.19
CA CYS C 657 -10.79 15.58 22.87
C CYS C 657 -12.09 14.81 23.02
N LYS C 658 -13.23 15.50 23.05
CA LYS C 658 -14.51 14.82 23.14
C LYS C 658 -14.88 14.18 21.82
N VAL C 659 -14.49 14.74 20.69
CA VAL C 659 -14.76 14.08 19.40
C VAL C 659 -13.87 12.89 19.09
N CYS C 660 -12.64 12.96 19.51
CA CYS C 660 -11.72 11.89 19.25
C CYS C 660 -12.25 10.70 19.99
N GLU C 661 -12.84 10.92 21.15
CA GLU C 661 -13.38 9.83 21.95
C GLU C 661 -14.42 9.14 21.17
N GLY C 662 -15.34 9.92 20.70
CA GLY C 662 -16.35 9.37 19.87
C GLY C 662 -15.91 8.60 18.66
N MET C 663 -14.90 9.05 17.97
CA MET C 663 -14.58 8.30 16.76
C MET C 663 -13.70 7.02 16.84
N PHE C 664 -12.93 6.70 17.88
CA PHE C 664 -12.21 5.44 17.89
C PHE C 664 -12.55 4.57 19.09
N THR C 665 -13.33 5.08 20.04
CA THR C 665 -13.74 4.32 21.21
C THR C 665 -15.24 4.08 21.19
N ASN C 666 -15.68 3.09 21.97
CA ASN C 666 -17.10 2.81 22.08
C ASN C 666 -17.57 3.04 23.52
N ASN C 667 -17.17 4.17 24.09
CA ASN C 667 -17.64 4.51 25.43
C ASN C 667 -19.13 4.78 25.46
N ALA C 668 -19.70 5.22 24.34
CA ALA C 668 -21.13 5.51 24.31
C ALA C 668 -21.96 4.26 24.53
N VAL C 669 -21.56 3.15 23.90
CA VAL C 669 -22.30 1.89 24.07
C VAL C 669 -22.19 1.40 25.52
N TYR C 670 -20.99 1.45 26.08
CA TYR C 670 -20.82 1.04 27.48
C TYR C 670 -21.56 1.98 28.42
N GLU C 671 -21.71 3.25 28.03
CA GLU C 671 -22.34 4.22 28.91
C GLU C 671 -23.79 3.87 29.21
N ARG C 672 -24.52 3.36 28.23
CA ARG C 672 -25.92 2.99 28.41
C ARG C 672 -26.13 1.53 28.75
N LEU C 673 -25.21 0.65 28.35
CA LEU C 673 -25.33 -0.75 28.73
C LEU C 673 -25.20 -0.94 30.24
N ASP C 674 -24.21 -0.29 30.86
CA ASP C 674 -24.04 -0.45 32.30
C ASP C 674 -25.07 0.32 33.11
N GLU C 675 -25.74 1.31 32.52
CA GLU C 675 -26.81 1.99 33.23
C GLU C 675 -28.03 1.08 33.39
N MET C 676 -28.40 0.34 32.33
CA MET C 676 -29.49 -0.61 32.45
C MET C 676 -29.16 -1.70 33.46
N ASN C 677 -27.88 -2.04 33.59
CA ASN C 677 -27.48 -3.02 34.59
C ASN C 677 -27.82 -2.54 35.99
N LEU C 678 -27.63 -1.24 36.25
CA LEU C 678 -28.00 -0.68 37.53
C LEU C 678 -29.51 -0.73 37.74
N ARG C 679 -30.28 -0.43 36.69
CA ARG C 679 -31.73 -0.49 36.80
C ARG C 679 -32.22 -1.90 37.11
N LEU C 680 -31.64 -2.91 36.46
CA LEU C 680 -32.02 -4.28 36.74
C LEU C 680 -31.64 -4.67 38.16
N LYS C 681 -30.56 -4.08 38.69
CA LYS C 681 -30.20 -4.32 40.08
C LYS C 681 -31.25 -3.76 41.03
N ALA C 682 -31.82 -2.60 40.69
CA ALA C 682 -32.82 -1.98 41.55
C ALA C 682 -34.07 -2.85 41.67
N ILE C 683 -34.54 -3.39 40.55
CA ILE C 683 -35.73 -4.24 40.60
C ILE C 683 -35.44 -5.52 41.36
N MET C 684 -34.25 -6.09 41.17
CA MET C 684 -33.84 -7.24 41.97
C MET C 684 -33.46 -6.78 43.37
N GLY C 685 -32.97 -7.73 44.18
CA GLY C 685 -32.71 -7.44 45.57
C GLY C 685 -34.00 -7.44 46.36
N ASP C 686 -34.98 -6.67 45.88
CA ASP C 686 -36.32 -6.73 46.43
C ASP C 686 -36.97 -8.09 46.22
N MET C 687 -36.55 -8.83 45.20
CA MET C 687 -37.05 -10.17 44.97
C MET C 687 -36.09 -11.15 45.63
N PRO C 688 -36.49 -11.83 46.71
CA PRO C 688 -35.54 -12.68 47.43
C PRO C 688 -35.04 -13.85 46.61
N GLU C 689 -35.96 -14.69 46.11
CA GLU C 689 -35.56 -15.95 45.50
C GLU C 689 -34.70 -15.72 44.26
N ALA C 690 -34.99 -14.65 43.51
CA ALA C 690 -34.23 -14.39 42.29
C ALA C 690 -32.77 -14.10 42.58
N GLU C 691 -32.48 -13.56 43.77
CA GLU C 691 -31.10 -13.19 44.09
C GLU C 691 -30.21 -14.43 44.20
N GLU C 692 -30.61 -15.42 45.00
CA GLU C 692 -29.75 -16.58 45.20
C GLU C 692 -29.73 -17.46 43.97
N ARG C 693 -30.89 -17.70 43.34
CA ARG C 693 -30.95 -18.59 42.19
C ARG C 693 -30.17 -18.06 40.99
N TYR C 694 -29.86 -16.77 40.97
CA TYR C 694 -29.04 -16.19 39.91
C TYR C 694 -27.55 -16.45 40.16
N GLN C 695 -27.17 -16.85 41.38
CA GLN C 695 -25.76 -17.04 41.69
C GLN C 695 -25.19 -18.31 41.07
N GLU C 696 -25.91 -19.43 41.18
CA GLU C 696 -25.35 -20.70 40.72
C GLU C 696 -25.13 -20.70 39.21
N MET C 697 -25.87 -19.87 38.47
CA MET C 697 -25.62 -19.74 37.05
C MET C 697 -24.22 -19.18 36.81
N GLN C 698 -23.82 -18.19 37.62
CA GLN C 698 -22.47 -17.64 37.50
C GLN C 698 -21.41 -18.67 37.90
N LYS C 699 -21.69 -19.46 38.94
CA LYS C 699 -20.75 -20.51 39.33
C LYS C 699 -20.58 -21.55 38.24
N GLU C 700 -21.60 -21.75 37.40
CA GLU C 700 -21.47 -22.69 36.29
C GLU C 700 -20.40 -22.24 35.31
N LYS C 701 -20.35 -20.94 35.03
CA LYS C 701 -19.36 -20.39 34.11
C LYS C 701 -17.95 -20.54 34.67
N ALA D 8 12.20 8.19 -41.75
CA ALA D 8 10.83 8.53 -42.10
C ALA D 8 10.79 9.37 -43.38
N CYS D 9 10.09 8.88 -44.39
CA CYS D 9 9.95 9.59 -45.66
C CYS D 9 8.56 10.20 -45.73
N PRO D 10 8.41 11.51 -45.56
CA PRO D 10 7.09 12.12 -45.69
C PRO D 10 6.84 12.57 -47.11
N PRO D 11 5.74 12.12 -47.73
CA PRO D 11 5.40 12.63 -49.06
C PRO D 11 4.98 14.08 -48.98
N PRO D 12 5.13 14.83 -50.08
CA PRO D 12 4.75 16.25 -50.04
C PRO D 12 3.29 16.43 -49.68
N GLY D 13 3.02 17.43 -48.84
CA GLY D 13 1.67 17.70 -48.39
C GLY D 13 1.19 16.84 -47.24
N LEU D 14 2.03 15.95 -46.70
CA LEU D 14 1.66 15.06 -45.61
C LEU D 14 2.67 15.20 -44.49
N GLY D 15 2.47 16.19 -43.62
CA GLY D 15 3.29 16.35 -42.44
C GLY D 15 2.87 15.40 -41.34
N PHE D 16 1.56 15.19 -41.23
CA PHE D 16 1.03 14.21 -40.29
C PHE D 16 1.33 12.79 -40.72
N GLY D 17 1.75 12.58 -41.96
CA GLY D 17 2.17 11.26 -42.43
C GLY D 17 3.61 10.96 -42.07
N GLY D 18 3.86 10.61 -40.80
CA GLY D 18 5.21 10.43 -40.32
C GLY D 18 5.71 9.00 -40.46
N GLU D 19 5.93 8.33 -39.33
CA GLU D 19 6.51 6.99 -39.34
C GLU D 19 5.63 5.96 -40.05
N TYR D 20 4.43 6.34 -40.48
CA TYR D 20 3.56 5.40 -41.18
C TYR D 20 4.16 5.00 -42.52
N TYR D 21 4.94 5.87 -43.12
CA TYR D 21 5.57 5.60 -44.42
C TYR D 21 6.95 5.01 -44.18
N SER D 22 7.17 3.79 -44.68
CA SER D 22 8.42 3.08 -44.46
C SER D 22 9.53 3.65 -45.36
N VAL D 23 10.77 3.30 -45.01
CA VAL D 23 11.95 3.79 -45.74
C VAL D 23 12.87 2.64 -46.11
N VAL D 24 12.39 1.40 -45.95
CA VAL D 24 13.19 0.24 -46.33
C VAL D 24 13.37 0.22 -47.84
N ASP D 25 14.59 -0.06 -48.29
CA ASP D 25 15.00 -0.03 -49.70
C ASP D 25 14.42 1.19 -50.42
N GLY D 26 14.31 2.29 -49.69
CA GLY D 26 13.65 3.50 -50.14
C GLY D 26 12.14 3.41 -50.00
N ALA D 27 11.49 2.80 -50.99
CA ALA D 27 10.09 2.34 -50.92
C ALA D 27 9.20 3.26 -50.09
N CYS D 28 9.13 4.54 -50.46
CA CYS D 28 8.45 5.50 -49.60
C CYS D 28 6.95 5.26 -49.63
N SER D 29 6.51 4.18 -48.98
CA SER D 29 5.12 3.75 -48.99
C SER D 29 4.73 3.31 -47.59
N ARG D 30 3.42 3.27 -47.34
CA ARG D 30 2.92 2.88 -46.03
C ARG D 30 3.08 1.38 -45.83
N ASP D 31 3.01 0.96 -44.56
CA ASP D 31 3.10 -0.45 -44.22
C ASP D 31 1.81 -1.17 -44.62
N GLY D 32 1.89 -2.51 -44.58
CA GLY D 32 0.74 -3.31 -44.97
C GLY D 32 -0.45 -3.14 -44.06
N SER D 33 -0.22 -3.16 -42.74
CA SER D 33 -1.31 -3.03 -41.78
C SER D 33 -0.78 -2.48 -40.47
N PHE D 34 -1.65 -1.80 -39.72
CA PHE D 34 -1.26 -1.24 -38.45
C PHE D 34 -0.88 -2.31 -37.45
N PHE D 35 -1.63 -3.41 -37.42
CA PHE D 35 -1.40 -4.51 -36.48
C PHE D 35 -0.62 -5.64 -37.13
N GLY D 36 0.32 -5.30 -38.01
CA GLY D 36 1.05 -6.31 -38.76
C GLY D 36 2.02 -7.09 -37.91
N GLY D 37 1.50 -7.94 -37.03
CA GLY D 37 2.32 -8.85 -36.25
C GLY D 37 3.23 -8.16 -35.26
N LYS D 38 2.73 -7.15 -34.55
CA LYS D 38 3.53 -6.50 -33.53
C LYS D 38 2.70 -6.30 -32.27
N PRO D 39 2.93 -7.10 -31.23
CA PRO D 39 2.12 -6.99 -30.01
C PRO D 39 2.25 -5.61 -29.37
N VAL D 40 1.13 -5.13 -28.84
CA VAL D 40 1.09 -3.83 -28.16
C VAL D 40 0.88 -3.96 -26.66
N LEU D 41 0.02 -4.86 -26.20
CA LEU D 41 -0.27 -5.02 -24.79
C LEU D 41 0.37 -6.31 -24.28
N ALA D 42 0.62 -6.35 -22.97
CA ALA D 42 1.18 -7.55 -22.36
C ALA D 42 0.19 -8.70 -22.49
N GLN D 43 0.72 -9.89 -22.81
CA GLN D 43 -0.12 -11.06 -23.05
C GLN D 43 -0.82 -11.54 -21.79
N ALA D 44 -0.40 -11.09 -20.61
CA ALA D 44 -1.00 -11.59 -19.38
C ALA D 44 -2.36 -10.95 -19.11
N VAL D 45 -2.52 -9.67 -19.44
CA VAL D 45 -3.78 -8.99 -19.14
C VAL D 45 -4.93 -9.56 -19.96
N GLY D 46 -4.67 -9.98 -21.19
CA GLY D 46 -5.73 -10.50 -22.04
C GLY D 46 -6.41 -11.73 -21.49
N TYR D 47 -5.66 -12.63 -20.85
CA TYR D 47 -6.27 -13.79 -20.21
C TYR D 47 -7.09 -13.38 -18.99
N ALA D 48 -6.62 -12.36 -18.26
CA ALA D 48 -7.35 -11.84 -17.11
C ALA D 48 -8.53 -10.97 -17.52
N VAL D 49 -8.63 -10.60 -18.79
CA VAL D 49 -9.77 -9.83 -19.27
C VAL D 49 -10.86 -10.73 -19.86
N VAL D 50 -10.45 -11.77 -20.59
CA VAL D 50 -11.43 -12.69 -21.16
C VAL D 50 -12.11 -13.50 -20.06
N LEU D 51 -11.33 -14.03 -19.12
CA LEU D 51 -11.87 -14.86 -18.05
C LEU D 51 -12.18 -14.08 -16.78
N GLY D 52 -11.32 -13.13 -16.43
CA GLY D 52 -11.42 -12.47 -15.14
C GLY D 52 -12.40 -11.32 -15.06
N PHE D 53 -13.13 -11.07 -16.14
CA PHE D 53 -14.13 -10.01 -16.16
C PHE D 53 -15.56 -10.51 -16.05
N GLY D 54 -15.87 -11.67 -16.63
CA GLY D 54 -17.21 -12.23 -16.46
C GLY D 54 -17.50 -12.60 -15.02
N ALA D 55 -16.48 -13.05 -14.29
CA ALA D 55 -16.61 -13.39 -12.88
C ALA D 55 -16.13 -12.26 -11.98
N PHE D 56 -16.23 -11.03 -12.47
CA PHE D 56 -15.90 -9.84 -11.70
C PHE D 56 -17.05 -8.87 -11.59
N PHE D 57 -17.83 -8.70 -12.65
CA PHE D 57 -19.00 -7.83 -12.61
C PHE D 57 -20.20 -8.53 -12.00
N ALA D 58 -20.12 -9.83 -11.77
CA ALA D 58 -21.19 -10.58 -11.13
C ALA D 58 -21.18 -10.42 -9.62
N LEU D 59 -20.06 -10.72 -8.95
CA LEU D 59 -20.04 -10.62 -7.50
C LEU D 59 -20.11 -9.19 -7.01
N PHE D 60 -19.63 -8.23 -7.81
CA PHE D 60 -19.81 -6.83 -7.46
C PHE D 60 -21.28 -6.44 -7.49
N THR D 61 -22.02 -6.94 -8.48
CA THR D 61 -23.46 -6.67 -8.53
C THR D 61 -24.18 -7.28 -7.33
N SER D 62 -23.84 -8.51 -6.97
CA SER D 62 -24.50 -9.15 -5.84
C SER D 62 -24.16 -8.45 -4.53
N PHE D 63 -22.97 -7.85 -4.43
CA PHE D 63 -22.64 -7.07 -3.24
C PHE D 63 -23.56 -5.88 -3.09
N LEU D 64 -23.81 -5.15 -4.18
CA LEU D 64 -24.65 -3.96 -4.09
C LEU D 64 -26.10 -4.32 -3.83
N VAL D 65 -26.58 -5.44 -4.35
CA VAL D 65 -27.95 -5.85 -4.08
C VAL D 65 -28.10 -6.45 -2.69
N TRP D 66 -27.00 -6.89 -2.07
CA TRP D 66 -27.06 -7.36 -0.69
C TRP D 66 -27.15 -6.22 0.30
N LEU D 67 -26.53 -5.08 0.00
CA LEU D 67 -26.65 -3.91 0.86
C LEU D 67 -28.07 -3.37 0.88
N GLU D 68 -28.72 -3.30 -0.29
CA GLU D 68 -30.07 -2.73 -0.35
C GLU D 68 -31.08 -3.56 0.43
N LYS D 69 -30.99 -4.88 0.31
CA LYS D 69 -31.92 -5.76 1.01
C LYS D 69 -31.65 -5.85 2.50
N ARG D 70 -30.53 -5.32 2.98
CA ARG D 70 -30.17 -5.43 4.39
C ARG D 70 -30.48 -4.17 5.18
N TYR D 71 -30.44 -3.00 4.55
CA TYR D 71 -30.67 -1.73 5.24
C TYR D 71 -31.88 -0.96 4.73
N VAL D 72 -32.56 -1.42 3.69
CA VAL D 72 -33.75 -0.74 3.16
C VAL D 72 -34.96 -1.66 3.20
N GLY D 73 -34.86 -2.85 2.62
CA GLY D 73 -35.96 -3.79 2.63
C GLY D 73 -36.88 -3.66 1.44
N ILE D 93 -35.28 3.72 -15.55
CA ILE D 93 -36.13 3.10 -16.55
C ILE D 93 -35.64 3.48 -17.94
N ALA D 94 -34.84 4.54 -18.01
CA ALA D 94 -34.26 5.00 -19.26
C ALA D 94 -32.92 4.36 -19.58
N SER D 95 -32.37 3.57 -18.65
CA SER D 95 -31.06 2.96 -18.85
C SER D 95 -31.13 1.59 -19.49
N VAL D 96 -32.30 0.95 -19.50
CA VAL D 96 -32.44 -0.34 -20.17
C VAL D 96 -32.44 -0.20 -21.69
N ILE D 97 -32.48 1.04 -22.20
CA ILE D 97 -32.41 1.28 -23.63
C ILE D 97 -30.98 1.29 -24.15
N VAL D 98 -29.99 1.21 -23.25
CA VAL D 98 -28.59 1.22 -23.63
C VAL D 98 -27.96 -0.17 -23.51
N SER D 99 -28.36 -0.94 -22.50
CA SER D 99 -27.67 -2.19 -22.19
C SER D 99 -27.73 -3.20 -23.32
N GLN D 100 -28.90 -3.37 -23.93
CA GLN D 100 -29.08 -4.39 -24.95
C GLN D 100 -28.64 -3.94 -26.33
N TRP D 101 -28.36 -2.65 -26.52
CA TRP D 101 -28.00 -2.11 -27.82
C TRP D 101 -26.52 -1.80 -27.96
N THR D 102 -25.80 -1.63 -26.85
CA THR D 102 -24.41 -1.19 -26.89
C THR D 102 -23.43 -2.38 -26.98
N TRP D 103 -23.88 -3.52 -27.48
CA TRP D 103 -23.02 -4.68 -27.65
C TRP D 103 -22.12 -4.45 -28.86
N ALA D 104 -21.46 -5.50 -29.34
CA ALA D 104 -20.45 -5.33 -30.37
C ALA D 104 -21.11 -5.14 -31.74
N ALA D 105 -22.01 -4.16 -31.83
CA ALA D 105 -22.57 -3.72 -33.10
C ALA D 105 -22.59 -2.22 -33.27
N THR D 106 -22.59 -1.45 -32.18
CA THR D 106 -22.51 0.00 -32.27
C THR D 106 -21.14 0.53 -31.88
N ILE D 107 -20.21 -0.34 -31.50
CA ILE D 107 -18.86 0.08 -31.19
C ILE D 107 -17.90 -0.45 -32.25
N LEU D 108 -18.02 -1.73 -32.57
CA LEU D 108 -17.08 -2.40 -33.46
C LEU D 108 -17.43 -2.25 -34.93
N GLN D 109 -18.56 -1.61 -35.26
CA GLN D 109 -18.90 -1.37 -36.65
C GLN D 109 -19.39 0.05 -36.93
N SER D 110 -19.91 0.76 -35.94
CA SER D 110 -20.31 2.15 -36.18
C SER D 110 -19.11 2.97 -36.63
N SER D 111 -17.96 2.75 -36.01
CA SER D 111 -16.71 3.33 -36.51
C SER D 111 -15.99 2.39 -37.47
N ASN D 112 -16.73 1.87 -38.43
CA ASN D 112 -16.19 1.19 -39.59
C ASN D 112 -16.79 1.73 -40.88
N VAL D 113 -18.09 2.06 -40.87
CA VAL D 113 -18.70 2.73 -42.00
C VAL D 113 -18.29 4.20 -42.05
N ALA D 114 -18.00 4.80 -40.89
CA ALA D 114 -17.36 6.10 -40.87
C ALA D 114 -16.00 6.03 -41.55
N TRP D 115 -15.28 4.94 -41.34
CA TRP D 115 -13.98 4.76 -41.99
C TRP D 115 -14.15 4.58 -43.49
N GLN D 116 -15.21 3.91 -43.93
CA GLN D 116 -15.37 3.57 -45.33
C GLN D 116 -16.07 4.67 -46.13
N TYR D 117 -17.05 5.36 -45.54
CA TYR D 117 -17.79 6.38 -46.29
C TYR D 117 -17.86 7.71 -45.55
N GLY D 118 -16.99 7.94 -44.58
CA GLY D 118 -16.85 9.29 -44.03
C GLY D 118 -17.98 9.66 -43.08
N VAL D 119 -18.38 10.93 -43.14
CA VAL D 119 -19.30 11.51 -42.17
C VAL D 119 -20.68 10.87 -42.27
N SER D 120 -21.16 10.62 -43.49
CA SER D 120 -22.52 10.12 -43.67
C SER D 120 -22.72 8.75 -43.04
N GLY D 121 -21.64 8.02 -42.75
CA GLY D 121 -21.74 6.70 -42.16
C GLY D 121 -22.47 6.71 -40.83
N PRO D 122 -21.89 7.34 -39.82
CA PRO D 122 -22.54 7.37 -38.51
C PRO D 122 -23.67 8.38 -38.44
N PHE D 123 -24.51 8.37 -39.46
CA PHE D 123 -25.81 9.04 -39.50
C PHE D 123 -26.87 8.15 -40.10
N TRP D 124 -26.54 7.42 -41.17
CA TRP D 124 -27.44 6.40 -41.68
C TRP D 124 -27.38 5.11 -40.89
N TYR D 125 -26.30 4.91 -40.14
CA TYR D 125 -26.23 3.78 -39.22
C TYR D 125 -27.22 3.95 -38.08
N ALA D 126 -27.22 5.13 -37.44
CA ALA D 126 -28.18 5.41 -36.38
C ALA D 126 -29.46 6.02 -36.95
N SER D 127 -30.00 5.36 -37.96
CA SER D 127 -31.28 5.72 -38.53
C SER D 127 -32.41 4.86 -38.04
N GLY D 128 -32.19 3.55 -37.94
CA GLY D 128 -33.10 2.67 -37.24
C GLY D 128 -32.98 2.75 -35.74
N ALA D 129 -31.97 3.46 -35.23
CA ALA D 129 -31.82 3.63 -33.79
C ALA D 129 -33.03 4.35 -33.21
N THR D 130 -33.47 5.43 -33.85
CA THR D 130 -34.70 6.09 -33.43
C THR D 130 -35.92 5.27 -33.82
N ILE D 131 -35.87 4.59 -34.96
CA ILE D 131 -36.96 3.73 -35.38
C ILE D 131 -37.10 2.55 -34.43
N GLN D 132 -35.98 2.04 -33.92
CA GLN D 132 -36.02 0.87 -33.05
C GLN D 132 -36.83 1.16 -31.78
N VAL D 133 -36.55 2.30 -31.14
CA VAL D 133 -37.13 2.55 -29.83
C VAL D 133 -38.64 2.75 -29.94
N LEU D 134 -39.09 3.42 -31.00
CA LEU D 134 -40.53 3.61 -31.19
C LEU D 134 -41.22 2.28 -31.47
N LEU D 135 -40.63 1.45 -32.34
CA LEU D 135 -41.22 0.15 -32.62
C LEU D 135 -41.27 -0.72 -31.37
N PHE D 136 -40.21 -0.68 -30.56
CA PHE D 136 -40.26 -1.38 -29.28
C PHE D 136 -41.21 -0.68 -28.32
N GLY D 137 -41.40 0.64 -28.48
CA GLY D 137 -42.40 1.32 -27.68
C GLY D 137 -43.81 0.85 -27.96
N VAL D 138 -44.14 0.74 -29.25
CA VAL D 138 -45.47 0.23 -29.62
C VAL D 138 -45.60 -1.23 -29.24
N MET D 139 -44.51 -1.98 -29.33
CA MET D 139 -44.56 -3.40 -29.00
C MET D 139 -44.92 -3.62 -27.53
N ALA D 140 -44.39 -2.79 -26.64
CA ALA D 140 -44.64 -2.98 -25.21
C ALA D 140 -46.10 -2.68 -24.86
N ILE D 141 -46.63 -1.55 -25.35
CA ILE D 141 -47.98 -1.16 -24.99
C ILE D 141 -49.00 -2.16 -25.52
N GLU D 142 -48.68 -2.84 -26.61
CA GLU D 142 -49.63 -3.79 -27.20
C GLU D 142 -49.56 -5.15 -26.50
N ILE D 143 -48.37 -5.55 -26.05
CA ILE D 143 -48.22 -6.89 -25.48
C ILE D 143 -48.99 -7.02 -24.17
N LYS D 144 -49.12 -5.95 -23.40
CA LYS D 144 -49.87 -6.03 -22.15
C LYS D 144 -51.37 -6.08 -22.41
N ARG D 145 -51.85 -5.29 -23.38
CA ARG D 145 -53.29 -5.15 -23.58
C ARG D 145 -53.92 -6.38 -24.20
N LYS D 146 -53.13 -7.25 -24.83
CA LYS D 146 -53.70 -8.40 -25.51
C LYS D 146 -53.57 -9.68 -24.68
N ALA D 147 -52.36 -10.02 -24.26
CA ALA D 147 -52.17 -11.22 -23.46
C ALA D 147 -50.93 -11.11 -22.60
N PRO D 148 -51.04 -10.56 -21.38
CA PRO D 148 -49.86 -10.41 -20.53
C PRO D 148 -49.51 -11.64 -19.71
N LYS D 149 -49.50 -12.81 -20.34
CA LYS D 149 -48.90 -14.01 -19.75
C LYS D 149 -48.46 -14.94 -20.89
N ALA D 150 -47.23 -14.73 -21.38
CA ALA D 150 -46.69 -15.56 -22.44
C ALA D 150 -45.34 -16.18 -22.06
N HIS D 151 -44.43 -15.34 -21.55
CA HIS D 151 -43.06 -15.66 -21.18
C HIS D 151 -42.18 -15.89 -22.42
N THR D 152 -42.81 -15.95 -23.59
CA THR D 152 -42.13 -16.17 -24.86
C THR D 152 -42.97 -15.53 -25.96
N VAL D 153 -42.36 -15.39 -27.14
CA VAL D 153 -43.14 -15.06 -28.33
C VAL D 153 -43.67 -16.33 -28.99
N CYS D 154 -43.03 -17.48 -28.77
CA CYS D 154 -43.46 -18.75 -29.34
C CYS D 154 -44.75 -19.27 -28.74
N GLU D 155 -45.11 -18.87 -27.52
CA GLU D 155 -46.40 -19.24 -26.97
C GLU D 155 -47.53 -18.51 -27.68
N ILE D 156 -47.33 -17.23 -27.98
CA ILE D 156 -48.38 -16.43 -28.60
C ILE D 156 -48.66 -16.89 -30.03
N VAL D 157 -47.63 -17.35 -30.75
CA VAL D 157 -47.82 -17.70 -32.16
C VAL D 157 -48.79 -18.88 -32.28
N ARG D 158 -48.81 -19.78 -31.30
CA ARG D 158 -49.82 -20.82 -31.29
C ARG D 158 -51.18 -20.30 -30.86
N ALA D 159 -51.22 -19.21 -30.09
CA ALA D 159 -52.48 -18.70 -29.58
C ALA D 159 -53.39 -18.23 -30.71
N ARG D 160 -52.82 -17.58 -31.74
CA ARG D 160 -53.61 -17.03 -32.83
C ARG D 160 -53.62 -17.95 -34.05
N TRP D 161 -52.45 -18.28 -34.59
CA TRP D 161 -52.37 -19.14 -35.75
C TRP D 161 -52.45 -20.60 -35.32
N GLY D 162 -52.39 -21.50 -36.30
CA GLY D 162 -52.58 -22.91 -36.05
C GLY D 162 -51.41 -23.55 -35.33
N ARG D 163 -51.62 -24.82 -34.95
CA ARG D 163 -50.59 -25.56 -34.22
C ARG D 163 -49.36 -25.82 -35.08
N ALA D 164 -49.55 -26.02 -36.39
CA ALA D 164 -48.43 -26.28 -37.28
C ALA D 164 -47.52 -25.08 -37.43
N ALA D 165 -48.01 -23.87 -37.15
CA ALA D 165 -47.18 -22.67 -37.23
C ALA D 165 -46.37 -22.50 -35.95
N HIS D 166 -45.63 -23.55 -35.57
CA HIS D 166 -44.88 -23.54 -34.32
C HIS D 166 -43.41 -23.85 -34.57
N ALA D 167 -43.12 -24.79 -35.47
CA ALA D 167 -41.74 -25.12 -35.79
C ALA D 167 -41.10 -24.06 -36.69
N VAL D 168 -41.88 -23.45 -37.58
CA VAL D 168 -41.33 -22.48 -38.52
C VAL D 168 -40.76 -21.28 -37.77
N PHE D 169 -41.51 -20.77 -36.79
CA PHE D 169 -41.06 -19.63 -36.01
C PHE D 169 -40.18 -20.04 -34.83
N LEU D 170 -39.96 -21.34 -34.63
CA LEU D 170 -39.01 -21.80 -33.63
C LEU D 170 -37.60 -21.88 -34.19
N ALA D 171 -37.46 -22.27 -35.46
CA ALA D 171 -36.15 -22.29 -36.09
C ALA D 171 -35.62 -20.88 -36.34
N PHE D 172 -36.50 -19.97 -36.78
CA PHE D 172 -36.06 -18.61 -37.04
C PHE D 172 -35.60 -17.91 -35.78
N CYS D 173 -36.31 -18.12 -34.67
CA CYS D 173 -35.90 -17.51 -33.41
C CYS D 173 -34.55 -18.03 -32.96
N LEU D 174 -34.32 -19.33 -33.10
CA LEU D 174 -33.02 -19.90 -32.74
C LEU D 174 -31.93 -19.39 -33.67
N ALA D 175 -32.19 -19.33 -34.97
CA ALA D 175 -31.20 -18.84 -35.92
C ALA D 175 -30.85 -17.37 -35.66
N THR D 176 -31.85 -16.56 -35.34
CA THR D 176 -31.59 -15.17 -35.00
C THR D 176 -30.69 -15.07 -33.78
N ASN D 177 -30.95 -15.88 -32.76
CA ASN D 177 -30.12 -15.86 -31.57
C ASN D 177 -28.70 -16.31 -31.88
N VAL D 178 -28.55 -17.34 -32.72
CA VAL D 178 -27.23 -17.86 -33.05
C VAL D 178 -26.41 -16.82 -33.81
N ILE D 179 -27.02 -16.14 -34.78
CA ILE D 179 -26.29 -15.18 -35.61
C ILE D 179 -25.78 -14.03 -34.76
N VAL D 180 -26.62 -13.51 -33.86
CA VAL D 180 -26.18 -12.44 -32.97
C VAL D 180 -25.12 -12.93 -32.00
N THR D 181 -25.22 -14.19 -31.56
CA THR D 181 -24.20 -14.74 -30.67
C THR D 181 -22.85 -14.81 -31.37
N ALA D 182 -22.85 -15.18 -32.66
CA ALA D 182 -21.59 -15.24 -33.40
C ALA D 182 -20.98 -13.86 -33.58
N MET D 183 -21.81 -12.84 -33.85
CA MET D 183 -21.29 -11.51 -34.10
C MET D 183 -20.52 -10.99 -32.89
N LEU D 184 -21.08 -11.15 -31.70
CA LEU D 184 -20.40 -10.72 -30.49
C LEU D 184 -19.19 -11.59 -30.16
N LEU D 185 -19.04 -12.74 -30.82
CA LEU D 185 -17.86 -13.58 -30.62
C LEU D 185 -16.82 -13.42 -31.72
N LEU D 186 -17.26 -13.16 -32.96
CA LEU D 186 -16.33 -12.92 -34.06
C LEU D 186 -15.76 -11.52 -34.05
N GLY D 187 -16.30 -10.61 -33.23
CA GLY D 187 -15.76 -9.28 -33.14
C GLY D 187 -14.94 -9.11 -31.89
N GLY D 188 -15.35 -9.77 -30.80
CA GLY D 188 -14.63 -9.65 -29.55
C GLY D 188 -13.28 -10.32 -29.52
N SER D 189 -13.10 -11.35 -30.34
CA SER D 189 -11.80 -12.02 -30.42
C SER D 189 -10.83 -11.30 -31.34
N ALA D 190 -11.34 -10.56 -32.32
CA ALA D 190 -10.46 -9.84 -33.23
C ALA D 190 -9.68 -8.75 -32.52
N VAL D 191 -10.32 -8.05 -31.57
CA VAL D 191 -9.64 -6.97 -30.88
C VAL D 191 -8.58 -7.51 -29.92
N VAL D 192 -8.89 -8.61 -29.23
CA VAL D 192 -7.93 -9.16 -28.28
C VAL D 192 -6.78 -9.86 -28.98
N ASN D 193 -7.02 -10.43 -30.17
CA ASN D 193 -5.94 -11.00 -30.96
C ASN D 193 -4.95 -9.93 -31.40
N ALA D 194 -5.42 -8.70 -31.58
CA ALA D 194 -4.60 -7.63 -32.12
C ALA D 194 -3.85 -6.85 -31.02
N LEU D 195 -4.57 -6.40 -30.00
CA LEU D 195 -3.93 -5.59 -28.96
C LEU D 195 -3.05 -6.43 -28.05
N THR D 196 -3.55 -7.61 -27.65
CA THR D 196 -2.87 -8.43 -26.65
C THR D 196 -2.11 -9.60 -27.27
N ALA D 197 -2.27 -9.85 -28.57
CA ALA D 197 -1.61 -10.95 -29.27
C ALA D 197 -2.01 -12.30 -28.70
N ILE D 198 -3.21 -12.37 -28.14
CA ILE D 198 -3.77 -13.66 -27.72
C ILE D 198 -4.06 -14.49 -28.96
N ASN D 199 -3.96 -15.82 -28.82
CA ASN D 199 -4.28 -16.72 -29.92
C ASN D 199 -5.71 -16.47 -30.41
N VAL D 200 -5.86 -16.39 -31.74
CA VAL D 200 -7.16 -16.07 -32.31
C VAL D 200 -8.14 -17.22 -32.14
N TYR D 201 -7.66 -18.42 -31.84
CA TYR D 201 -8.53 -19.55 -31.57
C TYR D 201 -8.79 -19.76 -30.09
N ALA D 202 -7.77 -19.58 -29.24
CA ALA D 202 -7.96 -19.70 -27.80
C ALA D 202 -8.79 -18.58 -27.23
N ALA D 203 -8.96 -17.47 -27.95
CA ALA D 203 -9.78 -16.36 -27.50
C ALA D 203 -11.21 -16.45 -28.00
N SER D 204 -11.55 -17.51 -28.74
CA SER D 204 -12.90 -17.69 -29.25
C SER D 204 -13.71 -18.72 -28.49
N PHE D 205 -13.06 -19.63 -27.77
CA PHE D 205 -13.74 -20.61 -26.95
C PHE D 205 -13.77 -20.24 -25.47
N LEU D 206 -13.04 -19.19 -25.07
CA LEU D 206 -13.00 -18.77 -23.68
C LEU D 206 -13.88 -17.57 -23.38
N ILE D 207 -14.17 -16.73 -24.37
CA ILE D 207 -15.09 -15.60 -24.15
C ILE D 207 -16.48 -16.08 -23.76
N PRO D 208 -17.10 -17.06 -24.42
CA PRO D 208 -18.39 -17.56 -23.92
C PRO D 208 -18.23 -18.59 -22.81
N LEU D 209 -17.28 -18.36 -21.92
CA LEU D 209 -17.14 -19.11 -20.68
C LEU D 209 -17.20 -18.20 -19.46
N GLY D 210 -16.62 -17.00 -19.54
CA GLY D 210 -16.89 -16.00 -18.53
C GLY D 210 -18.31 -15.50 -18.58
N VAL D 211 -18.90 -15.47 -19.78
CA VAL D 211 -20.27 -14.99 -19.93
C VAL D 211 -21.25 -15.98 -19.30
N VAL D 212 -21.04 -17.29 -19.54
CA VAL D 212 -21.93 -18.29 -18.96
C VAL D 212 -21.77 -18.34 -17.44
N VAL D 213 -20.56 -18.06 -16.94
CA VAL D 213 -20.37 -17.95 -15.50
C VAL D 213 -21.15 -16.77 -14.96
N TYR D 214 -21.10 -15.64 -15.65
CA TYR D 214 -21.82 -14.45 -15.21
C TYR D 214 -23.33 -14.69 -15.17
N THR D 215 -23.89 -15.28 -16.24
CA THR D 215 -25.33 -15.46 -16.29
C THR D 215 -25.83 -16.47 -15.27
N LEU D 216 -24.95 -17.27 -14.69
CA LEU D 216 -25.33 -18.19 -13.63
C LEU D 216 -25.04 -17.65 -12.24
N ALA D 217 -23.93 -16.91 -12.08
CA ALA D 217 -23.64 -16.28 -10.79
C ALA D 217 -24.65 -15.19 -10.47
N GLY D 218 -25.22 -14.56 -11.49
CA GLY D 218 -26.23 -13.55 -11.32
C GLY D 218 -27.63 -14.08 -11.11
N GLY D 219 -27.81 -15.38 -11.07
CA GLY D 219 -29.11 -15.99 -10.85
C GLY D 219 -30.10 -15.72 -11.96
N LEU D 220 -29.63 -15.63 -13.21
CA LEU D 220 -30.45 -15.34 -14.38
C LEU D 220 -31.21 -14.04 -14.11
N LYS D 221 -32.49 -13.93 -14.45
CA LYS D 221 -33.33 -12.77 -14.18
C LYS D 221 -32.77 -11.54 -14.90
N ALA D 222 -33.42 -10.38 -14.77
CA ALA D 222 -32.99 -9.14 -15.39
C ALA D 222 -33.11 -8.02 -14.35
N THR D 223 -32.02 -7.79 -13.63
CA THR D 223 -32.02 -6.78 -12.58
C THR D 223 -31.64 -5.42 -13.14
N PHE D 224 -32.32 -4.38 -12.63
CA PHE D 224 -32.09 -3.01 -13.06
C PHE D 224 -30.77 -2.43 -12.56
N LEU D 225 -30.23 -2.97 -11.46
CA LEU D 225 -28.95 -2.48 -10.96
C LEU D 225 -27.83 -2.72 -11.96
N ALA D 226 -27.80 -3.91 -12.58
CA ALA D 226 -26.78 -4.21 -13.57
C ALA D 226 -26.90 -3.32 -14.79
N SER D 227 -28.13 -2.97 -15.18
CA SER D 227 -28.32 -2.09 -16.33
C SER D 227 -27.73 -0.71 -16.06
N TYR D 228 -27.92 -0.18 -14.86
CA TYR D 228 -27.40 1.15 -14.54
C TYR D 228 -25.88 1.17 -14.61
N ILE D 229 -25.23 0.15 -14.06
CA ILE D 229 -23.76 0.15 -14.04
C ILE D 229 -23.20 0.11 -15.45
N HIS D 230 -23.83 -0.69 -16.32
CA HIS D 230 -23.32 -0.84 -17.68
C HIS D 230 -23.34 0.50 -18.42
N SER D 231 -24.42 1.25 -18.28
CA SER D 231 -24.51 2.56 -18.93
C SER D 231 -23.47 3.52 -18.37
N VAL D 232 -23.20 3.42 -17.07
CA VAL D 232 -22.22 4.33 -16.45
C VAL D 232 -20.83 4.08 -17.01
N VAL D 233 -20.42 2.81 -17.10
CA VAL D 233 -19.08 2.50 -17.58
C VAL D 233 -18.93 2.84 -19.06
N VAL D 234 -19.98 2.60 -19.86
CA VAL D 234 -19.90 2.89 -21.29
C VAL D 234 -19.80 4.39 -21.51
N HIS D 235 -20.59 5.17 -20.78
CA HIS D 235 -20.66 6.60 -21.03
C HIS D 235 -19.55 7.39 -20.35
N VAL D 236 -18.79 6.79 -19.44
CA VAL D 236 -17.65 7.50 -18.89
C VAL D 236 -16.43 7.34 -19.78
N VAL D 237 -16.25 6.15 -20.36
CA VAL D 237 -15.17 5.95 -21.32
C VAL D 237 -15.46 6.73 -22.60
N LEU D 238 -16.73 6.89 -22.95
CA LEU D 238 -17.09 7.59 -24.18
C LEU D 238 -16.59 9.03 -24.15
N VAL D 239 -16.90 9.77 -23.09
CA VAL D 239 -16.55 11.18 -23.05
C VAL D 239 -15.04 11.36 -23.01
N VAL D 240 -14.32 10.40 -22.43
CA VAL D 240 -12.85 10.50 -22.41
C VAL D 240 -12.30 10.48 -23.81
N PHE D 241 -12.80 9.57 -24.65
CA PHE D 241 -12.29 9.47 -26.02
C PHE D 241 -12.69 10.66 -26.88
N VAL D 242 -13.91 11.17 -26.71
CA VAL D 242 -14.35 12.30 -27.51
C VAL D 242 -13.52 13.53 -27.20
N PHE D 243 -13.25 13.78 -25.91
CA PHE D 243 -12.44 14.92 -25.53
C PHE D 243 -11.02 14.82 -26.04
N LEU D 244 -10.48 13.61 -26.19
CA LEU D 244 -9.13 13.42 -26.70
C LEU D 244 -9.02 13.70 -28.19
N VAL D 245 -10.14 13.72 -28.92
CA VAL D 245 -10.13 13.88 -30.36
C VAL D 245 -10.46 15.31 -30.78
N TYR D 246 -11.39 15.96 -30.08
CA TYR D 246 -11.90 17.27 -30.50
C TYR D 246 -11.29 18.43 -29.73
N THR D 247 -11.32 18.40 -28.40
CA THR D 247 -10.94 19.56 -27.60
C THR D 247 -9.64 19.35 -26.84
N SER D 248 -9.55 18.29 -26.04
CA SER D 248 -8.36 18.05 -25.22
C SER D 248 -7.43 17.06 -25.92
N GLY D 249 -6.87 17.53 -27.03
CA GLY D 249 -5.94 16.71 -27.80
C GLY D 249 -4.72 17.45 -28.27
N ASN D 250 -3.54 16.97 -27.88
CA ASN D 250 -2.28 17.56 -28.33
C ASN D 250 -1.82 17.01 -29.68
N ARG D 251 -2.47 15.97 -30.19
CA ARG D 251 -2.16 15.40 -31.50
C ARG D 251 -3.16 15.84 -32.57
N LEU D 252 -4.45 15.77 -32.26
CA LEU D 252 -5.50 16.20 -33.16
C LEU D 252 -6.62 16.82 -32.33
N GLY D 253 -7.15 17.94 -32.79
CA GLY D 253 -8.21 18.59 -32.05
C GLY D 253 -8.93 19.59 -32.92
N SER D 254 -9.99 20.18 -32.36
CA SER D 254 -10.76 21.26 -32.97
C SER D 254 -11.50 20.78 -34.22
N PRO D 255 -12.55 21.49 -34.65
CA PRO D 255 -13.23 21.14 -35.89
C PRO D 255 -12.56 21.67 -37.16
N ARG D 256 -11.31 22.12 -37.09
CA ARG D 256 -10.61 22.56 -38.29
C ARG D 256 -9.32 21.80 -38.56
N VAL D 257 -8.61 21.37 -37.52
CA VAL D 257 -7.45 20.50 -37.73
C VAL D 257 -7.90 19.17 -38.29
N VAL D 258 -9.08 18.70 -37.86
CA VAL D 258 -9.68 17.53 -38.50
C VAL D 258 -10.11 17.86 -39.93
N HIS D 259 -10.61 19.08 -40.14
CA HIS D 259 -11.15 19.44 -41.45
C HIS D 259 -10.06 19.51 -42.50
N ASP D 260 -8.96 20.22 -42.23
CA ASP D 260 -7.92 20.39 -43.24
C ASP D 260 -7.14 19.10 -43.49
N HIS D 261 -7.01 18.25 -42.46
CA HIS D 261 -6.43 16.93 -42.68
C HIS D 261 -7.38 16.07 -43.52
N LEU D 262 -8.69 16.22 -43.31
CA LEU D 262 -9.65 15.44 -44.08
C LEU D 262 -9.54 15.73 -45.56
N THR D 263 -9.42 17.01 -45.93
CA THR D 263 -9.22 17.36 -47.33
C THR D 263 -7.79 17.13 -47.78
N ALA D 264 -6.88 16.85 -46.86
CA ALA D 264 -5.50 16.55 -47.24
C ALA D 264 -5.35 15.08 -47.62
N VAL D 265 -6.02 14.19 -46.90
CA VAL D 265 -5.95 12.76 -47.22
C VAL D 265 -6.56 12.49 -48.58
N ALA D 266 -7.74 13.05 -48.84
CA ALA D 266 -8.43 12.89 -50.12
C ALA D 266 -8.44 14.25 -50.80
N SER D 267 -7.53 14.44 -51.76
CA SER D 267 -7.38 15.70 -52.47
C SER D 267 -7.22 15.39 -53.96
N ALA D 268 -7.12 16.46 -54.75
CA ALA D 268 -6.95 16.30 -56.20
C ALA D 268 -5.62 15.63 -56.52
N VAL D 269 -4.53 16.08 -55.88
CA VAL D 269 -3.23 15.48 -56.11
C VAL D 269 -3.20 14.09 -55.48
N ARG D 270 -2.75 13.10 -56.25
CA ARG D 270 -2.76 11.70 -55.81
C ARG D 270 -1.37 11.11 -56.05
N ASN D 271 -0.58 11.04 -54.98
CA ASN D 271 0.74 10.45 -55.06
C ASN D 271 0.69 8.92 -54.96
N CYS D 272 -0.46 8.36 -54.58
CA CYS D 272 -0.57 6.94 -54.26
C CYS D 272 -1.17 6.19 -55.45
N SER D 273 -0.34 5.74 -56.38
CA SER D 273 -0.83 4.88 -57.46
C SER D 273 -0.23 3.48 -57.43
N ALA D 274 1.07 3.32 -57.73
CA ALA D 274 1.64 1.99 -57.64
C ALA D 274 2.23 1.68 -56.26
N PRO D 275 3.24 2.45 -55.77
CA PRO D 275 3.89 2.04 -54.51
C PRO D 275 3.09 2.38 -53.27
N LEU D 276 2.55 3.59 -53.23
CA LEU D 276 1.98 4.14 -52.00
C LEU D 276 0.56 3.65 -51.81
N SER D 277 0.25 3.19 -50.60
CA SER D 277 -1.13 2.93 -50.17
C SER D 277 -1.81 1.93 -51.11
N HIS D 278 -1.36 0.67 -51.02
CA HIS D 278 -1.83 -0.45 -51.81
C HIS D 278 -3.34 -0.37 -52.00
N PRO D 279 -3.86 -0.76 -53.19
CA PRO D 279 -5.22 -0.36 -53.59
C PRO D 279 -6.32 -0.71 -52.59
N ASP D 280 -5.99 -1.48 -51.57
CA ASP D 280 -6.93 -1.85 -50.52
C ASP D 280 -6.85 -0.94 -49.30
N GLN D 281 -6.02 0.09 -49.34
CA GLN D 281 -5.86 1.00 -48.22
C GLN D 281 -6.73 2.23 -48.43
N ALA D 282 -6.53 3.26 -47.60
CA ALA D 282 -7.34 4.48 -47.64
C ALA D 282 -6.52 5.61 -48.23
N CYS D 283 -6.70 5.86 -49.52
CA CYS D 283 -6.05 6.96 -50.23
C CYS D 283 -6.73 7.15 -51.56
N GLY D 284 -6.98 8.40 -51.93
CA GLY D 284 -7.61 8.71 -53.19
C GLY D 284 -9.10 8.87 -53.08
N PRO D 285 -9.69 9.63 -53.99
CA PRO D 285 -11.16 9.84 -53.93
C PRO D 285 -11.89 8.54 -54.20
N VAL D 286 -12.87 8.26 -53.35
CA VAL D 286 -13.65 7.03 -53.44
C VAL D 286 -14.91 7.32 -54.24
N HIS D 287 -15.45 6.29 -54.88
CA HIS D 287 -16.74 6.41 -55.54
C HIS D 287 -17.84 6.67 -54.52
N GLY D 288 -18.95 7.21 -54.99
CA GLY D 288 -20.00 7.59 -54.07
C GLY D 288 -19.95 9.05 -53.68
N ASN D 289 -19.28 9.34 -52.55
CA ASN D 289 -19.11 10.71 -52.05
C ASN D 289 -18.77 11.67 -53.18
N PHE D 290 -19.42 12.83 -53.15
CA PHE D 290 -19.23 13.83 -54.20
C PHE D 290 -17.78 14.28 -54.26
N LYS D 291 -17.21 14.24 -55.47
CA LYS D 291 -15.82 14.58 -55.76
C LYS D 291 -14.86 14.03 -54.72
N GLY D 292 -15.15 12.84 -54.21
CA GLY D 292 -14.28 12.21 -53.22
C GLY D 292 -14.12 13.01 -51.94
N SER D 293 -15.18 13.68 -51.50
CA SER D 293 -15.13 14.50 -50.30
C SER D 293 -15.81 13.77 -49.16
N TYR D 294 -15.09 13.61 -48.04
CA TYR D 294 -15.62 12.89 -46.89
C TYR D 294 -16.42 13.81 -45.97
N LEU D 295 -17.32 14.61 -46.57
CA LEU D 295 -18.17 15.51 -45.80
C LEU D 295 -19.59 15.59 -46.32
N THR D 296 -19.92 14.89 -47.41
CA THR D 296 -21.21 15.05 -48.06
C THR D 296 -22.20 14.00 -47.55
N MET D 297 -23.41 14.04 -48.09
CA MET D 297 -24.46 13.07 -47.77
C MET D 297 -24.91 12.26 -48.97
N LEU D 298 -24.80 12.80 -50.18
CA LEU D 298 -25.19 12.07 -51.39
C LEU D 298 -24.14 11.02 -51.71
N SER D 299 -24.28 9.84 -51.12
CA SER D 299 -23.31 8.76 -51.30
C SER D 299 -24.05 7.44 -51.46
N SER D 300 -23.65 6.67 -52.49
CA SER D 300 -24.23 5.35 -52.67
C SER D 300 -23.83 4.42 -51.52
N GLY D 301 -22.57 4.48 -51.09
CA GLY D 301 -22.13 3.62 -50.01
C GLY D 301 -22.80 3.95 -48.69
N GLY D 302 -22.99 5.24 -48.41
CA GLY D 302 -23.72 5.63 -47.22
C GLY D 302 -25.18 5.23 -47.26
N LEU D 303 -25.80 5.33 -48.43
CA LEU D 303 -27.22 5.02 -48.56
C LEU D 303 -27.48 3.51 -48.56
N VAL D 304 -26.56 2.74 -49.14
CA VAL D 304 -26.79 1.30 -49.28
C VAL D 304 -26.80 0.63 -47.91
N PHE D 305 -25.97 1.09 -46.98
CA PHE D 305 -25.93 0.52 -45.64
C PHE D 305 -27.10 1.02 -44.79
N GLY D 306 -28.13 1.51 -45.47
CA GLY D 306 -29.30 2.12 -44.89
C GLY D 306 -30.39 1.08 -44.78
N ILE D 307 -31.24 0.99 -45.80
CA ILE D 307 -32.33 0.02 -45.87
C ILE D 307 -31.88 -1.31 -45.28
N ILE D 308 -30.66 -1.74 -45.61
CA ILE D 308 -30.11 -2.96 -45.03
C ILE D 308 -30.05 -2.85 -43.50
N ASN D 309 -29.57 -1.73 -42.99
CA ASN D 309 -29.56 -1.54 -41.53
C ASN D 309 -30.98 -1.54 -40.98
N ILE D 310 -31.91 -0.91 -41.69
CA ILE D 310 -33.32 -1.00 -41.32
C ILE D 310 -33.81 -2.44 -41.42
N VAL D 311 -33.43 -3.13 -42.49
CA VAL D 311 -33.72 -4.57 -42.61
C VAL D 311 -33.06 -5.32 -41.46
N GLY D 312 -31.81 -4.97 -41.14
CA GLY D 312 -31.12 -5.65 -40.07
C GLY D 312 -31.76 -5.43 -38.71
N ASN D 313 -32.18 -4.19 -38.43
CA ASN D 313 -32.77 -3.88 -37.14
C ASN D 313 -34.14 -4.52 -36.94
N PHE D 314 -34.97 -4.55 -37.99
CA PHE D 314 -36.33 -5.08 -37.84
C PHE D 314 -36.30 -6.54 -37.43
N GLY D 315 -35.40 -7.32 -38.03
CA GLY D 315 -35.33 -8.74 -37.70
C GLY D 315 -34.91 -8.99 -36.26
N THR D 316 -34.03 -8.13 -35.72
CA THR D 316 -33.54 -8.34 -34.36
C THR D 316 -34.47 -7.79 -33.30
N VAL D 317 -35.59 -7.19 -33.67
CA VAL D 317 -36.51 -6.64 -32.68
C VAL D 317 -37.81 -7.44 -32.70
N PHE D 318 -38.15 -7.99 -33.86
CA PHE D 318 -39.40 -8.72 -34.01
C PHE D 318 -39.21 -10.23 -33.96
N VAL D 319 -38.16 -10.75 -34.60
CA VAL D 319 -37.91 -12.18 -34.54
C VAL D 319 -37.17 -12.57 -33.28
N ASP D 320 -36.29 -11.69 -32.78
CA ASP D 320 -35.50 -12.01 -31.60
C ASP D 320 -36.38 -12.04 -30.36
N ASN D 321 -36.00 -12.91 -29.43
CA ASN D 321 -36.76 -13.12 -28.19
C ASN D 321 -36.21 -12.35 -27.00
N GLY D 322 -35.02 -11.76 -27.12
CA GLY D 322 -34.48 -10.98 -26.01
C GLY D 322 -35.34 -9.76 -25.70
N TYR D 323 -35.79 -9.05 -26.73
CA TYR D 323 -36.64 -7.89 -26.52
C TYR D 323 -38.05 -8.29 -26.13
N TRP D 324 -38.55 -9.43 -26.63
CA TRP D 324 -39.85 -9.91 -26.21
C TRP D 324 -39.88 -10.20 -24.72
N MET D 325 -38.82 -10.81 -24.19
CA MET D 325 -38.75 -11.07 -22.76
C MET D 325 -38.59 -9.78 -21.97
N SER D 326 -37.88 -8.80 -22.55
CA SER D 326 -37.68 -7.53 -21.84
C SER D 326 -38.99 -6.77 -21.67
N ALA D 327 -39.91 -6.92 -22.62
CA ALA D 327 -41.20 -6.24 -22.54
C ALA D 327 -42.09 -6.78 -21.43
N ILE D 328 -41.73 -7.92 -20.83
CA ILE D 328 -42.55 -8.51 -19.78
C ILE D 328 -42.55 -7.62 -18.54
N ALA D 329 -41.41 -6.99 -18.24
CA ALA D 329 -41.36 -6.10 -17.09
C ALA D 329 -42.32 -4.94 -17.23
N ALA D 330 -42.40 -4.36 -18.43
CA ALA D 330 -43.41 -3.37 -18.79
C ALA D 330 -43.38 -2.14 -17.89
N ARG D 331 -44.45 -1.94 -17.11
CA ARG D 331 -44.71 -0.71 -16.35
C ARG D 331 -44.78 0.43 -17.36
N PRO D 332 -45.85 0.50 -18.17
CA PRO D 332 -45.83 1.34 -19.38
C PRO D 332 -45.53 2.82 -19.14
N SER D 333 -46.04 3.40 -18.05
CA SER D 333 -45.94 4.84 -17.87
C SER D 333 -44.48 5.29 -17.77
N SER D 334 -43.70 4.63 -16.90
CA SER D 334 -42.28 4.96 -16.82
C SER D 334 -41.52 4.40 -18.01
N THR D 335 -41.99 3.28 -18.58
CA THR D 335 -41.25 2.63 -19.66
C THR D 335 -41.26 3.49 -20.93
N HIS D 336 -42.40 4.08 -21.28
CA HIS D 336 -42.44 4.93 -22.46
C HIS D 336 -41.66 6.22 -22.24
N LYS D 337 -41.62 6.72 -21.00
CA LYS D 337 -40.73 7.83 -20.67
C LYS D 337 -39.27 7.43 -20.89
N GLY D 338 -38.91 6.22 -20.47
CA GLY D 338 -37.57 5.73 -20.73
C GLY D 338 -37.29 5.55 -22.21
N TYR D 339 -38.30 5.15 -22.97
CA TYR D 339 -38.13 4.95 -24.41
C TYR D 339 -37.66 6.23 -25.09
N LEU D 340 -38.38 7.33 -24.87
CA LEU D 340 -38.04 8.59 -25.51
C LEU D 340 -36.69 9.11 -25.02
N LEU D 341 -36.50 9.15 -23.70
CA LEU D 341 -35.23 9.62 -23.15
C LEU D 341 -34.09 8.69 -23.55
N GLY D 342 -34.31 7.38 -23.45
CA GLY D 342 -33.28 6.43 -23.84
C GLY D 342 -32.97 6.48 -25.32
N GLY D 343 -33.98 6.73 -26.15
CA GLY D 343 -33.73 6.82 -27.59
C GLY D 343 -32.83 7.98 -27.95
N LEU D 344 -33.07 9.14 -27.37
CA LEU D 344 -32.21 10.29 -27.64
C LEU D 344 -30.80 10.06 -27.12
N VAL D 345 -30.67 9.45 -25.94
CA VAL D 345 -29.35 9.17 -25.39
C VAL D 345 -28.59 8.20 -26.27
N TRP D 346 -29.25 7.12 -26.69
CA TRP D 346 -28.56 6.16 -27.55
C TRP D 346 -28.56 6.58 -29.01
N PHE D 347 -29.22 7.68 -29.36
CA PHE D 347 -28.96 8.30 -30.66
C PHE D 347 -27.64 9.06 -30.62
N ALA D 348 -27.28 9.59 -29.45
CA ALA D 348 -26.04 10.35 -29.33
C ALA D 348 -24.82 9.44 -29.29
N VAL D 349 -24.94 8.30 -28.61
CA VAL D 349 -23.78 7.47 -28.32
C VAL D 349 -23.17 6.93 -29.62
N PRO D 350 -23.95 6.34 -30.57
CA PRO D 350 -23.40 6.08 -31.90
C PRO D 350 -22.66 7.26 -32.49
N PHE D 351 -23.32 8.42 -32.52
CA PHE D 351 -22.76 9.58 -33.20
C PHE D 351 -21.45 10.01 -32.57
N SER D 352 -21.40 10.04 -31.24
CA SER D 352 -20.22 10.57 -30.56
C SER D 352 -19.01 9.67 -30.78
N LEU D 353 -19.16 8.36 -30.54
CA LEU D 353 -18.00 7.49 -30.57
C LEU D 353 -17.57 7.19 -32.01
N ALA D 354 -18.53 6.97 -32.90
CA ALA D 354 -18.19 6.57 -34.26
C ALA D 354 -17.53 7.71 -35.02
N THR D 355 -18.07 8.93 -34.89
CA THR D 355 -17.51 10.07 -35.60
C THR D 355 -16.13 10.42 -35.07
N SER D 356 -15.95 10.30 -33.75
CA SER D 356 -14.65 10.60 -33.16
C SER D 356 -13.59 9.61 -33.63
N LEU D 357 -13.88 8.31 -33.51
CA LEU D 357 -12.92 7.30 -33.92
C LEU D 357 -12.85 7.15 -35.44
N GLY D 358 -14.01 7.19 -36.11
CA GLY D 358 -14.02 6.97 -37.55
C GLY D 358 -13.30 8.07 -38.31
N LEU D 359 -13.56 9.33 -37.98
CA LEU D 359 -12.84 10.42 -38.62
C LEU D 359 -11.39 10.49 -38.13
N GLY D 360 -11.15 10.07 -36.89
CA GLY D 360 -9.79 10.10 -36.37
C GLY D 360 -8.85 9.20 -37.13
N ALA D 361 -9.31 8.00 -37.49
CA ALA D 361 -8.48 7.12 -38.30
C ALA D 361 -8.36 7.62 -39.74
N LEU D 362 -9.28 8.47 -40.17
CA LEU D 362 -9.23 9.01 -41.52
C LEU D 362 -8.45 10.32 -41.57
N ALA D 363 -8.75 11.23 -40.64
CA ALA D 363 -8.03 12.50 -40.61
C ALA D 363 -6.55 12.29 -40.33
N LEU D 364 -6.22 11.41 -39.38
CA LEU D 364 -4.84 11.07 -39.10
C LEU D 364 -4.44 9.90 -39.98
N ASP D 365 -3.25 9.99 -40.59
CA ASP D 365 -2.75 8.92 -41.44
C ASP D 365 -2.57 7.66 -40.61
N LEU D 366 -3.13 6.56 -41.08
CA LEU D 366 -3.08 5.32 -40.33
C LEU D 366 -3.46 4.16 -41.25
N PRO D 367 -2.68 3.07 -41.28
CA PRO D 367 -2.94 1.99 -42.24
C PRO D 367 -4.06 1.08 -41.77
N ILE D 368 -5.15 1.03 -42.54
CA ILE D 368 -6.25 0.10 -42.32
C ILE D 368 -6.48 -0.67 -43.60
N THR D 369 -6.35 -1.99 -43.52
CA THR D 369 -6.68 -2.86 -44.64
C THR D 369 -8.19 -2.89 -44.86
N ALA D 370 -8.60 -2.92 -46.13
CA ALA D 370 -10.02 -3.02 -46.44
C ALA D 370 -10.64 -4.28 -45.83
N ALA D 371 -9.83 -5.34 -45.68
CA ALA D 371 -10.28 -6.53 -44.98
C ALA D 371 -10.14 -6.42 -43.47
N GLU D 372 -9.12 -5.72 -42.98
CA GLU D 372 -8.94 -5.55 -41.55
C GLU D 372 -10.03 -4.70 -40.92
N ALA D 373 -10.62 -3.78 -41.67
CA ALA D 373 -11.70 -2.95 -41.13
C ALA D 373 -12.98 -3.73 -40.91
N ALA D 374 -13.24 -4.74 -41.74
CA ALA D 374 -14.47 -5.51 -41.62
C ALA D 374 -14.51 -6.32 -40.34
N LYS D 375 -13.37 -6.63 -39.74
CA LYS D 375 -13.34 -7.41 -38.51
C LYS D 375 -13.61 -6.55 -37.28
N GLY D 376 -13.66 -5.23 -37.43
CA GLY D 376 -13.93 -4.36 -36.30
C GLY D 376 -12.66 -3.92 -35.58
N LEU D 377 -11.62 -3.64 -36.34
CA LEU D 377 -10.35 -3.21 -35.76
C LEU D 377 -10.08 -1.72 -35.92
N VAL D 378 -10.91 -1.00 -36.69
CA VAL D 378 -10.75 0.44 -36.80
C VAL D 378 -10.83 1.14 -35.44
N PRO D 379 -11.83 0.86 -34.59
CA PRO D 379 -11.78 1.42 -33.23
C PRO D 379 -10.71 0.79 -32.37
N ALA D 380 -10.07 -0.28 -32.80
CA ALA D 380 -8.98 -0.86 -32.05
C ALA D 380 -7.64 -0.18 -32.33
N ALA D 381 -7.47 0.37 -33.54
CA ALA D 381 -6.24 1.07 -33.88
C ALA D 381 -6.22 2.52 -33.40
N THR D 382 -7.36 3.20 -33.50
CA THR D 382 -7.43 4.62 -33.16
C THR D 382 -7.23 4.86 -31.67
N ALA D 383 -7.26 3.81 -30.85
CA ALA D 383 -7.11 3.97 -29.41
C ALA D 383 -5.68 3.73 -28.94
N THR D 384 -4.90 2.90 -29.63
CA THR D 384 -3.53 2.63 -29.24
C THR D 384 -2.55 3.66 -29.78
N ALA D 385 -3.00 4.56 -30.65
CA ALA D 385 -2.14 5.57 -31.24
C ALA D 385 -2.45 6.98 -30.75
N LEU D 386 -3.72 7.31 -30.57
CA LEU D 386 -4.07 8.66 -30.12
C LEU D 386 -3.55 8.93 -28.71
N MET D 387 -3.66 7.94 -27.81
CA MET D 387 -3.18 8.12 -26.44
C MET D 387 -2.27 6.98 -25.96
N GLY D 388 -2.38 5.78 -26.51
CA GLY D 388 -1.36 4.77 -26.29
C GLY D 388 -1.74 3.60 -25.40
N LYS D 389 -0.86 3.27 -24.45
CA LYS D 389 -1.05 2.10 -23.61
C LYS D 389 -2.32 2.22 -22.78
N SER D 390 -2.54 3.38 -22.18
CA SER D 390 -3.76 3.59 -21.41
C SER D 390 -5.00 3.62 -22.30
N GLY D 391 -4.82 3.98 -23.57
CA GLY D 391 -5.95 3.97 -24.49
C GLY D 391 -6.46 2.57 -24.76
N SER D 392 -5.54 1.62 -24.89
CA SER D 392 -5.93 0.24 -25.19
C SER D 392 -6.73 -0.37 -24.04
N VAL D 393 -6.26 -0.17 -22.80
CA VAL D 393 -6.91 -0.80 -21.66
C VAL D 393 -8.30 -0.22 -21.44
N LEU D 394 -8.47 1.08 -21.68
CA LEU D 394 -9.80 1.66 -21.62
C LEU D 394 -10.70 1.11 -22.72
N LEU D 395 -10.14 0.92 -23.91
CA LEU D 395 -10.93 0.36 -25.01
C LEU D 395 -11.35 -1.07 -24.70
N LEU D 396 -10.45 -1.84 -24.08
CA LEU D 396 -10.75 -3.23 -23.79
C LEU D 396 -11.88 -3.35 -22.77
N ILE D 397 -11.82 -2.57 -21.70
CA ILE D 397 -12.86 -2.64 -20.68
C ILE D 397 -14.17 -2.10 -21.22
N MET D 398 -14.11 -1.10 -22.10
CA MET D 398 -15.32 -0.55 -22.69
C MET D 398 -16.03 -1.58 -23.56
N LEU D 399 -15.27 -2.41 -24.28
CA LEU D 399 -15.87 -3.39 -25.17
C LEU D 399 -16.23 -4.69 -24.48
N PHE D 400 -15.38 -5.16 -23.56
CA PHE D 400 -15.66 -6.41 -22.87
C PHE D 400 -16.79 -6.29 -21.85
N MET D 401 -17.05 -5.10 -21.32
CA MET D 401 -18.25 -4.90 -20.53
C MET D 401 -19.50 -5.02 -21.38
N ALA D 402 -19.40 -4.71 -22.66
CA ALA D 402 -20.53 -4.76 -23.57
C ALA D 402 -20.77 -6.13 -24.17
N VAL D 403 -19.82 -7.05 -24.07
CA VAL D 403 -19.98 -8.40 -24.62
C VAL D 403 -20.60 -9.33 -23.59
N THR D 404 -20.28 -9.17 -22.31
CA THR D 404 -20.96 -9.94 -21.27
C THR D 404 -22.15 -9.15 -20.72
N SER D 405 -22.91 -8.56 -21.63
CA SER D 405 -24.13 -7.84 -21.27
C SER D 405 -25.28 -8.08 -22.24
N ALA D 406 -25.00 -8.45 -23.49
CA ALA D 406 -26.04 -8.84 -24.43
C ALA D 406 -26.04 -10.32 -24.72
N GLY D 407 -24.87 -10.96 -24.71
CA GLY D 407 -24.82 -12.41 -24.81
C GLY D 407 -25.45 -13.09 -23.62
N SER D 408 -25.24 -12.54 -22.42
CA SER D 408 -25.89 -13.08 -21.22
C SER D 408 -27.41 -13.00 -21.36
N ALA D 409 -27.91 -11.89 -21.90
CA ALA D 409 -29.32 -11.80 -22.20
C ALA D 409 -29.70 -12.80 -23.29
N GLU D 410 -28.83 -12.99 -24.28
CA GLU D 410 -29.11 -13.93 -25.36
C GLU D 410 -29.20 -15.36 -24.86
N LEU D 411 -28.27 -15.77 -23.99
CA LEU D 411 -28.29 -17.13 -23.47
C LEU D 411 -29.55 -17.37 -22.64
N VAL D 412 -29.94 -16.39 -21.83
CA VAL D 412 -31.18 -16.53 -21.06
C VAL D 412 -32.38 -16.54 -21.99
N ALA D 413 -32.34 -15.73 -23.05
CA ALA D 413 -33.45 -15.67 -23.99
C ALA D 413 -33.67 -17.01 -24.68
N VAL D 414 -32.58 -17.63 -25.14
CA VAL D 414 -32.71 -18.94 -25.79
C VAL D 414 -33.08 -20.01 -24.77
N SER D 415 -32.61 -19.86 -23.53
CA SER D 415 -32.96 -20.82 -22.49
C SER D 415 -34.45 -20.74 -22.15
N SER D 416 -34.96 -19.53 -21.98
CA SER D 416 -36.40 -19.38 -21.75
C SER D 416 -37.21 -19.77 -22.97
N LEU D 417 -36.61 -19.67 -24.16
CA LEU D 417 -37.33 -20.01 -25.38
C LEU D 417 -37.51 -21.51 -25.54
N CYS D 418 -36.61 -22.32 -24.98
CA CYS D 418 -36.69 -23.76 -25.18
C CYS D 418 -37.38 -24.48 -24.02
N THR D 419 -37.02 -24.17 -22.77
CA THR D 419 -37.61 -24.86 -21.64
C THR D 419 -39.10 -24.61 -21.53
N TYR D 420 -39.59 -23.48 -22.04
CA TYR D 420 -41.00 -23.19 -22.04
C TYR D 420 -41.70 -23.63 -23.32
N ASP D 421 -40.97 -24.25 -24.25
CA ASP D 421 -41.52 -24.62 -25.55
C ASP D 421 -41.16 -26.03 -26.01
N ILE D 422 -40.19 -26.70 -25.39
CA ILE D 422 -39.82 -28.04 -25.82
C ILE D 422 -40.03 -29.00 -24.65
N TYR D 423 -39.91 -28.49 -23.43
CA TYR D 423 -40.04 -29.32 -22.24
C TYR D 423 -41.44 -29.23 -21.64
N ARG D 424 -41.96 -28.01 -21.48
CA ARG D 424 -43.24 -27.83 -20.81
C ARG D 424 -44.42 -28.33 -21.64
N THR D 425 -44.25 -28.44 -22.96
CA THR D 425 -45.37 -28.82 -23.83
C THR D 425 -45.13 -30.06 -24.68
N TYR D 426 -43.90 -30.53 -24.82
CA TYR D 426 -43.63 -31.70 -25.66
C TYR D 426 -43.03 -32.88 -24.90
N ILE D 427 -41.97 -32.66 -24.13
CA ILE D 427 -41.31 -33.78 -23.45
C ILE D 427 -42.16 -34.30 -22.31
N ASN D 428 -42.47 -33.43 -21.34
CA ASN D 428 -43.33 -33.79 -20.21
C ASN D 428 -44.35 -32.69 -19.98
N PRO D 429 -45.65 -32.96 -20.19
CA PRO D 429 -46.66 -31.92 -19.94
C PRO D 429 -46.62 -31.38 -18.53
N ASP D 430 -46.38 -32.24 -17.54
CA ASP D 430 -46.22 -31.77 -16.17
C ASP D 430 -44.88 -31.06 -16.00
N ALA D 431 -44.83 -30.15 -15.03
CA ALA D 431 -43.62 -29.36 -14.79
C ALA D 431 -43.61 -28.96 -13.32
N THR D 432 -42.79 -29.63 -12.53
CA THR D 432 -42.60 -29.24 -11.14
C THR D 432 -41.76 -27.97 -11.05
N GLY D 433 -41.74 -27.38 -9.85
CA GLY D 433 -41.01 -26.14 -9.65
C GLY D 433 -39.51 -26.27 -9.81
N GLU D 434 -38.97 -27.49 -9.72
CA GLU D 434 -37.54 -27.70 -9.81
C GLU D 434 -37.08 -28.18 -11.19
N GLN D 435 -37.94 -28.85 -11.96
CA GLN D 435 -37.53 -29.32 -13.27
C GLN D 435 -37.22 -28.17 -14.22
N ILE D 436 -37.94 -27.05 -14.09
CA ILE D 436 -37.66 -25.89 -14.94
C ILE D 436 -36.26 -25.37 -14.69
N LEU D 437 -35.86 -25.30 -13.41
CA LEU D 437 -34.52 -24.83 -13.08
C LEU D 437 -33.46 -25.82 -13.55
N ARG D 438 -33.78 -27.11 -13.55
CA ARG D 438 -32.86 -28.11 -14.08
C ARG D 438 -32.53 -27.84 -15.55
N VAL D 439 -33.57 -27.72 -16.38
CA VAL D 439 -33.36 -27.60 -17.83
C VAL D 439 -32.93 -26.19 -18.20
N SER D 440 -33.26 -25.19 -17.38
CA SER D 440 -32.87 -23.82 -17.70
C SER D 440 -31.36 -23.65 -17.66
N ARG D 441 -30.74 -24.08 -16.56
CA ARG D 441 -29.28 -23.99 -16.46
C ARG D 441 -28.59 -25.08 -17.26
N ALA D 442 -29.31 -26.16 -17.59
CA ALA D 442 -28.74 -27.16 -18.49
C ALA D 442 -28.60 -26.60 -19.90
N THR D 443 -29.63 -25.89 -20.37
CA THR D 443 -29.58 -25.30 -21.70
C THR D 443 -28.46 -24.28 -21.81
N VAL D 444 -28.31 -23.42 -20.81
CA VAL D 444 -27.32 -22.36 -20.86
C VAL D 444 -25.92 -22.94 -20.91
N LEU D 445 -25.66 -23.98 -20.10
CA LEU D 445 -24.33 -24.58 -20.05
C LEU D 445 -23.93 -25.16 -21.40
N VAL D 446 -24.84 -25.90 -22.04
CA VAL D 446 -24.53 -26.49 -23.33
C VAL D 446 -24.45 -25.41 -24.40
N PHE D 447 -25.40 -24.48 -24.42
CA PHE D 447 -25.43 -23.46 -25.47
C PHE D 447 -24.25 -22.49 -25.34
N GLY D 448 -23.74 -22.29 -24.12
CA GLY D 448 -22.57 -21.45 -23.93
C GLY D 448 -21.30 -22.04 -24.50
N CYS D 449 -21.23 -23.36 -24.61
CA CYS D 449 -20.08 -24.03 -25.21
C CYS D 449 -20.33 -24.51 -26.63
N LEU D 450 -21.55 -24.93 -26.94
CA LEU D 450 -21.88 -25.33 -28.31
C LEU D 450 -21.72 -24.18 -29.29
N MET D 451 -21.87 -22.95 -28.84
CA MET D 451 -21.58 -21.79 -29.68
C MET D 451 -20.11 -21.43 -29.66
N GLY D 452 -19.33 -21.99 -28.72
CA GLY D 452 -17.90 -21.79 -28.73
C GLY D 452 -17.18 -22.52 -29.84
N VAL D 453 -17.78 -23.60 -30.37
CA VAL D 453 -17.20 -24.30 -31.50
C VAL D 453 -17.65 -23.73 -32.84
N LEU D 454 -18.81 -23.07 -32.88
CA LEU D 454 -19.24 -22.37 -34.09
C LEU D 454 -18.49 -21.06 -34.31
N ALA D 455 -18.08 -20.40 -33.24
CA ALA D 455 -17.32 -19.17 -33.36
C ALA D 455 -15.84 -19.40 -33.63
N VAL D 456 -15.36 -20.63 -33.47
CA VAL D 456 -13.95 -20.92 -33.71
C VAL D 456 -13.84 -21.58 -35.09
N ILE D 457 -14.92 -22.21 -35.55
CA ILE D 457 -14.89 -22.77 -36.90
C ILE D 457 -15.19 -21.70 -37.94
N LEU D 458 -15.94 -20.66 -37.57
CA LEU D 458 -16.20 -19.56 -38.48
C LEU D 458 -15.08 -18.52 -38.47
N ASN D 459 -14.05 -18.72 -37.65
CA ASN D 459 -12.98 -17.74 -37.56
C ASN D 459 -11.90 -17.99 -38.60
N LEU D 460 -11.45 -19.23 -38.74
CA LEU D 460 -10.35 -19.56 -39.65
C LEU D 460 -10.82 -19.79 -41.08
N VAL D 461 -12.12 -19.64 -41.35
CA VAL D 461 -12.68 -19.99 -42.64
C VAL D 461 -13.15 -18.68 -43.28
N GLY D 462 -12.39 -17.61 -43.05
CA GLY D 462 -12.72 -16.37 -43.73
C GLY D 462 -13.61 -15.44 -42.94
N VAL D 463 -14.91 -15.58 -43.14
CA VAL D 463 -15.95 -14.65 -42.73
C VAL D 463 -15.71 -14.07 -41.35
N SER D 464 -15.88 -12.76 -41.22
CA SER D 464 -15.71 -12.01 -39.99
C SER D 464 -16.98 -11.21 -39.72
N LEU D 465 -16.90 -10.27 -38.78
CA LEU D 465 -18.07 -9.48 -38.39
C LEU D 465 -18.73 -8.83 -39.59
N GLY D 466 -17.95 -8.41 -40.59
CA GLY D 466 -18.51 -7.62 -41.67
C GLY D 466 -19.57 -8.34 -42.48
N TRP D 467 -19.34 -9.62 -42.75
CA TRP D 467 -20.27 -10.36 -43.62
C TRP D 467 -21.56 -10.69 -42.89
N LEU D 468 -21.49 -11.02 -41.60
CA LEU D 468 -22.69 -11.39 -40.87
C LEU D 468 -23.66 -10.22 -40.74
N TYR D 469 -23.14 -9.01 -40.47
CA TYR D 469 -24.03 -7.89 -40.21
C TYR D 469 -24.92 -7.56 -41.40
N LEU D 470 -24.47 -7.85 -42.62
CA LEU D 470 -25.32 -7.72 -43.79
C LEU D 470 -26.10 -8.99 -44.08
N ALA D 471 -25.49 -10.16 -43.92
CA ALA D 471 -26.18 -11.43 -44.13
C ALA D 471 -27.30 -11.65 -43.13
N MET D 472 -27.28 -10.93 -42.00
CA MET D 472 -28.37 -11.02 -41.04
C MET D 472 -29.70 -10.65 -41.66
N GLY D 473 -29.70 -9.80 -42.67
CA GLY D 473 -30.93 -9.40 -43.32
C GLY D 473 -31.50 -10.41 -44.28
N VAL D 474 -30.81 -11.52 -44.52
CA VAL D 474 -31.29 -12.54 -45.44
C VAL D 474 -31.91 -13.69 -44.66
N ILE D 475 -31.11 -14.31 -43.79
CA ILE D 475 -31.62 -15.44 -43.01
C ILE D 475 -32.76 -14.99 -42.10
N ILE D 476 -32.59 -13.88 -41.45
CA ILE D 476 -33.61 -13.28 -40.62
C ILE D 476 -34.33 -12.23 -41.47
N GLY D 477 -35.58 -11.95 -41.15
CA GLY D 477 -36.36 -11.00 -41.90
C GLY D 477 -37.13 -11.59 -43.05
N SER D 478 -36.94 -12.87 -43.34
CA SER D 478 -37.84 -13.57 -44.26
C SER D 478 -39.25 -13.59 -43.71
N ALA D 479 -39.40 -13.83 -42.40
CA ALA D 479 -40.69 -13.78 -41.70
C ALA D 479 -40.54 -12.81 -40.54
N VAL D 480 -40.77 -11.53 -40.84
CA VAL D 480 -40.76 -10.49 -39.82
C VAL D 480 -42.09 -9.73 -39.77
N ILE D 481 -42.65 -9.37 -40.93
CA ILE D 481 -43.99 -8.78 -40.96
C ILE D 481 -45.02 -9.75 -40.39
N PRO D 482 -44.99 -11.06 -40.69
CA PRO D 482 -45.91 -11.98 -40.01
C PRO D 482 -45.93 -11.84 -38.49
N ILE D 483 -44.77 -11.72 -37.85
CA ILE D 483 -44.75 -11.49 -36.41
C ILE D 483 -45.36 -10.15 -36.08
N ALA D 484 -45.06 -9.12 -36.88
CA ALA D 484 -45.58 -7.78 -36.61
C ALA D 484 -47.09 -7.75 -36.69
N LEU D 485 -47.67 -8.42 -37.68
CA LEU D 485 -49.12 -8.43 -37.83
C LEU D 485 -49.82 -9.37 -36.88
N LEU D 486 -49.09 -10.27 -36.20
CA LEU D 486 -49.73 -11.22 -35.31
C LEU D 486 -50.31 -10.51 -34.09
N LEU D 487 -49.53 -9.62 -33.48
CA LEU D 487 -49.97 -8.93 -32.28
C LEU D 487 -50.77 -7.66 -32.57
N LEU D 488 -50.83 -7.23 -33.83
CA LEU D 488 -51.33 -5.90 -34.15
C LEU D 488 -52.47 -5.87 -35.15
N TRP D 489 -52.59 -6.86 -36.03
CA TRP D 489 -53.58 -6.82 -37.10
C TRP D 489 -54.54 -8.00 -36.97
N ARG D 490 -55.82 -7.72 -37.20
CA ARG D 490 -56.88 -8.61 -36.74
C ARG D 490 -56.94 -9.91 -37.54
N LYS D 491 -56.83 -9.83 -38.86
CA LYS D 491 -57.10 -11.01 -39.68
C LYS D 491 -56.02 -12.08 -39.49
N ALA D 492 -54.80 -11.79 -39.93
CA ALA D 492 -53.60 -12.58 -39.62
C ALA D 492 -53.86 -14.09 -39.79
N ASN D 493 -54.08 -14.49 -41.03
CA ASN D 493 -54.33 -15.90 -41.32
C ASN D 493 -53.07 -16.72 -41.04
N ALA D 494 -53.29 -17.96 -40.60
CA ALA D 494 -52.20 -18.87 -40.29
C ALA D 494 -51.43 -19.31 -41.53
N LEU D 495 -52.13 -19.54 -42.64
CA LEU D 495 -51.48 -20.05 -43.85
C LEU D 495 -50.50 -19.02 -44.42
N GLY D 496 -50.82 -17.74 -44.29
CA GLY D 496 -49.94 -16.71 -44.83
C GLY D 496 -48.57 -16.71 -44.18
N ALA D 497 -48.51 -17.05 -42.89
CA ALA D 497 -47.25 -17.02 -42.16
C ALA D 497 -46.29 -18.06 -42.70
N ILE D 498 -46.73 -19.31 -42.82
CA ILE D 498 -45.85 -20.38 -43.28
C ILE D 498 -45.46 -20.16 -44.74
N LEU D 499 -46.44 -19.83 -45.58
CA LEU D 499 -46.16 -19.58 -46.99
C LEU D 499 -45.22 -18.38 -47.15
N GLY D 500 -45.47 -17.31 -46.39
CA GLY D 500 -44.60 -16.15 -46.47
C GLY D 500 -43.20 -16.43 -45.96
N ALA D 501 -43.10 -17.22 -44.89
CA ALA D 501 -41.79 -17.50 -44.30
C ALA D 501 -40.92 -18.34 -45.23
N VAL D 502 -41.46 -19.45 -45.75
CA VAL D 502 -40.66 -20.36 -46.55
C VAL D 502 -40.34 -19.75 -47.91
N SER D 503 -41.30 -19.05 -48.52
CA SER D 503 -41.08 -18.49 -49.85
C SER D 503 -40.02 -17.40 -49.81
N GLY D 504 -40.09 -16.51 -48.82
CA GLY D 504 -39.09 -15.47 -48.69
C GLY D 504 -37.72 -16.04 -48.38
N CYS D 505 -37.69 -17.10 -47.56
CA CYS D 505 -36.42 -17.71 -47.18
C CYS D 505 -35.72 -18.35 -48.38
N VAL D 506 -36.46 -19.17 -49.13
CA VAL D 506 -35.84 -19.87 -50.26
C VAL D 506 -35.53 -18.88 -51.39
N LEU D 507 -36.46 -17.96 -51.67
CA LEU D 507 -36.24 -17.03 -52.77
C LEU D 507 -35.10 -16.07 -52.47
N GLY D 508 -34.96 -15.66 -51.21
CA GLY D 508 -33.88 -14.76 -50.86
C GLY D 508 -32.51 -15.38 -51.10
N VAL D 509 -32.34 -16.65 -50.75
CA VAL D 509 -31.05 -17.32 -50.96
C VAL D 509 -30.75 -17.43 -52.44
N THR D 510 -31.74 -17.81 -53.25
CA THR D 510 -31.50 -17.93 -54.69
C THR D 510 -31.10 -16.61 -55.31
N VAL D 511 -31.81 -15.53 -54.96
CA VAL D 511 -31.43 -14.21 -55.47
C VAL D 511 -30.07 -13.80 -54.94
N TRP D 512 -29.79 -14.10 -53.67
CA TRP D 512 -28.52 -13.71 -53.06
C TRP D 512 -27.34 -14.35 -53.77
N LEU D 513 -27.44 -15.63 -54.09
CA LEU D 513 -26.33 -16.38 -54.67
C LEU D 513 -26.35 -16.37 -56.20
N SER D 514 -27.32 -15.70 -56.82
CA SER D 514 -27.37 -15.55 -58.26
C SER D 514 -26.80 -14.22 -58.73
N VAL D 515 -27.13 -13.12 -58.04
CA VAL D 515 -26.55 -11.83 -58.37
C VAL D 515 -25.05 -11.81 -58.09
N ALA D 516 -24.58 -12.72 -57.24
CA ALA D 516 -23.14 -12.88 -57.03
C ALA D 516 -22.48 -13.66 -58.16
N LYS D 517 -23.25 -14.44 -58.93
CA LYS D 517 -22.69 -15.20 -60.05
C LYS D 517 -22.65 -14.35 -61.31
N VAL D 518 -23.81 -13.89 -61.78
CA VAL D 518 -23.87 -12.99 -62.91
C VAL D 518 -23.56 -11.58 -62.42
N GLN D 519 -22.92 -10.79 -63.28
CA GLN D 519 -22.50 -9.40 -63.06
C GLN D 519 -21.33 -9.29 -62.10
N TYR D 520 -20.92 -10.38 -61.42
CA TYR D 520 -19.77 -10.30 -60.54
C TYR D 520 -18.84 -11.51 -60.68
N GLY D 521 -19.20 -12.44 -61.54
CA GLY D 521 -18.33 -13.57 -61.84
C GLY D 521 -18.42 -14.66 -60.78
N ARG D 522 -17.27 -15.00 -60.18
CA ARG D 522 -17.23 -16.11 -59.24
C ARG D 522 -17.97 -15.76 -57.96
N VAL D 523 -18.35 -16.80 -57.22
CA VAL D 523 -18.99 -16.66 -55.92
C VAL D 523 -17.97 -17.08 -54.87
N ASP D 524 -17.67 -16.19 -53.94
CA ASP D 524 -16.69 -16.43 -52.90
C ASP D 524 -17.10 -15.67 -51.65
N LEU D 525 -16.29 -15.79 -50.60
CA LEU D 525 -16.61 -15.13 -49.33
C LEU D 525 -16.63 -13.62 -49.50
N ASP D 526 -15.64 -13.06 -50.20
CA ASP D 526 -15.61 -11.64 -50.46
C ASP D 526 -16.39 -11.24 -51.72
N SER D 527 -16.73 -12.20 -52.57
CA SER D 527 -17.47 -11.91 -53.79
C SER D 527 -18.97 -11.77 -53.57
N THR D 528 -19.48 -12.18 -52.41
CA THR D 528 -20.90 -12.08 -52.10
C THR D 528 -21.21 -10.92 -51.16
N GLY D 529 -20.21 -10.32 -50.52
CA GLY D 529 -20.44 -9.28 -49.55
C GLY D 529 -20.23 -7.87 -50.04
N ARG D 530 -20.71 -7.58 -51.25
CA ARG D 530 -20.65 -6.22 -51.77
C ARG D 530 -21.97 -5.50 -51.49
N ASN D 531 -22.13 -4.31 -52.07
CA ASN D 531 -23.28 -3.46 -51.75
C ASN D 531 -24.53 -3.93 -52.47
N ALA D 532 -24.50 -3.93 -53.80
CA ALA D 532 -25.68 -4.32 -54.57
C ALA D 532 -26.11 -5.76 -54.33
N PRO D 533 -25.24 -6.77 -54.32
CA PRO D 533 -25.73 -8.15 -54.15
C PRO D 533 -26.46 -8.39 -52.84
N MET D 534 -26.12 -7.66 -51.78
CA MET D 534 -26.77 -7.86 -50.49
C MET D 534 -28.07 -7.09 -50.39
N LEU D 535 -28.09 -5.86 -50.92
CA LEU D 535 -29.33 -5.09 -50.94
C LEU D 535 -30.38 -5.76 -51.79
N ALA D 536 -29.98 -6.35 -52.92
CA ALA D 536 -30.92 -7.16 -53.70
C ALA D 536 -31.42 -8.35 -52.90
N GLY D 537 -30.51 -9.01 -52.16
CA GLY D 537 -30.92 -10.16 -51.38
C GLY D 537 -31.84 -9.80 -50.22
N ASN D 538 -31.56 -8.69 -49.55
CA ASN D 538 -32.35 -8.32 -48.38
C ASN D 538 -33.77 -7.91 -48.76
N LEU D 539 -33.90 -7.08 -49.79
CA LEU D 539 -35.23 -6.59 -50.18
C LEU D 539 -36.15 -7.72 -50.60
N VAL D 540 -35.63 -8.67 -51.38
CA VAL D 540 -36.46 -9.80 -51.82
C VAL D 540 -36.92 -10.62 -50.63
N SER D 541 -36.10 -10.74 -49.59
CA SER D 541 -36.46 -11.54 -48.43
C SER D 541 -37.68 -10.98 -47.71
N ILE D 542 -37.93 -9.68 -47.84
CA ILE D 542 -38.96 -9.04 -47.03
C ILE D 542 -40.25 -8.86 -47.81
N LEU D 543 -40.16 -8.26 -49.01
CA LEU D 543 -41.37 -7.83 -49.71
C LEU D 543 -42.28 -9.00 -50.05
N VAL D 544 -41.71 -10.12 -50.52
CA VAL D 544 -42.54 -11.28 -50.83
C VAL D 544 -43.12 -11.88 -49.56
N GLY D 545 -42.37 -11.84 -48.45
CA GLY D 545 -42.87 -12.39 -47.20
C GLY D 545 -44.08 -11.64 -46.69
N GLY D 546 -44.02 -10.31 -46.71
CA GLY D 546 -45.18 -9.53 -46.29
C GLY D 546 -46.34 -9.64 -47.26
N ALA D 547 -46.05 -9.64 -48.56
CA ALA D 547 -47.12 -9.69 -49.56
C ALA D 547 -47.87 -11.01 -49.51
N SER D 622 -18.65 23.50 -45.81
CA SER D 622 -17.20 23.39 -45.71
C SER D 622 -16.75 23.41 -44.25
N ALA D 623 -15.93 24.40 -43.90
CA ALA D 623 -15.48 24.53 -42.52
C ALA D 623 -16.64 24.82 -41.58
N GLY D 624 -17.57 25.67 -42.01
CA GLY D 624 -18.71 25.98 -41.16
C GLY D 624 -19.63 24.79 -40.93
N TYR D 625 -19.87 24.00 -41.98
CA TYR D 625 -20.74 22.84 -41.84
C TYR D 625 -20.14 21.83 -40.86
N PHE D 626 -18.84 21.57 -40.97
CA PHE D 626 -18.21 20.60 -40.09
C PHE D 626 -18.11 21.12 -38.66
N THR D 627 -17.93 22.44 -38.48
CA THR D 627 -17.94 23.01 -37.14
C THR D 627 -19.30 22.82 -36.47
N MET D 628 -20.39 23.08 -37.21
CA MET D 628 -21.71 22.86 -36.66
C MET D 628 -21.94 21.39 -36.35
N TRP D 629 -21.44 20.50 -37.20
CA TRP D 629 -21.55 19.07 -36.95
C TRP D 629 -20.83 18.69 -35.66
N ALA D 630 -19.63 19.24 -35.45
CA ALA D 630 -18.89 18.92 -34.24
C ALA D 630 -19.56 19.48 -33.01
N VAL D 631 -20.06 20.72 -33.09
CA VAL D 631 -20.68 21.37 -31.93
C VAL D 631 -21.94 20.61 -31.51
N ILE D 632 -22.78 20.26 -32.49
CA ILE D 632 -23.99 19.51 -32.15
C ILE D 632 -23.64 18.11 -31.68
N ALA D 633 -22.52 17.56 -32.15
CA ALA D 633 -22.09 16.24 -31.68
C ALA D 633 -21.74 16.30 -30.20
N ILE D 634 -21.05 17.34 -29.76
CA ILE D 634 -20.78 17.52 -28.34
C ILE D 634 -22.08 17.84 -27.59
N ALA D 635 -22.97 18.60 -28.24
CA ALA D 635 -24.23 18.96 -27.59
C ALA D 635 -25.06 17.72 -27.25
N TRP D 636 -25.15 16.77 -28.17
CA TRP D 636 -25.76 15.50 -27.82
C TRP D 636 -24.94 14.77 -26.76
N GLY D 637 -23.62 14.91 -26.82
CA GLY D 637 -22.77 14.33 -25.80
C GLY D 637 -22.98 14.93 -24.43
N THR D 638 -23.32 16.21 -24.37
CA THR D 638 -23.68 16.83 -23.09
C THR D 638 -25.08 16.46 -22.63
N VAL D 639 -26.03 16.31 -23.55
CA VAL D 639 -27.39 15.92 -23.19
C VAL D 639 -27.47 14.41 -23.24
N GLY D 640 -26.31 13.77 -23.31
CA GLY D 640 -26.16 12.33 -23.33
C GLY D 640 -25.78 11.83 -21.95
N SER D 641 -24.49 11.61 -21.71
CA SER D 641 -24.07 11.04 -20.43
C SER D 641 -24.20 12.06 -19.31
N ALA D 642 -25.36 12.70 -19.21
CA ALA D 642 -25.70 13.56 -18.10
C ALA D 642 -27.14 13.44 -17.65
N VAL D 643 -27.93 12.56 -18.27
CA VAL D 643 -29.32 12.34 -17.86
C VAL D 643 -29.58 10.90 -17.46
N ILE D 644 -28.70 9.96 -17.78
CA ILE D 644 -28.78 8.60 -17.28
C ILE D 644 -27.67 8.27 -16.31
N ILE D 645 -26.74 9.21 -16.08
CA ILE D 645 -25.66 8.99 -15.13
C ILE D 645 -25.93 9.66 -13.79
N PHE D 646 -26.60 10.81 -13.77
CA PHE D 646 -26.85 11.53 -12.53
C PHE D 646 -28.33 11.63 -12.16
N LEU D 647 -29.23 11.62 -13.13
CA LEU D 647 -30.66 11.70 -12.81
C LEU D 647 -31.16 10.52 -11.98
N PRO D 648 -30.81 9.26 -12.27
CA PRO D 648 -31.25 8.18 -11.39
C PRO D 648 -30.73 8.31 -9.97
N LEU D 649 -29.54 8.87 -9.79
CA LEU D 649 -28.96 8.99 -8.46
C LEU D 649 -29.79 9.90 -7.57
N VAL D 650 -30.14 11.09 -8.07
CA VAL D 650 -30.92 12.03 -7.27
C VAL D 650 -32.33 11.50 -7.07
N GLU D 651 -32.86 10.74 -8.02
CA GLU D 651 -34.17 10.13 -7.85
C GLU D 651 -34.18 9.12 -6.72
N SER D 652 -33.10 8.35 -6.60
CA SER D 652 -32.96 7.32 -5.57
C SER D 652 -32.03 7.77 -4.45
N TRP D 653 -32.09 9.05 -4.08
CA TRP D 653 -31.18 9.57 -3.06
C TRP D 653 -31.48 8.99 -1.69
N ASP D 654 -32.76 8.74 -1.38
CA ASP D 654 -33.10 8.20 -0.07
C ASP D 654 -32.49 6.82 0.13
N THR D 655 -32.57 5.97 -0.89
CA THR D 655 -32.03 4.62 -0.77
C THR D 655 -30.52 4.64 -0.63
N ILE D 656 -29.82 5.48 -1.41
CA ILE D 656 -28.37 5.52 -1.33
C ILE D 656 -27.90 6.20 -0.06
N CYS D 657 -28.75 7.00 0.58
CA CYS D 657 -28.39 7.62 1.85
C CYS D 657 -28.69 6.72 3.04
N LYS D 658 -29.71 5.87 2.94
CA LYS D 658 -30.01 4.95 4.01
C LYS D 658 -28.96 3.84 4.11
N VAL D 659 -28.34 3.45 3.01
CA VAL D 659 -27.36 2.38 3.08
C VAL D 659 -26.06 2.87 3.66
N CYS D 660 -25.84 4.13 3.46
CA CYS D 660 -24.66 4.70 4.01
C CYS D 660 -24.76 4.67 5.51
N GLU D 661 -25.95 4.85 6.06
CA GLU D 661 -26.02 4.95 7.52
C GLU D 661 -25.75 3.63 8.06
N GLY D 662 -26.22 2.64 7.38
CA GLY D 662 -25.99 1.31 7.83
C GLY D 662 -24.55 1.00 7.87
N MET D 663 -23.82 1.31 6.85
CA MET D 663 -22.43 0.85 6.91
C MET D 663 -21.34 1.57 7.75
N PHE D 664 -21.36 2.88 8.09
CA PHE D 664 -20.28 3.44 8.87
C PHE D 664 -20.72 3.97 10.22
N THR D 665 -22.03 4.00 10.49
CA THR D 665 -22.55 4.42 11.78
C THR D 665 -23.24 3.24 12.45
N ASN D 666 -23.38 3.33 13.77
CA ASN D 666 -24.07 2.29 14.52
C ASN D 666 -25.39 2.79 15.07
N ASN D 667 -26.15 3.49 14.21
CA ASN D 667 -27.47 3.95 14.62
C ASN D 667 -28.44 2.80 14.85
N ALA D 668 -28.19 1.65 14.22
CA ALA D 668 -29.04 0.48 14.44
C ALA D 668 -28.93 -0.01 15.89
N VAL D 669 -27.73 0.01 16.46
CA VAL D 669 -27.54 -0.43 17.84
C VAL D 669 -28.22 0.54 18.80
N TYR D 670 -28.06 1.84 18.58
CA TYR D 670 -28.67 2.82 19.46
C TYR D 670 -30.19 2.84 19.33
N GLU D 671 -30.70 2.55 18.12
CA GLU D 671 -32.13 2.59 17.90
C GLU D 671 -32.88 1.59 18.78
N ARG D 672 -32.23 0.48 19.16
CA ARG D 672 -32.86 -0.49 20.02
C ARG D 672 -32.39 -0.44 21.46
N LEU D 673 -31.19 0.09 21.72
CA LEU D 673 -30.72 0.22 23.09
C LEU D 673 -31.52 1.26 23.85
N ASP D 674 -31.90 2.37 23.19
CA ASP D 674 -32.72 3.37 23.85
C ASP D 674 -34.17 2.94 24.00
N GLU D 675 -34.63 1.97 23.20
CA GLU D 675 -35.99 1.49 23.35
C GLU D 675 -36.14 0.61 24.59
N MET D 676 -35.17 -0.26 24.86
CA MET D 676 -35.23 -1.05 26.07
C MET D 676 -35.16 -0.17 27.31
N ASN D 677 -34.39 0.92 27.23
CA ASN D 677 -34.28 1.82 28.37
C ASN D 677 -35.63 2.45 28.70
N LEU D 678 -36.40 2.81 27.68
CA LEU D 678 -37.74 3.35 27.92
C LEU D 678 -38.64 2.30 28.55
N ARG D 679 -38.53 1.05 28.10
CA ARG D 679 -39.36 -0.01 28.67
C ARG D 679 -39.04 -0.24 30.15
N LEU D 680 -37.75 -0.22 30.50
CA LEU D 680 -37.37 -0.36 31.90
C LEU D 680 -37.89 0.82 32.71
N LYS D 681 -37.98 2.00 32.09
CA LYS D 681 -38.60 3.14 32.77
C LYS D 681 -40.08 2.90 33.01
N ALA D 682 -40.77 2.28 32.04
CA ALA D 682 -42.20 2.06 32.16
C ALA D 682 -42.51 1.09 33.31
N ILE D 683 -41.73 0.02 33.43
CA ILE D 683 -41.96 -0.93 34.52
C ILE D 683 -41.69 -0.27 35.86
N MET D 684 -40.70 0.62 35.91
CA MET D 684 -40.49 1.44 37.09
C MET D 684 -41.55 2.54 37.14
N GLY D 685 -41.62 3.24 38.26
CA GLY D 685 -42.69 4.19 38.47
C GLY D 685 -43.86 3.53 39.18
N ASP D 686 -44.36 2.43 38.60
CA ASP D 686 -45.33 1.61 39.32
C ASP D 686 -44.70 0.96 40.54
N MET D 687 -43.39 0.70 40.51
CA MET D 687 -42.67 0.25 41.69
C MET D 687 -42.12 1.48 42.39
N PRO D 688 -42.76 1.95 43.46
CA PRO D 688 -42.36 3.25 44.05
C PRO D 688 -40.94 3.25 44.60
N GLU D 689 -40.65 2.31 45.50
CA GLU D 689 -39.39 2.35 46.23
C GLU D 689 -38.20 2.23 45.29
N ALA D 690 -38.32 1.43 44.23
CA ALA D 690 -37.21 1.23 43.31
C ALA D 690 -36.84 2.54 42.61
N GLU D 691 -37.80 3.44 42.43
CA GLU D 691 -37.53 4.70 41.74
C GLU D 691 -36.53 5.56 42.51
N GLU D 692 -36.78 5.77 43.80
CA GLU D 692 -35.87 6.62 44.56
C GLU D 692 -34.53 5.92 44.79
N ARG D 693 -34.55 4.63 45.11
CA ARG D 693 -33.31 3.94 45.44
C ARG D 693 -32.37 3.80 44.25
N TYR D 694 -32.87 4.00 43.04
CA TYR D 694 -32.02 4.03 41.86
C TYR D 694 -31.24 5.34 41.73
N GLN D 695 -31.75 6.43 42.32
CA GLN D 695 -31.10 7.73 42.15
C GLN D 695 -29.73 7.77 42.81
N GLU D 696 -29.62 7.32 44.05
CA GLU D 696 -28.35 7.44 44.78
C GLU D 696 -27.24 6.67 44.08
N MET D 697 -27.59 5.65 43.31
CA MET D 697 -26.59 4.98 42.47
C MET D 697 -26.03 5.95 41.44
N GLN D 698 -26.91 6.75 40.81
CA GLN D 698 -26.44 7.73 39.84
C GLN D 698 -25.67 8.86 40.52
N LYS D 699 -26.10 9.27 41.71
CA LYS D 699 -25.33 10.27 42.46
C LYS D 699 -23.95 9.75 42.83
N GLU D 700 -23.82 8.43 43.00
CA GLU D 700 -22.50 7.86 43.30
C GLU D 700 -21.54 8.08 42.14
N LYS D 701 -22.00 7.92 40.92
CA LYS D 701 -21.16 8.12 39.74
C LYS D 701 -20.74 9.59 39.62
C URE E . 6.08 -41.19 -3.53
O URE E . 6.86 -40.96 -4.43
N1 URE E . 5.41 -40.20 -2.96
N2 URE E . 5.91 -42.42 -3.08
#